data_5CPU
#
_entry.id   5CPU
#
_cell.length_a   219.610
_cell.length_b   219.610
_cell.length_c   99.820
_cell.angle_alpha   90.000
_cell.angle_beta   90.000
_cell.angle_gamma   120.000
#
_symmetry.space_group_name_H-M   'P 31 2 1'
#
loop_
_entity.id
_entity.type
_entity.pdbx_description
1 polymer VP1
2 non-polymer GLYCEROL
3 water water
#
_entity_poly.entity_id   1
_entity_poly.type   'polypeptide(L)'
_entity_poly.pdbx_seq_one_letter_code
;GMEVLDLVTGPDSVTEIEAFLNPRMGQPPTPESLTEGGQYYGWSRGINLATSDTEDSPENNTLPTWSMAKLQLPMLNEDL
TCDTLQMWEAVSVKTEVVGSGSLLDVHGFNKPTDTVNTKGISTPVEGSQYHVFAVGGEPLDLQGLVTDARTKYKEEGVVT
IKTITKKDMVNKDQVLNPISKAKLDKDGMYPVEIWHPDPAKNENTRYFGNYTGGTTTPPVLQFTNTLTTVLLDENGVGPL
CKGEGLYLSCVDIMGWRVTRNYDVHHWRGLPRYFKITLRKRWVK
;
_entity_poly.pdbx_strand_id   A,B,C,D,E
#
# COMPACT_ATOMS: atom_id res chain seq x y z
N GLY A 1 20.91 15.13 37.35
CA GLY A 1 21.21 14.39 36.10
C GLY A 1 20.17 13.36 35.71
N MET A 2 19.97 12.36 36.57
CA MET A 2 19.18 11.17 36.24
C MET A 2 17.69 11.24 36.57
N GLU A 3 17.34 11.77 37.76
CA GLU A 3 15.95 11.80 38.20
C GLU A 3 15.17 12.99 37.61
N VAL A 4 14.04 12.69 36.98
CA VAL A 4 13.26 13.68 36.24
C VAL A 4 12.13 14.26 37.09
N LEU A 5 12.16 15.58 37.27
CA LEU A 5 11.18 16.26 38.12
C LEU A 5 10.15 17.03 37.29
N ASP A 6 9.69 18.17 37.80
CA ASP A 6 8.64 18.94 37.14
C ASP A 6 9.17 19.76 35.96
N LEU A 7 8.25 20.18 35.10
CA LEU A 7 8.56 21.15 34.05
C LEU A 7 8.85 22.52 34.64
N VAL A 8 9.85 23.20 34.09
CA VAL A 8 10.18 24.57 34.46
C VAL A 8 9.21 25.55 33.79
N THR A 9 8.68 26.52 34.54
CA THR A 9 7.85 27.55 33.93
C THR A 9 8.53 28.91 34.02
N GLY A 10 7.98 29.90 33.30
CA GLY A 10 8.47 31.27 33.35
C GLY A 10 9.09 31.73 32.04
N PRO A 11 9.63 32.96 32.04
CA PRO A 11 10.24 33.53 30.83
C PRO A 11 11.32 32.63 30.25
N ASP A 12 11.26 32.41 28.94
CA ASP A 12 12.25 31.63 28.17
C ASP A 12 12.40 30.16 28.59
N SER A 13 11.33 29.57 29.12
CA SER A 13 11.37 28.18 29.55
C SER A 13 11.15 27.20 28.37
N VAL A 14 10.72 27.73 27.23
CA VAL A 14 10.51 26.93 26.02
C VAL A 14 11.28 27.60 24.89
N THR A 15 11.88 26.80 24.02
CA THR A 15 12.56 27.34 22.86
C THR A 15 12.29 26.47 21.63
N GLU A 16 12.39 27.09 20.45
CA GLU A 16 12.31 26.35 19.19
C GLU A 16 13.59 26.56 18.41
N ILE A 17 14.18 25.48 17.92
CA ILE A 17 15.35 25.63 17.07
C ILE A 17 15.18 24.88 15.76
N GLU A 18 15.77 25.44 14.71
CA GLU A 18 15.66 24.85 13.39
C GLU A 18 17.02 24.65 12.75
N ALA A 19 17.09 23.63 11.89
CA ALA A 19 18.30 23.34 11.15
C ALA A 19 17.97 22.52 9.91
N PHE A 20 18.84 22.62 8.92
CA PHE A 20 18.77 21.70 7.80
CA PHE A 20 18.80 21.76 7.74
C PHE A 20 20.07 20.91 7.74
N LEU A 21 19.95 19.65 7.38
CA LEU A 21 21.13 18.81 7.21
C LEU A 21 21.18 18.42 5.75
N ASN A 22 22.25 18.84 5.07
CA ASN A 22 22.45 18.42 3.69
C ASN A 22 22.88 16.96 3.58
N PRO A 23 22.52 16.29 2.47
CA PRO A 23 22.84 14.87 2.33
C PRO A 23 24.34 14.67 2.13
N ARG A 24 24.82 13.47 2.47
CA ARG A 24 26.23 13.11 2.35
C ARG A 24 26.33 11.83 1.53
N MET A 25 26.14 11.98 0.22
CA MET A 25 26.04 10.83 -0.69
C MET A 25 27.39 10.33 -1.22
N GLY A 26 28.44 11.14 -1.07
CA GLY A 26 29.79 10.71 -1.44
C GLY A 26 30.69 11.82 -1.92
N GLN A 27 30.19 12.67 -2.83
CA GLN A 27 30.98 13.83 -3.25
C GLN A 27 30.87 14.90 -2.15
N PRO A 28 32.02 15.38 -1.64
CA PRO A 28 31.97 16.42 -0.60
C PRO A 28 31.46 17.77 -1.14
N PRO A 29 31.12 18.72 -0.24
CA PRO A 29 30.66 20.03 -0.69
C PRO A 29 31.67 20.80 -1.54
N THR A 30 32.96 20.57 -1.32
CA THR A 30 34.02 21.19 -2.12
C THR A 30 34.81 20.10 -2.85
N PRO A 31 35.41 20.41 -4.02
CA PRO A 31 35.46 21.72 -4.70
C PRO A 31 34.07 22.17 -5.16
N GLU A 32 33.85 23.48 -5.15
CA GLU A 32 32.54 24.02 -5.54
C GLU A 32 32.38 24.05 -7.07
N SER A 33 33.50 24.09 -7.79
CA SER A 33 33.51 24.21 -9.24
C SER A 33 32.65 23.15 -9.90
N LEU A 34 31.77 23.58 -10.80
CA LEU A 34 30.87 22.68 -11.51
C LEU A 34 31.55 21.89 -12.64
N THR A 35 32.87 22.05 -12.79
CA THR A 35 33.64 21.26 -13.73
C THR A 35 34.73 20.42 -13.05
N GLU A 36 34.89 20.58 -11.74
CA GLU A 36 35.97 19.90 -11.01
C GLU A 36 35.45 18.88 -9.99
N GLY A 37 34.16 18.59 -10.04
CA GLY A 37 33.58 17.62 -9.13
C GLY A 37 32.37 18.13 -8.37
N GLY A 38 32.28 19.46 -8.23
CA GLY A 38 31.14 20.08 -7.54
C GLY A 38 29.79 19.76 -8.17
N GLN A 39 29.80 19.48 -9.48
CA GLN A 39 28.56 19.07 -10.16
C GLN A 39 27.94 17.78 -9.59
N TYR A 40 28.73 17.00 -8.83
CA TYR A 40 28.20 15.79 -8.18
C TYR A 40 27.69 16.00 -6.75
N TYR A 41 27.76 17.23 -6.26
CA TYR A 41 27.32 17.49 -4.88
C TYR A 41 25.80 17.26 -4.76
N GLY A 42 25.41 16.44 -3.78
CA GLY A 42 24.03 15.95 -3.64
C GLY A 42 23.94 14.50 -4.14
N TRP A 43 25.02 14.02 -4.74
CA TRP A 43 25.06 12.70 -5.36
C TRP A 43 26.31 11.94 -4.92
N SER A 44 26.33 10.63 -5.13
CA SER A 44 27.59 9.89 -5.03
C SER A 44 28.36 10.02 -6.33
N ARG A 45 29.63 9.63 -6.29
CA ARG A 45 30.37 9.36 -7.49
C ARG A 45 29.97 7.98 -8.01
N GLY A 46 30.43 7.65 -9.21
CA GLY A 46 29.95 6.45 -9.90
C GLY A 46 30.30 5.18 -9.16
N ILE A 47 29.30 4.35 -8.93
CA ILE A 47 29.48 3.13 -8.13
C ILE A 47 30.42 2.16 -8.85
N ASN A 48 31.48 1.75 -8.13
CA ASN A 48 32.53 0.85 -8.62
C ASN A 48 32.28 -0.56 -8.09
N LEU A 49 32.33 -1.54 -8.99
CA LEU A 49 31.99 -2.91 -8.61
C LEU A 49 33.21 -3.75 -8.28
N ALA A 50 32.98 -4.73 -7.41
CA ALA A 50 34.00 -5.71 -7.05
C ALA A 50 34.54 -6.42 -8.27
N THR A 51 35.80 -6.80 -8.22
CA THR A 51 36.44 -7.48 -9.34
C THR A 51 36.44 -9.02 -9.19
N SER A 52 36.12 -9.49 -7.99
CA SER A 52 35.98 -10.92 -7.73
C SER A 52 35.24 -11.09 -6.41
N ASP A 53 34.94 -12.34 -6.08
CA ASP A 53 34.29 -12.67 -4.81
C ASP A 53 35.14 -12.30 -3.59
N THR A 54 36.44 -12.06 -3.80
CA THR A 54 37.33 -11.74 -2.68
C THR A 54 37.97 -10.35 -2.79
N GLU A 55 37.53 -9.57 -3.78
CA GLU A 55 38.10 -8.24 -4.02
C GLU A 55 37.02 -7.19 -4.21
N ASP A 56 36.55 -6.66 -3.09
CA ASP A 56 35.48 -5.66 -3.09
C ASP A 56 36.00 -4.47 -2.28
N SER A 57 36.44 -3.42 -2.98
CA SER A 57 36.96 -2.23 -2.28
CA SER A 57 36.98 -2.23 -2.32
C SER A 57 36.28 -0.96 -2.80
N PRO A 58 35.15 -0.60 -2.16
CA PRO A 58 34.41 0.58 -2.62
C PRO A 58 35.14 1.87 -2.27
N GLU A 59 35.15 2.83 -3.20
CA GLU A 59 35.75 4.14 -2.90
C GLU A 59 34.83 4.91 -1.97
N ASN A 60 35.41 5.71 -1.08
CA ASN A 60 34.61 6.42 -0.10
C ASN A 60 33.56 7.33 -0.72
N ASN A 61 33.90 7.94 -1.86
CA ASN A 61 32.98 8.89 -2.50
C ASN A 61 31.82 8.19 -3.24
N THR A 62 31.77 6.87 -3.14
CA THR A 62 30.61 6.10 -3.65
C THR A 62 29.68 5.60 -2.53
N LEU A 63 30.01 5.91 -1.26
CA LEU A 63 29.30 5.38 -0.10
C LEU A 63 28.55 6.48 0.64
N PRO A 64 27.21 6.45 0.58
CA PRO A 64 26.49 7.43 1.40
C PRO A 64 26.76 7.24 2.87
N THR A 65 26.92 8.36 3.58
CA THR A 65 27.18 8.34 5.00
C THR A 65 26.10 9.08 5.75
N TRP A 66 26.03 8.86 7.06
CA TRP A 66 25.09 9.61 7.89
C TRP A 66 25.37 11.11 7.89
N SER A 67 24.30 11.90 7.85
CA SER A 67 24.40 13.31 8.17
C SER A 67 24.16 13.48 9.66
N MET A 68 24.89 14.41 10.27
CA MET A 68 24.60 14.78 11.65
CA MET A 68 24.72 14.73 11.70
C MET A 68 25.04 16.19 11.99
N ALA A 69 24.38 16.75 13.00
CA ALA A 69 24.73 18.05 13.52
C ALA A 69 24.51 18.03 15.02
N LYS A 70 25.40 18.71 15.74
CA LYS A 70 25.18 18.97 17.16
C LYS A 70 24.87 20.45 17.30
N LEU A 71 23.71 20.77 17.88
CA LEU A 71 23.32 22.15 18.08
C LEU A 71 23.48 22.52 19.54
N GLN A 72 24.04 23.70 19.79
CA GLN A 72 24.19 24.21 21.14
C GLN A 72 22.93 24.93 21.59
N LEU A 73 22.44 24.58 22.77
CA LEU A 73 21.22 25.18 23.32
C LEU A 73 21.55 26.30 24.31
N PRO A 74 20.56 27.15 24.64
CA PRO A 74 20.82 28.24 25.59
C PRO A 74 21.39 27.74 26.91
N MET A 75 22.35 28.49 27.46
CA MET A 75 23.04 28.12 28.68
C MET A 75 22.06 27.92 29.84
N LEU A 76 22.34 26.92 30.67
CA LEU A 76 21.58 26.66 31.88
C LEU A 76 22.52 26.53 33.06
N ASN A 77 21.97 26.66 34.26
CA ASN A 77 22.69 26.35 35.51
C ASN A 77 23.94 27.21 35.76
N ASP A 83 19.84 26.22 43.28
CA ASP A 83 19.48 25.14 44.21
C ASP A 83 19.56 23.76 43.55
N THR A 84 18.82 23.57 42.46
CA THR A 84 18.86 22.33 41.70
C THR A 84 19.01 22.57 40.18
N LEU A 85 19.30 21.50 39.45
CA LEU A 85 19.67 21.62 38.04
C LEU A 85 18.49 21.57 37.06
N GLN A 86 18.70 22.17 35.89
CA GLN A 86 17.76 22.13 34.78
C GLN A 86 18.44 21.51 33.57
N MET A 87 17.64 20.85 32.73
CA MET A 87 18.11 20.33 31.46
C MET A 87 17.08 20.67 30.39
N TRP A 88 17.54 20.84 29.15
CA TRP A 88 16.64 20.99 28.02
C TRP A 88 16.08 19.64 27.62
N GLU A 89 14.77 19.59 27.39
CA GLU A 89 14.07 18.37 27.00
C GLU A 89 13.44 18.57 25.63
N ALA A 90 13.75 17.69 24.68
CA ALA A 90 13.18 17.77 23.33
C ALA A 90 11.77 17.15 23.36
N VAL A 91 10.76 17.97 23.04
CA VAL A 91 9.36 17.57 23.19
C VAL A 91 8.80 17.00 21.88
N SER A 92 9.16 17.63 20.77
CA SER A 92 8.58 17.30 19.48
C SER A 92 9.44 17.86 18.37
N VAL A 93 9.26 17.31 17.18
CA VAL A 93 9.99 17.80 16.01
C VAL A 93 9.07 17.81 14.80
N LYS A 94 9.16 18.87 14.01
CA LYS A 94 8.61 18.86 12.66
C LYS A 94 9.78 18.65 11.73
N THR A 95 9.71 17.60 10.93
CA THR A 95 10.80 17.29 10.01
C THR A 95 10.28 17.05 8.60
N GLU A 96 11.07 17.44 7.61
CA GLU A 96 10.65 17.39 6.21
C GLU A 96 11.83 17.14 5.32
N VAL A 97 11.66 16.25 4.33
CA VAL A 97 12.67 16.05 3.30
C VAL A 97 12.28 16.94 2.13
N VAL A 98 13.19 17.83 1.74
CA VAL A 98 12.91 18.89 0.76
C VAL A 98 13.51 18.56 -0.60
N GLY A 99 12.75 18.82 -1.66
CA GLY A 99 13.30 18.81 -3.02
C GLY A 99 12.89 17.63 -3.90
N SER A 100 11.88 16.87 -3.49
CA SER A 100 11.43 15.74 -4.34
C SER A 100 10.98 16.20 -5.72
N GLY A 101 10.41 17.41 -5.81
CA GLY A 101 10.04 17.99 -7.12
C GLY A 101 11.19 18.06 -8.12
N SER A 102 12.42 18.18 -7.62
CA SER A 102 13.59 18.23 -8.51
C SER A 102 13.76 16.93 -9.30
N LEU A 103 13.19 15.84 -8.81
CA LEU A 103 13.27 14.55 -9.49
C LEU A 103 12.38 14.50 -10.74
N LEU A 104 11.55 15.54 -10.91
CA LEU A 104 10.73 15.69 -12.13
C LEU A 104 11.55 16.22 -13.31
N ASP A 105 12.83 16.50 -13.10
CA ASP A 105 13.72 16.81 -14.22
C ASP A 105 14.04 15.51 -14.99
N VAL A 106 13.33 15.32 -16.09
CA VAL A 106 13.58 14.17 -16.97
C VAL A 106 14.10 14.67 -18.33
N HIS A 107 14.75 15.83 -18.32
CA HIS A 107 15.24 16.42 -19.58
C HIS A 107 16.76 16.42 -19.67
N GLY A 108 17.42 15.75 -18.74
CA GLY A 108 18.90 15.72 -18.72
C GLY A 108 19.50 14.67 -19.64
N PHE A 109 20.72 14.26 -19.30
CA PHE A 109 21.53 13.39 -20.16
C PHE A 109 21.69 11.99 -19.54
N ASN A 110 20.73 11.57 -18.71
CA ASN A 110 20.77 10.21 -18.16
C ASN A 110 20.51 9.18 -19.26
N LYS A 111 20.71 7.90 -18.95
CA LYS A 111 20.30 6.82 -19.84
C LYS A 111 18.84 7.10 -20.26
N PRO A 112 18.57 7.15 -21.58
CA PRO A 112 17.22 7.48 -22.02
C PRO A 112 16.29 6.28 -21.95
N THR A 113 14.99 6.54 -21.98
CA THR A 113 14.00 5.44 -21.88
C THR A 113 13.87 4.62 -23.15
N ASP A 114 14.19 5.23 -24.30
CA ASP A 114 14.25 4.51 -25.59
C ASP A 114 15.72 4.36 -25.99
N THR A 115 16.29 3.18 -25.73
CA THR A 115 17.70 2.95 -26.04
C THR A 115 17.93 2.49 -27.49
N VAL A 116 16.85 2.24 -28.22
CA VAL A 116 16.94 1.92 -29.65
C VAL A 116 17.32 3.18 -30.45
N ASN A 117 16.60 4.27 -30.19
CA ASN A 117 16.81 5.51 -30.94
C ASN A 117 17.57 6.57 -30.14
N THR A 118 17.87 6.25 -28.88
CA THR A 118 18.44 7.20 -27.91
C THR A 118 17.47 8.39 -27.81
N LYS A 119 16.25 8.08 -27.37
CA LYS A 119 15.16 9.05 -27.33
C LYS A 119 14.29 8.81 -26.10
N GLY A 120 13.15 9.50 -26.03
CA GLY A 120 12.24 9.33 -24.91
C GLY A 120 12.49 10.41 -23.88
N ILE A 121 12.67 10.00 -22.63
CA ILE A 121 13.08 10.93 -21.59
C ILE A 121 14.35 10.46 -20.89
N SER A 122 14.97 11.39 -20.18
CA SER A 122 16.10 11.08 -19.32
C SER A 122 15.55 10.32 -18.13
N THR A 123 15.96 9.06 -17.97
CA THR A 123 15.38 8.19 -16.93
C THR A 123 15.52 8.87 -15.56
N PRO A 124 14.40 9.03 -14.83
CA PRO A 124 14.48 9.67 -13.52
C PRO A 124 15.09 8.76 -12.48
N VAL A 125 15.43 9.34 -11.34
CA VAL A 125 15.99 8.59 -10.20
C VAL A 125 15.01 7.49 -9.77
N GLU A 126 15.52 6.27 -9.59
CA GLU A 126 14.71 5.11 -9.23
C GLU A 126 15.56 4.18 -8.40
N GLY A 127 14.92 3.25 -7.70
CA GLY A 127 15.65 2.16 -7.05
C GLY A 127 15.55 2.18 -5.55
N SER A 128 16.63 1.77 -4.89
CA SER A 128 16.62 1.60 -3.44
C SER A 128 16.56 2.92 -2.72
N GLN A 129 15.77 2.96 -1.65
CA GLN A 129 15.49 4.19 -0.92
C GLN A 129 15.65 3.94 0.56
N TYR A 130 16.13 4.95 1.28
CA TYR A 130 16.44 4.76 2.70
C TYR A 130 16.26 6.09 3.39
N HIS A 131 15.38 6.12 4.39
CA HIS A 131 15.08 7.36 5.10
C HIS A 131 15.11 7.10 6.58
N VAL A 132 16.02 7.78 7.29
CA VAL A 132 16.08 7.67 8.73
C VAL A 132 16.31 9.06 9.30
N PHE A 133 15.63 9.37 10.39
CA PHE A 133 16.01 10.56 11.15
C PHE A 133 16.02 10.24 12.62
N ALA A 134 16.79 11.02 13.39
CA ALA A 134 16.82 10.86 14.83
C ALA A 134 17.02 12.20 15.48
N VAL A 135 16.47 12.32 16.68
CA VAL A 135 16.71 13.48 17.55
C VAL A 135 17.04 12.95 18.94
N GLY A 136 18.14 13.41 19.51
CA GLY A 136 18.52 12.94 20.84
C GLY A 136 19.37 13.90 21.62
N GLY A 137 19.62 13.56 22.89
CA GLY A 137 20.37 14.42 23.80
C GLY A 137 21.83 14.03 23.89
N GLU A 138 22.23 13.11 23.02
CA GLU A 138 23.62 12.63 22.90
C GLU A 138 23.75 11.96 21.52
N PRO A 139 24.97 11.62 21.10
CA PRO A 139 25.08 11.05 19.74
C PRO A 139 24.26 9.78 19.56
N LEU A 140 23.74 9.59 18.34
CA LEU A 140 23.04 8.37 17.98
C LEU A 140 23.97 7.17 18.19
N ASP A 141 23.52 6.18 18.94
CA ASP A 141 24.29 4.93 19.10
C ASP A 141 24.13 4.05 17.87
N LEU A 142 25.24 3.53 17.37
CA LEU A 142 25.28 2.76 16.12
C LEU A 142 25.69 1.32 16.38
N GLN A 143 25.06 0.42 15.61
CA GLN A 143 25.40 -1.00 15.60
C GLN A 143 25.88 -1.33 14.20
N GLY A 144 27.08 -1.90 14.09
CA GLY A 144 27.59 -2.32 12.80
C GLY A 144 26.98 -3.62 12.32
N LEU A 145 26.73 -3.71 11.01
CA LEU A 145 26.31 -4.95 10.35
C LEU A 145 26.49 -4.73 8.87
N VAL A 146 27.22 -5.64 8.21
CA VAL A 146 27.56 -5.49 6.80
C VAL A 146 27.05 -6.64 5.95
N THR A 147 26.90 -6.38 4.66
CA THR A 147 26.66 -7.45 3.69
C THR A 147 27.79 -8.48 3.69
N ASP A 148 29.04 -8.00 3.70
CA ASP A 148 30.18 -8.88 3.49
C ASP A 148 31.35 -8.43 4.39
N ALA A 149 31.67 -9.27 5.36
CA ALA A 149 32.79 -8.99 6.27
C ALA A 149 34.13 -8.99 5.55
N ARG A 150 34.15 -9.43 4.29
CA ARG A 150 35.39 -9.39 3.50
C ARG A 150 35.59 -8.06 2.75
N THR A 151 34.58 -7.19 2.77
CA THR A 151 34.67 -5.92 2.04
C THR A 151 35.87 -5.11 2.54
N LYS A 152 36.69 -4.67 1.60
CA LYS A 152 37.91 -3.93 1.91
C LYS A 152 37.61 -2.43 1.92
N TYR A 153 36.91 -1.97 2.95
CA TYR A 153 36.67 -0.54 3.10
C TYR A 153 37.99 0.20 3.27
N LYS A 154 38.03 1.43 2.77
CA LYS A 154 39.25 2.23 2.93
C LYS A 154 39.58 2.47 4.40
N GLU A 155 40.87 2.58 4.70
CA GLU A 155 41.36 2.82 6.06
C GLU A 155 41.55 4.32 6.32
N GLU A 156 41.29 5.15 5.32
CA GLU A 156 41.35 6.59 5.50
C GLU A 156 40.00 7.20 5.17
N GLY A 157 39.67 8.31 5.85
CA GLY A 157 38.55 9.17 5.47
C GLY A 157 37.14 8.67 5.71
N VAL A 158 37.02 7.60 6.49
CA VAL A 158 35.73 6.96 6.77
C VAL A 158 35.87 6.19 8.08
N VAL A 159 34.77 6.03 8.80
CA VAL A 159 34.77 5.23 10.03
C VAL A 159 34.05 3.92 9.75
N THR A 160 34.76 2.82 9.89
CA THR A 160 34.17 1.49 9.65
C THR A 160 34.36 0.63 10.90
N ILE A 161 33.92 -0.63 10.83
CA ILE A 161 34.02 -1.51 12.00
C ILE A 161 35.48 -1.65 12.44
N LYS A 162 36.39 -1.86 11.48
CA LYS A 162 37.81 -2.02 11.79
C LYS A 162 38.41 -0.77 12.48
N THR A 163 37.89 0.41 12.12
CA THR A 163 38.30 1.64 12.80
C THR A 163 38.11 1.55 14.32
N ILE A 164 36.97 0.97 14.71
CA ILE A 164 36.59 0.87 16.11
C ILE A 164 37.30 -0.29 16.81
N THR A 165 37.31 -1.47 16.18
CA THR A 165 37.82 -2.67 16.85
C THR A 165 39.33 -2.82 16.74
N LYS A 166 39.92 -2.11 15.78
CA LYS A 166 41.35 -2.21 15.45
C LYS A 166 41.74 -3.59 14.90
N LYS A 167 40.73 -4.34 14.48
CA LYS A 167 40.90 -5.68 13.91
C LYS A 167 40.01 -5.83 12.69
N ASP A 168 40.40 -6.73 11.78
CA ASP A 168 39.54 -7.03 10.64
C ASP A 168 38.17 -7.53 11.07
N MET A 169 37.18 -7.27 10.23
CA MET A 169 35.85 -7.82 10.42
C MET A 169 35.85 -9.34 10.49
N VAL A 170 34.86 -9.88 11.18
CA VAL A 170 34.70 -11.33 11.35
C VAL A 170 33.32 -11.74 10.81
N ASN A 171 33.09 -13.05 10.68
CA ASN A 171 31.82 -13.47 10.07
C ASN A 171 30.58 -13.00 10.84
N LYS A 172 30.72 -12.84 12.16
CA LYS A 172 29.61 -12.34 12.99
C LYS A 172 29.16 -10.92 12.62
N ASP A 173 30.02 -10.18 11.91
CA ASP A 173 29.69 -8.83 11.48
C ASP A 173 28.67 -8.79 10.34
N GLN A 174 28.39 -9.96 9.77
CA GLN A 174 27.31 -10.09 8.78
C GLN A 174 25.96 -10.30 9.45
N VAL A 175 25.99 -10.59 10.76
CA VAL A 175 24.76 -10.64 11.58
C VAL A 175 24.97 -9.65 12.72
N LEU A 176 24.43 -9.91 13.92
CA LEU A 176 24.62 -8.98 15.04
C LEU A 176 25.81 -9.39 15.89
N ASN A 177 26.87 -8.58 15.82
CA ASN A 177 28.05 -8.76 16.67
C ASN A 177 28.09 -7.57 17.64
N PRO A 178 27.80 -7.82 18.94
CA PRO A 178 27.70 -6.69 19.87
CA PRO A 178 27.70 -6.70 19.88
C PRO A 178 29.00 -5.93 20.11
N ILE A 179 30.13 -6.48 19.65
CA ILE A 179 31.41 -5.76 19.78
C ILE A 179 31.46 -4.58 18.80
N SER A 180 30.72 -4.70 17.69
CA SER A 180 30.85 -3.74 16.59
C SER A 180 29.87 -2.59 16.74
N LYS A 181 30.24 -1.66 17.64
CA LYS A 181 29.37 -0.53 17.95
CA LYS A 181 29.37 -0.53 17.99
C LYS A 181 30.15 0.78 17.87
N ALA A 182 29.44 1.87 17.62
CA ALA A 182 30.04 3.19 17.50
C ALA A 182 29.03 4.25 17.88
N LYS A 183 29.45 5.51 17.87
CA LYS A 183 28.55 6.64 18.10
C LYS A 183 28.63 7.55 16.88
N LEU A 184 27.48 8.09 16.47
CA LEU A 184 27.46 8.99 15.31
C LEU A 184 27.90 10.38 15.75
N ASP A 185 29.23 10.57 15.73
CA ASP A 185 29.81 11.79 16.26
C ASP A 185 30.44 12.70 15.22
N LYS A 186 30.31 12.34 13.94
CA LYS A 186 30.87 13.13 12.85
C LYS A 186 29.94 13.04 11.66
N ASP A 187 29.73 14.17 11.01
CA ASP A 187 28.98 14.23 9.75
C ASP A 187 29.81 13.68 8.58
N GLY A 188 29.14 12.96 7.67
CA GLY A 188 29.76 12.50 6.41
C GLY A 188 30.90 11.50 6.55
N MET A 189 30.85 10.68 7.61
CA MET A 189 31.95 9.75 7.95
C MET A 189 31.55 8.30 8.21
N TYR A 190 30.29 8.05 8.60
CA TYR A 190 29.82 6.72 8.96
C TYR A 190 28.94 6.16 7.85
N PRO A 191 29.43 5.16 7.07
CA PRO A 191 28.60 4.68 5.96
C PRO A 191 27.29 4.03 6.41
N VAL A 192 26.20 4.33 5.71
CA VAL A 192 24.90 3.77 6.07
C VAL A 192 24.75 2.28 5.75
N GLU A 193 25.64 1.76 4.90
CA GLU A 193 25.60 0.32 4.60
C GLU A 193 26.34 -0.47 5.69
N ILE A 194 26.95 0.24 6.64
CA ILE A 194 27.65 -0.39 7.76
C ILE A 194 26.97 -0.12 9.09
N TRP A 195 26.55 1.12 9.32
CA TRP A 195 26.15 1.55 10.65
C TRP A 195 24.66 1.82 10.78
N HIS A 196 24.03 1.12 11.72
CA HIS A 196 22.57 1.15 11.91
C HIS A 196 22.26 1.67 13.30
N PRO A 197 21.05 2.26 13.47
CA PRO A 197 20.70 2.64 14.84
C PRO A 197 20.69 1.42 15.77
N ASP A 198 21.29 1.57 16.94
CA ASP A 198 21.42 0.44 17.88
C ASP A 198 20.20 0.38 18.81
N PRO A 199 19.31 -0.62 18.63
CA PRO A 199 18.11 -0.65 19.48
C PRO A 199 18.40 -1.04 20.94
N ALA A 200 19.60 -1.53 21.20
CA ALA A 200 20.01 -1.93 22.55
C ALA A 200 20.50 -0.75 23.37
N LYS A 201 20.71 0.38 22.71
CA LYS A 201 21.09 1.59 23.41
C LYS A 201 20.09 2.70 23.07
N ASN A 202 20.56 3.92 22.78
CA ASN A 202 19.65 5.02 22.39
C ASN A 202 18.48 5.30 23.34
N GLU A 203 18.75 5.19 24.65
CA GLU A 203 17.72 5.48 25.65
C GLU A 203 17.33 6.96 25.61
N ASN A 204 18.22 7.80 25.11
CA ASN A 204 18.04 9.25 25.13
C ASN A 204 17.94 9.84 23.72
N THR A 205 17.57 8.99 22.76
CA THR A 205 17.35 9.39 21.37
C THR A 205 16.10 8.69 20.86
N ARG A 206 15.35 9.35 19.97
CA ARG A 206 14.29 8.68 19.23
C ARG A 206 14.69 8.62 17.77
N TYR A 207 14.57 7.44 17.15
CA TYR A 207 14.89 7.33 15.74
C TYR A 207 13.78 6.62 14.98
N PHE A 208 13.68 6.95 13.69
CA PHE A 208 12.59 6.46 12.84
C PHE A 208 13.16 6.19 11.47
N GLY A 209 13.04 4.95 11.00
CA GLY A 209 13.65 4.60 9.70
C GLY A 209 12.79 3.72 8.83
N ASN A 210 13.03 3.81 7.52
CA ASN A 210 12.41 2.88 6.58
C ASN A 210 13.32 2.62 5.39
N TYR A 211 13.18 1.42 4.84
CA TYR A 211 13.99 0.99 3.73
C TYR A 211 13.07 0.38 2.68
N THR A 212 13.28 0.74 1.43
CA THR A 212 12.62 0.09 0.30
C THR A 212 13.70 -0.25 -0.73
N GLY A 213 13.78 -1.53 -1.10
CA GLY A 213 14.87 -1.98 -1.96
C GLY A 213 14.55 -1.99 -3.44
N GLY A 214 15.27 -2.83 -4.17
CA GLY A 214 15.07 -3.00 -5.61
C GLY A 214 15.96 -2.11 -6.47
N THR A 215 15.84 -2.28 -7.79
CA THR A 215 16.70 -1.56 -8.74
C THR A 215 15.95 -0.48 -9.50
N THR A 216 14.67 -0.72 -9.80
CA THR A 216 13.89 0.23 -10.61
C THR A 216 12.65 0.74 -9.87
N THR A 217 12.64 0.54 -8.55
CA THR A 217 11.50 0.88 -7.71
C THR A 217 11.18 2.38 -7.78
N PRO A 218 9.89 2.74 -7.98
CA PRO A 218 9.58 4.17 -7.99
CA PRO A 218 9.58 4.17 -7.99
C PRO A 218 9.83 4.81 -6.62
N PRO A 219 10.50 5.97 -6.60
CA PRO A 219 10.67 6.66 -5.32
C PRO A 219 9.37 7.31 -4.88
N VAL A 220 9.13 7.32 -3.57
CA VAL A 220 7.90 7.88 -3.02
C VAL A 220 8.28 8.81 -1.88
N LEU A 221 7.61 9.95 -1.78
CA LEU A 221 7.88 10.86 -0.67
C LEU A 221 6.66 11.74 -0.41
N GLN A 222 6.43 12.02 0.87
CA GLN A 222 5.39 12.96 1.26
CA GLN A 222 5.38 12.96 1.27
C GLN A 222 6.05 14.10 2.00
N PHE A 223 5.43 15.28 1.94
CA PHE A 223 5.97 16.46 2.63
C PHE A 223 4.83 17.41 2.98
N THR A 224 4.87 17.92 4.21
CA THR A 224 3.86 18.85 4.70
C THR A 224 4.45 19.59 5.88
N ASN A 225 3.99 20.81 6.11
CA ASN A 225 4.40 21.56 7.30
C ASN A 225 3.41 21.41 8.45
N THR A 226 2.54 20.40 8.36
CA THR A 226 1.46 20.24 9.33
C THR A 226 1.61 19.04 10.25
N LEU A 227 2.71 18.28 10.09
CA LEU A 227 2.93 17.05 10.84
CA LEU A 227 2.93 17.04 10.84
C LEU A 227 3.97 17.21 11.95
N THR A 228 3.57 16.91 13.17
CA THR A 228 4.47 16.97 14.32
C THR A 228 4.77 15.55 14.81
N THR A 229 6.05 15.26 15.01
CA THR A 229 6.48 14.01 15.62
C THR A 229 6.73 14.22 17.12
N VAL A 230 5.98 13.52 17.96
CA VAL A 230 6.12 13.65 19.42
C VAL A 230 7.34 12.82 19.85
N LEU A 231 8.18 13.39 20.71
CA LEU A 231 9.44 12.74 21.09
C LEU A 231 9.40 12.22 22.53
N LEU A 232 8.30 12.49 23.23
CA LEU A 232 8.10 12.02 24.60
C LEU A 232 8.03 10.50 24.61
N ASP A 233 8.64 9.88 25.63
CA ASP A 233 8.55 8.43 25.80
C ASP A 233 7.25 8.03 26.48
N GLU A 234 7.11 6.74 26.81
CA GLU A 234 5.89 6.24 27.45
C GLU A 234 5.62 6.86 28.82
N ASN A 235 6.65 7.48 29.40
CA ASN A 235 6.53 8.18 30.68
C ASN A 235 6.34 9.70 30.56
N GLY A 236 6.24 10.17 29.32
CA GLY A 236 6.05 11.61 29.07
C GLY A 236 7.34 12.41 29.09
N VAL A 237 8.46 11.72 28.90
CA VAL A 237 9.78 12.37 28.96
C VAL A 237 10.49 12.32 27.61
N GLY A 238 10.88 13.49 27.10
CA GLY A 238 11.61 13.57 25.84
C GLY A 238 13.11 13.39 26.07
N PRO A 239 13.90 13.32 24.99
CA PRO A 239 15.37 13.30 25.11
C PRO A 239 15.86 14.48 25.95
N LEU A 240 16.80 14.22 26.85
CA LEU A 240 17.36 15.25 27.73
C LEU A 240 18.77 15.61 27.26
N CYS A 241 19.01 16.90 27.05
CA CYS A 241 20.20 17.33 26.32
C CYS A 241 21.42 17.48 27.20
N LYS A 242 22.33 16.53 27.11
CA LYS A 242 23.51 16.51 27.96
C LYS A 242 24.46 17.63 27.56
N GLY A 243 24.88 18.41 28.55
CA GLY A 243 25.73 19.59 28.31
C GLY A 243 25.11 20.56 27.33
N GLU A 244 23.77 20.61 27.32
CA GLU A 244 22.99 21.51 26.46
C GLU A 244 23.26 21.28 24.97
N GLY A 245 23.59 20.04 24.62
CA GLY A 245 23.79 19.65 23.22
C GLY A 245 22.60 18.86 22.69
N LEU A 246 22.12 19.24 21.51
CA LEU A 246 21.04 18.55 20.81
C LEU A 246 21.60 17.90 19.54
N TYR A 247 21.37 16.60 19.37
CA TYR A 247 21.91 15.87 18.22
C TYR A 247 20.83 15.54 17.21
N LEU A 248 21.09 15.90 15.96
CA LEU A 248 20.19 15.59 14.85
C LEU A 248 20.95 14.66 13.91
N SER A 249 20.30 13.60 13.45
CA SER A 249 20.97 12.63 12.57
C SER A 249 20.01 12.25 11.46
N CYS A 250 20.51 12.03 10.25
CA CYS A 250 19.62 11.56 9.19
C CYS A 250 20.34 11.04 7.98
N VAL A 251 19.55 10.36 7.14
CA VAL A 251 19.98 9.99 5.79
C VAL A 251 18.71 9.85 4.97
N ASP A 252 18.75 10.38 3.75
CA ASP A 252 17.58 10.36 2.87
C ASP A 252 17.99 10.08 1.44
N ILE A 253 18.07 8.80 1.11
CA ILE A 253 18.46 8.31 -0.21
C ILE A 253 17.21 8.06 -1.05
N MET A 254 17.18 8.63 -2.26
CA MET A 254 16.01 8.55 -3.14
C MET A 254 16.13 7.48 -4.24
N GLY A 255 17.33 6.97 -4.46
CA GLY A 255 17.60 5.96 -5.49
C GLY A 255 18.86 6.37 -6.25
N TRP A 256 18.96 5.91 -7.49
CA TRP A 256 20.11 6.25 -8.34
C TRP A 256 19.67 6.90 -9.62
N ARG A 257 20.54 7.75 -10.18
CA ARG A 257 20.48 8.06 -11.61
CA ARG A 257 20.47 8.04 -11.62
C ARG A 257 21.46 7.14 -12.32
N VAL A 258 21.22 6.91 -13.61
CA VAL A 258 22.04 6.01 -14.42
C VAL A 258 22.52 6.76 -15.66
N THR A 259 23.83 6.71 -15.91
CA THR A 259 24.40 7.47 -17.02
C THR A 259 24.29 6.70 -18.34
N ARG A 260 24.66 7.36 -19.43
CA ARG A 260 24.65 6.75 -20.76
C ARG A 260 25.94 5.95 -21.05
N ASN A 261 26.84 5.91 -20.07
CA ASN A 261 28.11 5.20 -20.28
C ASN A 261 28.25 4.04 -19.30
N TYR A 262 28.08 2.83 -19.84
CA TYR A 262 28.14 1.60 -19.07
C TYR A 262 27.27 1.59 -17.82
N ASP A 263 26.10 2.22 -17.90
CA ASP A 263 25.11 2.16 -16.84
C ASP A 263 25.67 2.57 -15.47
N VAL A 264 26.55 3.58 -15.43
CA VAL A 264 27.09 4.02 -14.14
C VAL A 264 25.98 4.60 -13.27
N HIS A 265 25.87 4.08 -12.05
CA HIS A 265 24.87 4.59 -11.10
C HIS A 265 25.47 5.60 -10.13
N HIS A 266 24.68 6.63 -9.83
CA HIS A 266 25.02 7.64 -8.82
C HIS A 266 23.86 7.73 -7.85
N TRP A 267 24.14 7.53 -6.56
CA TRP A 267 23.12 7.74 -5.53
C TRP A 267 22.65 9.19 -5.51
N ARG A 268 21.36 9.40 -5.21
CA ARG A 268 20.80 10.75 -4.99
C ARG A 268 20.27 10.86 -3.58
N GLY A 269 20.67 11.92 -2.88
CA GLY A 269 20.15 12.22 -1.54
C GLY A 269 19.50 13.60 -1.53
N LEU A 270 18.62 13.80 -0.57
CA LEU A 270 17.98 15.10 -0.41
C LEU A 270 18.15 15.62 1.02
N PRO A 271 18.13 16.96 1.19
CA PRO A 271 18.30 17.56 2.51
C PRO A 271 17.06 17.39 3.39
N ARG A 272 17.28 17.40 4.70
CA ARG A 272 16.20 17.26 5.66
C ARG A 272 16.17 18.44 6.61
N TYR A 273 14.98 19.01 6.78
CA TYR A 273 14.70 20.12 7.70
C TYR A 273 14.24 19.56 9.04
N PHE A 274 14.67 20.21 10.12
CA PHE A 274 14.22 19.87 11.49
C PHE A 274 13.80 21.16 12.19
N LYS A 275 12.63 21.16 12.83
CA LYS A 275 12.28 22.22 13.76
C LYS A 275 11.89 21.56 15.08
N ILE A 276 12.74 21.76 16.10
CA ILE A 276 12.61 21.04 17.36
C ILE A 276 12.08 21.99 18.43
N THR A 277 11.06 21.57 19.15
CA THR A 277 10.54 22.33 20.28
C THR A 277 11.11 21.71 21.56
N LEU A 278 11.70 22.55 22.41
CA LEU A 278 12.30 22.10 23.66
C LEU A 278 11.78 22.90 24.84
N ARG A 279 11.76 22.25 26.00
CA ARG A 279 11.33 22.90 27.25
C ARG A 279 12.35 22.57 28.33
N LYS A 280 12.48 23.47 29.32
CA LYS A 280 13.37 23.20 30.44
C LYS A 280 12.69 22.24 31.41
N ARG A 281 13.49 21.31 31.93
CA ARG A 281 13.02 20.31 32.88
C ARG A 281 13.90 20.37 34.13
N TRP A 282 13.28 20.38 35.30
CA TRP A 282 14.02 20.23 36.55
C TRP A 282 14.49 18.80 36.68
N VAL A 283 15.75 18.61 37.08
CA VAL A 283 16.34 17.29 37.26
C VAL A 283 17.14 17.24 38.57
N LYS A 284 17.30 16.04 39.13
CA LYS A 284 18.07 15.85 40.35
C LYS A 284 19.12 14.76 40.17
N GLY B 1 -1.65 42.64 12.87
CA GLY B 1 -1.99 42.03 14.18
C GLY B 1 -1.30 40.70 14.39
N MET B 2 -0.32 40.69 15.31
CA MET B 2 0.43 39.47 15.64
C MET B 2 -0.26 38.67 16.74
N GLU B 3 -0.92 39.36 17.67
CA GLU B 3 -1.64 38.71 18.77
C GLU B 3 -3.05 38.33 18.35
N VAL B 4 -3.37 37.05 18.48
CA VAL B 4 -4.66 36.49 18.06
C VAL B 4 -5.62 36.48 19.24
N LEU B 5 -6.78 37.10 19.06
CA LEU B 5 -7.77 37.21 20.14
C LEU B 5 -8.96 36.28 19.89
N ASP B 6 -10.16 36.71 20.30
CA ASP B 6 -11.38 35.90 20.15
C ASP B 6 -11.89 35.85 18.72
N LEU B 7 -12.73 34.85 18.44
CA LEU B 7 -13.48 34.79 17.19
C LEU B 7 -14.54 35.88 17.17
N VAL B 8 -14.77 36.45 16.00
CA VAL B 8 -15.80 37.47 15.78
C VAL B 8 -17.15 36.77 15.56
N THR B 9 -18.20 37.26 16.22
CA THR B 9 -19.54 36.74 15.98
C THR B 9 -20.45 37.80 15.35
N GLY B 10 -21.59 37.35 14.83
CA GLY B 10 -22.58 38.24 14.24
C GLY B 10 -22.77 38.01 12.74
N PRO B 11 -23.63 38.82 12.10
CA PRO B 11 -23.94 38.67 10.68
C PRO B 11 -22.69 38.74 9.81
N ASP B 12 -22.56 37.76 8.89
CA ASP B 12 -21.48 37.73 7.91
C ASP B 12 -20.09 37.58 8.53
N SER B 13 -20.02 36.86 9.65
CA SER B 13 -18.72 36.62 10.32
C SER B 13 -18.02 35.35 9.80
N VAL B 14 -18.75 34.52 9.06
CA VAL B 14 -18.18 33.35 8.38
C VAL B 14 -18.47 33.48 6.89
N THR B 15 -17.51 33.14 6.06
CA THR B 15 -17.71 33.15 4.62
C THR B 15 -17.13 31.89 4.00
N GLU B 16 -17.57 31.58 2.79
CA GLU B 16 -17.11 30.41 2.06
C GLU B 16 -16.78 30.88 0.65
N ILE B 17 -15.59 30.54 0.18
CA ILE B 17 -15.23 30.91 -1.19
C ILE B 17 -14.64 29.74 -1.96
N GLU B 18 -14.93 29.71 -3.25
CA GLU B 18 -14.48 28.60 -4.08
C GLU B 18 -13.74 29.09 -5.30
N ALA B 19 -12.85 28.24 -5.80
CA ALA B 19 -12.06 28.53 -6.98
C ALA B 19 -11.53 27.25 -7.58
N PHE B 20 -11.25 27.29 -8.87
CA PHE B 20 -10.50 26.24 -9.52
CA PHE B 20 -10.54 26.25 -9.61
C PHE B 20 -9.22 26.82 -10.12
N LEU B 21 -8.16 26.03 -10.04
CA LEU B 21 -6.88 26.43 -10.61
C LEU B 21 -6.57 25.42 -11.70
N ASN B 22 -6.51 25.91 -12.94
CA ASN B 22 -6.12 25.06 -14.05
C ASN B 22 -4.62 24.73 -14.02
N PRO B 23 -4.24 23.54 -14.51
CA PRO B 23 -2.83 23.15 -14.50
C PRO B 23 -1.99 24.03 -15.44
N ARG B 24 -0.69 24.11 -15.15
CA ARG B 24 0.23 24.91 -15.95
C ARG B 24 1.40 24.00 -16.36
N MET B 25 1.12 23.13 -17.33
CA MET B 25 2.06 22.08 -17.71
C MET B 25 3.09 22.50 -18.76
N GLY B 26 2.83 23.61 -19.45
CA GLY B 26 3.80 24.14 -20.40
C GLY B 26 3.17 24.89 -21.56
N GLN B 27 2.16 24.29 -22.19
CA GLN B 27 1.44 25.01 -23.24
C GLN B 27 0.49 26.01 -22.59
N PRO B 28 0.59 27.31 -22.94
CA PRO B 28 -0.31 28.32 -22.36
C PRO B 28 -1.77 28.12 -22.83
N PRO B 29 -2.73 28.78 -22.15
CA PRO B 29 -4.15 28.71 -22.56
C PRO B 29 -4.40 29.19 -23.99
N THR B 30 -3.58 30.11 -24.48
CA THR B 30 -3.69 30.61 -25.85
C THR B 30 -2.39 30.33 -26.63
N PRO B 31 -2.47 30.17 -27.96
CA PRO B 31 -3.64 30.24 -28.83
C PRO B 31 -4.67 29.14 -28.54
N GLU B 32 -5.94 29.47 -28.70
CA GLU B 32 -7.02 28.53 -28.44
C GLU B 32 -7.21 27.53 -29.57
N SER B 33 -6.77 27.88 -30.78
CA SER B 33 -6.94 27.01 -31.94
C SER B 33 -6.36 25.62 -31.75
N LEU B 34 -7.16 24.61 -32.08
CA LEU B 34 -6.77 23.22 -31.90
C LEU B 34 -5.80 22.72 -32.97
N THR B 35 -5.40 23.60 -33.88
CA THR B 35 -4.37 23.28 -34.87
C THR B 35 -3.11 24.14 -34.70
N GLU B 36 -3.17 25.13 -33.81
CA GLU B 36 -2.06 26.07 -33.64
C GLU B 36 -1.33 25.93 -32.30
N GLY B 37 -1.68 24.91 -31.53
CA GLY B 37 -1.00 24.64 -30.27
C GLY B 37 -1.98 24.47 -29.12
N GLY B 38 -3.19 24.98 -29.28
CA GLY B 38 -4.22 24.87 -28.26
C GLY B 38 -4.57 23.43 -27.90
N GLN B 39 -4.35 22.52 -28.84
CA GLN B 39 -4.58 21.09 -28.60
C GLN B 39 -3.67 20.51 -27.50
N TYR B 40 -2.63 21.26 -27.13
CA TYR B 40 -1.73 20.83 -26.04
C TYR B 40 -2.09 21.41 -24.68
N TYR B 41 -3.13 22.24 -24.62
CA TYR B 41 -3.50 22.87 -23.34
C TYR B 41 -3.94 21.81 -22.34
N GLY B 42 -3.33 21.85 -21.15
CA GLY B 42 -3.49 20.78 -20.15
C GLY B 42 -2.31 19.83 -20.15
N TRP B 43 -1.42 20.02 -21.13
CA TRP B 43 -0.25 19.17 -21.31
C TRP B 43 1.00 20.05 -21.49
N SER B 44 2.18 19.44 -21.38
CA SER B 44 3.40 20.14 -21.80
C SER B 44 3.59 19.92 -23.29
N ARG B 45 4.51 20.68 -23.88
CA ARG B 45 5.00 20.33 -25.20
C ARG B 45 6.04 19.22 -25.05
N GLY B 46 6.48 18.66 -26.17
CA GLY B 46 7.34 17.49 -26.16
C GLY B 46 8.64 17.74 -25.43
N ILE B 47 8.92 16.91 -24.43
CA ILE B 47 10.11 17.07 -23.62
C ILE B 47 11.36 16.93 -24.46
N ASN B 48 12.22 17.95 -24.40
CA ASN B 48 13.45 17.97 -25.18
C ASN B 48 14.65 17.67 -24.28
N LEU B 49 15.53 16.81 -24.75
CA LEU B 49 16.63 16.31 -23.91
C LEU B 49 17.96 17.03 -24.12
N ALA B 50 18.74 17.05 -23.04
CA ALA B 50 20.12 17.52 -23.08
C ALA B 50 20.90 16.84 -24.21
N THR B 51 21.84 17.58 -24.80
CA THR B 51 22.66 17.04 -25.89
C THR B 51 24.03 16.57 -25.42
N SER B 52 24.37 16.84 -24.16
CA SER B 52 25.63 16.39 -23.57
C SER B 52 25.53 16.62 -22.06
N ASP B 53 26.55 16.17 -21.32
CA ASP B 53 26.60 16.39 -19.87
C ASP B 53 26.68 17.87 -19.48
N THR B 54 26.99 18.74 -20.45
CA THR B 54 27.17 20.17 -20.17
C THR B 54 26.22 21.05 -20.97
N GLU B 55 25.28 20.44 -21.67
CA GLU B 55 24.35 21.19 -22.51
C GLU B 55 22.92 20.71 -22.30
N ASP B 56 22.30 21.23 -21.25
CA ASP B 56 20.94 20.93 -20.89
C ASP B 56 20.11 22.21 -20.93
N SER B 57 19.38 22.43 -22.02
CA SER B 57 18.61 23.66 -22.24
C SER B 57 17.11 23.34 -22.48
N PRO B 58 16.36 23.06 -21.40
CA PRO B 58 14.93 22.73 -21.55
C PRO B 58 14.12 23.93 -22.03
N GLU B 59 13.16 23.70 -22.92
CA GLU B 59 12.28 24.78 -23.36
C GLU B 59 11.25 25.07 -22.28
N ASN B 60 10.87 26.34 -22.13
CA ASN B 60 9.88 26.74 -21.12
C ASN B 60 8.58 25.96 -21.19
N ASN B 61 8.11 25.70 -22.40
CA ASN B 61 6.84 25.00 -22.57
C ASN B 61 6.91 23.49 -22.32
N THR B 62 8.09 23.01 -21.89
CA THR B 62 8.26 21.61 -21.46
C THR B 62 8.34 21.47 -19.94
N LEU B 63 8.29 22.59 -19.23
CA LEU B 63 8.46 22.61 -17.77
C LEU B 63 7.16 22.93 -17.05
N PRO B 64 6.59 21.96 -16.31
CA PRO B 64 5.43 22.28 -15.48
C PRO B 64 5.78 23.33 -14.41
N THR B 65 4.85 24.26 -14.20
CA THR B 65 5.05 25.33 -13.23
C THR B 65 3.91 25.31 -12.22
N TRP B 66 4.13 25.99 -11.10
CA TRP B 66 3.10 26.13 -10.07
C TRP B 66 1.89 26.90 -10.57
N SER B 67 0.71 26.42 -10.23
CA SER B 67 -0.52 27.21 -10.36
C SER B 67 -0.70 28.03 -9.08
N MET B 68 -1.20 29.25 -9.22
CA MET B 68 -1.58 30.05 -8.05
C MET B 68 -2.66 31.07 -8.36
N ALA B 69 -3.41 31.42 -7.33
CA ALA B 69 -4.38 32.50 -7.41
C ALA B 69 -4.42 33.24 -6.09
N LYS B 70 -4.59 34.56 -6.17
CA LYS B 70 -4.87 35.36 -4.99
C LYS B 70 -6.33 35.78 -5.06
N LEU B 71 -7.10 35.40 -4.05
CA LEU B 71 -8.51 35.76 -3.99
C LEU B 71 -8.72 36.91 -3.02
N GLN B 72 -9.52 37.90 -3.42
CA GLN B 72 -9.81 39.03 -2.55
C GLN B 72 -11.03 38.72 -1.68
N LEU B 73 -10.88 38.93 -0.37
CA LEU B 73 -11.94 38.64 0.59
C LEU B 73 -12.73 39.91 0.92
N PRO B 74 -13.92 39.75 1.53
CA PRO B 74 -14.73 40.92 1.90
C PRO B 74 -13.95 41.91 2.78
N MET B 75 -14.14 43.21 2.53
CA MET B 75 -13.50 44.28 3.30
C MET B 75 -13.86 44.19 4.79
N LEU B 76 -12.91 44.54 5.66
N LEU B 76 -12.88 44.52 5.64
CA LEU B 76 -13.08 44.34 7.09
CA LEU B 76 -13.04 44.45 7.10
C LEU B 76 -13.05 45.62 7.90
C LEU B 76 -12.64 45.77 7.73
N ASN B 77 -11.87 46.25 7.93
N ASN B 77 -13.15 46.00 8.95
CA ASN B 77 -11.64 47.39 8.79
CA ASN B 77 -12.77 47.16 9.73
C ASN B 77 -11.74 48.71 8.02
C ASN B 77 -13.46 48.45 9.28
N THR B 84 -7.74 47.18 18.19
CA THR B 84 -8.27 45.85 17.90
C THR B 84 -8.98 45.81 16.54
N LEU B 85 -8.36 45.10 15.59
CA LEU B 85 -8.87 44.98 14.24
C LEU B 85 -9.39 43.56 14.01
N GLN B 86 -9.91 43.31 12.81
CA GLN B 86 -10.35 41.97 12.42
C GLN B 86 -9.54 41.49 11.22
N MET B 87 -9.31 40.17 11.15
CA MET B 87 -8.70 39.53 10.00
C MET B 87 -9.50 38.30 9.62
N TRP B 88 -9.49 37.95 8.33
CA TRP B 88 -10.06 36.68 7.89
C TRP B 88 -9.09 35.54 8.24
N GLU B 89 -9.65 34.49 8.81
CA GLU B 89 -8.87 33.29 9.18
C GLU B 89 -9.40 32.09 8.41
N ALA B 90 -8.52 31.44 7.66
CA ALA B 90 -8.90 30.23 6.91
C ALA B 90 -8.96 29.04 7.86
N VAL B 91 -10.15 28.45 7.98
CA VAL B 91 -10.42 27.39 8.94
C VAL B 91 -10.20 26.00 8.34
N SER B 92 -10.69 25.82 7.13
CA SER B 92 -10.63 24.52 6.48
C SER B 92 -10.80 24.66 4.98
N VAL B 93 -10.47 23.60 4.26
CA VAL B 93 -10.60 23.59 2.82
C VAL B 93 -11.07 22.21 2.38
N LYS B 94 -12.00 22.19 1.43
CA LYS B 94 -12.32 20.98 0.69
C LYS B 94 -11.66 21.15 -0.67
N THR B 95 -10.78 20.22 -1.01
CA THR B 95 -10.06 20.29 -2.28
C THR B 95 -10.14 18.97 -3.02
N GLU B 96 -10.17 19.05 -4.35
CA GLU B 96 -10.36 17.89 -5.19
C GLU B 96 -9.65 18.09 -6.51
N VAL B 97 -9.00 17.03 -6.99
CA VAL B 97 -8.41 17.05 -8.33
C VAL B 97 -9.44 16.40 -9.26
N VAL B 98 -9.83 17.15 -10.31
CA VAL B 98 -10.95 16.77 -11.16
C VAL B 98 -10.44 16.25 -12.50
N GLY B 99 -11.06 15.17 -12.98
CA GLY B 99 -10.84 14.70 -14.35
C GLY B 99 -10.02 13.44 -14.53
N SER B 100 -9.77 12.68 -13.46
CA SER B 100 -8.98 11.44 -13.62
C SER B 100 -9.64 10.45 -14.57
N GLY B 101 -10.97 10.45 -14.63
CA GLY B 101 -11.71 9.60 -15.57
C GLY B 101 -11.30 9.81 -17.03
N SER B 102 -10.82 11.01 -17.35
CA SER B 102 -10.40 11.32 -18.72
C SER B 102 -9.19 10.49 -19.14
N LEU B 103 -8.45 9.97 -18.16
CA LEU B 103 -7.28 9.12 -18.45
C LEU B 103 -7.69 7.72 -18.92
N LEU B 104 -8.99 7.45 -18.85
CA LEU B 104 -9.54 6.20 -19.40
C LEU B 104 -9.70 6.24 -20.92
N ASP B 105 -9.36 7.37 -21.54
CA ASP B 105 -9.29 7.43 -23.00
C ASP B 105 -8.02 6.71 -23.47
N VAL B 106 -8.19 5.48 -23.94
CA VAL B 106 -7.09 4.68 -24.47
C VAL B 106 -7.36 4.35 -25.95
N HIS B 107 -8.09 5.26 -26.60
CA HIS B 107 -8.45 5.08 -28.00
C HIS B 107 -7.78 6.07 -28.94
N GLY B 108 -6.86 6.89 -28.42
CA GLY B 108 -6.16 7.90 -29.23
C GLY B 108 -4.97 7.35 -30.00
N PHE B 109 -4.02 8.24 -30.30
CA PHE B 109 -2.91 7.93 -31.20
C PHE B 109 -1.57 7.91 -30.46
N ASN B 110 -1.60 7.61 -29.16
CA ASN B 110 -0.34 7.45 -28.39
C ASN B 110 0.41 6.19 -28.87
N LYS B 111 1.66 6.05 -28.44
CA LYS B 111 2.40 4.79 -28.60
C LYS B 111 1.48 3.65 -28.16
N PRO B 112 1.27 2.64 -29.02
CA PRO B 112 0.35 1.55 -28.69
C PRO B 112 0.98 0.52 -27.76
N THR B 113 0.15 -0.30 -27.14
CA THR B 113 0.64 -1.28 -26.17
C THR B 113 1.35 -2.46 -26.83
N ASP B 114 0.99 -2.75 -28.08
CA ASP B 114 1.71 -3.73 -28.90
C ASP B 114 2.52 -2.98 -29.94
N THR B 115 3.79 -2.74 -29.63
CA THR B 115 4.68 -1.98 -30.53
C THR B 115 5.19 -2.82 -31.70
N VAL B 116 5.20 -4.15 -31.52
CA VAL B 116 5.62 -5.06 -32.58
C VAL B 116 4.72 -4.91 -33.81
N ASN B 117 3.41 -4.91 -33.57
CA ASN B 117 2.41 -4.86 -34.64
C ASN B 117 1.68 -3.53 -34.78
N THR B 118 1.97 -2.61 -33.85
CA THR B 118 1.27 -1.31 -33.76
C THR B 118 -0.23 -1.53 -33.56
N LYS B 119 -0.56 -2.20 -32.46
CA LYS B 119 -1.93 -2.61 -32.16
C LYS B 119 -2.15 -2.51 -30.66
N GLY B 120 -3.32 -2.97 -30.21
CA GLY B 120 -3.65 -2.99 -28.79
C GLY B 120 -4.48 -1.76 -28.43
N ILE B 121 -4.03 -1.03 -27.42
CA ILE B 121 -4.63 0.26 -27.07
C ILE B 121 -3.60 1.39 -27.09
N SER B 122 -4.10 2.62 -27.11
CA SER B 122 -3.27 3.82 -26.97
C SER B 122 -2.82 3.87 -25.52
N THR B 123 -1.50 3.81 -25.29
CA THR B 123 -0.98 3.71 -23.91
C THR B 123 -1.50 4.89 -23.08
N PRO B 124 -2.10 4.61 -21.90
CA PRO B 124 -2.59 5.71 -21.07
C PRO B 124 -1.44 6.45 -20.39
N VAL B 125 -1.74 7.63 -19.86
CA VAL B 125 -0.80 8.41 -19.07
C VAL B 125 -0.23 7.57 -17.92
N GLU B 126 1.09 7.57 -17.78
CA GLU B 126 1.80 6.79 -16.75
C GLU B 126 3.04 7.54 -16.31
N GLY B 127 3.62 7.12 -15.19
CA GLY B 127 4.93 7.61 -14.79
C GLY B 127 4.90 8.48 -13.56
N SER B 128 5.76 9.50 -13.56
CA SER B 128 6.01 10.30 -12.36
C SER B 128 4.83 11.20 -12.07
N GLN B 129 4.44 11.26 -10.79
CA GLN B 129 3.25 12.00 -10.35
C GLN B 129 3.62 12.92 -9.20
N TYR B 130 2.98 14.08 -9.14
CA TYR B 130 3.33 15.10 -8.16
C TYR B 130 2.09 15.91 -7.84
N HIS B 131 1.72 15.90 -6.56
CA HIS B 131 0.48 16.56 -6.12
C HIS B 131 0.80 17.38 -4.91
N VAL B 132 0.66 18.71 -5.05
CA VAL B 132 0.84 19.61 -3.91
C VAL B 132 -0.28 20.63 -3.92
N PHE B 133 -0.82 20.95 -2.75
CA PHE B 133 -1.65 22.14 -2.65
C PHE B 133 -1.30 22.91 -1.37
N ALA B 134 -1.66 24.19 -1.37
CA ALA B 134 -1.39 25.06 -0.25
C ALA B 134 -2.46 26.11 -0.15
N VAL B 135 -2.78 26.47 1.09
CA VAL B 135 -3.70 27.57 1.37
C VAL B 135 -3.02 28.45 2.41
N GLY B 136 -2.92 29.75 2.13
CA GLY B 136 -2.27 30.66 3.07
C GLY B 136 -2.73 32.10 3.00
N GLY B 137 -2.26 32.89 3.95
CA GLY B 137 -2.63 34.31 4.04
C GLY B 137 -1.63 35.24 3.38
N GLU B 138 -0.64 34.63 2.72
CA GLU B 138 0.39 35.34 1.98
C GLU B 138 0.95 34.36 0.95
N PRO B 139 1.79 34.83 0.00
CA PRO B 139 2.28 33.88 -1.01
C PRO B 139 3.03 32.70 -0.41
N LEU B 140 2.96 31.55 -1.06
CA LEU B 140 3.73 30.39 -0.63
C LEU B 140 5.22 30.72 -0.70
N ASP B 141 5.94 30.46 0.39
CA ASP B 141 7.39 30.63 0.40
C ASP B 141 8.05 29.44 -0.28
N LEU B 142 8.96 29.73 -1.19
CA LEU B 142 9.63 28.71 -1.98
C LEU B 142 11.11 28.61 -1.67
N GLN B 143 11.61 27.38 -1.69
CA GLN B 143 13.03 27.08 -1.56
C GLN B 143 13.47 26.42 -2.87
N GLY B 144 14.52 26.97 -3.50
CA GLY B 144 15.07 26.37 -4.72
C GLY B 144 15.92 25.15 -4.43
N LEU B 145 15.81 24.14 -5.28
CA LEU B 145 16.71 22.97 -5.27
C LEU B 145 16.56 22.27 -6.60
N VAL B 146 17.68 22.05 -7.29
CA VAL B 146 17.62 21.47 -8.64
C VAL B 146 18.37 20.16 -8.75
N THR B 147 18.04 19.40 -9.78
CA THR B 147 18.84 18.24 -10.17
C THR B 147 20.26 18.63 -10.59
N ASP B 148 20.38 19.68 -11.40
CA ASP B 148 21.65 20.04 -12.00
C ASP B 148 21.80 21.56 -12.03
N ALA B 149 22.77 22.05 -11.26
CA ALA B 149 23.05 23.49 -11.20
C ALA B 149 23.58 24.03 -12.53
N ARG B 150 23.94 23.11 -13.44
CA ARG B 150 24.42 23.47 -14.77
C ARG B 150 23.29 23.65 -15.80
N THR B 151 22.08 23.27 -15.43
CA THR B 151 20.94 23.40 -16.35
C THR B 151 20.79 24.84 -16.81
N LYS B 152 20.65 25.01 -18.13
CA LYS B 152 20.58 26.33 -18.75
C LYS B 152 19.12 26.70 -18.98
N TYR B 153 18.44 27.13 -17.92
CA TYR B 153 17.06 27.60 -18.03
C TYR B 153 17.01 28.89 -18.81
N LYS B 154 15.93 29.10 -19.55
CA LYS B 154 15.71 30.38 -20.26
C LYS B 154 15.67 31.53 -19.25
N GLU B 155 16.23 32.67 -19.63
CA GLU B 155 16.20 33.84 -18.76
C GLU B 155 14.85 34.54 -18.79
N GLU B 156 14.15 34.46 -19.92
CA GLU B 156 12.84 35.07 -20.07
C GLU B 156 11.73 34.02 -20.07
N GLY B 157 10.61 34.32 -19.41
CA GLY B 157 9.43 33.46 -19.47
C GLY B 157 9.27 32.46 -18.34
N VAL B 158 10.30 32.31 -17.51
CA VAL B 158 10.23 31.48 -16.29
C VAL B 158 11.00 32.21 -15.20
N VAL B 159 10.57 32.03 -13.96
CA VAL B 159 11.33 32.53 -12.81
C VAL B 159 12.15 31.37 -12.25
N THR B 160 13.47 31.52 -12.29
CA THR B 160 14.39 30.46 -11.82
C THR B 160 15.35 31.03 -10.78
N ILE B 161 16.27 30.23 -10.28
CA ILE B 161 17.18 30.71 -9.23
C ILE B 161 17.96 31.95 -9.67
N LYS B 162 18.50 31.92 -10.89
CA LYS B 162 19.26 33.06 -11.43
C LYS B 162 18.41 34.34 -11.51
N THR B 163 17.11 34.18 -11.77
CA THR B 163 16.19 35.34 -11.76
C THR B 163 16.27 36.08 -10.43
N ILE B 164 16.33 35.33 -9.34
CA ILE B 164 16.33 35.88 -8.00
C ILE B 164 17.71 36.41 -7.59
N THR B 165 18.75 35.60 -7.79
CA THR B 165 20.10 35.91 -7.30
C THR B 165 20.88 36.83 -8.23
N LYS B 166 20.47 36.90 -9.49
CA LYS B 166 21.19 37.62 -10.57
C LYS B 166 22.54 36.97 -10.88
N LYS B 167 22.74 35.75 -10.42
CA LYS B 167 23.99 35.02 -10.62
C LYS B 167 23.66 33.60 -11.05
N ASP B 168 24.59 32.96 -11.75
CA ASP B 168 24.43 31.56 -12.09
C ASP B 168 24.25 30.69 -10.83
N MET B 169 23.55 29.57 -10.99
CA MET B 169 23.44 28.60 -9.91
C MET B 169 24.81 28.09 -9.49
N VAL B 170 24.89 27.67 -8.22
CA VAL B 170 26.12 27.15 -7.64
C VAL B 170 25.87 25.69 -7.25
N ASN B 171 26.94 24.95 -6.95
CA ASN B 171 26.75 23.53 -6.63
C ASN B 171 25.83 23.26 -5.42
N LYS B 172 25.81 24.18 -4.46
CA LYS B 172 24.93 24.08 -3.28
C LYS B 172 23.44 24.09 -3.66
N ASP B 173 23.12 24.55 -4.87
CA ASP B 173 21.73 24.58 -5.33
C ASP B 173 21.19 23.20 -5.67
N GLN B 174 22.07 22.20 -5.67
CA GLN B 174 21.66 20.79 -5.83
C GLN B 174 21.31 20.15 -4.48
N VAL B 175 21.62 20.87 -3.40
CA VAL B 175 21.18 20.50 -2.04
C VAL B 175 20.41 21.71 -1.49
N LEU B 176 20.45 21.94 -0.17
CA LEU B 176 19.75 23.11 0.39
C LEU B 176 20.69 24.32 0.51
N ASN B 177 20.44 25.33 -0.34
CA ASN B 177 21.16 26.60 -0.29
C ASN B 177 20.17 27.69 0.14
N PRO B 178 20.29 28.21 1.38
CA PRO B 178 19.32 29.16 1.93
CA PRO B 178 19.28 29.13 1.89
C PRO B 178 19.21 30.48 1.15
N ILE B 179 20.21 30.75 0.30
CA ILE B 179 20.16 31.95 -0.54
C ILE B 179 19.06 31.84 -1.62
N SER B 180 18.79 30.62 -2.07
CA SER B 180 17.94 30.41 -3.23
C SER B 180 16.48 30.29 -2.81
N LYS B 181 15.88 31.43 -2.49
CA LYS B 181 14.50 31.48 -2.03
CA LYS B 181 14.50 31.49 -2.01
C LYS B 181 13.68 32.46 -2.87
N ALA B 182 12.38 32.21 -2.94
CA ALA B 182 11.45 33.08 -3.68
C ALA B 182 10.08 32.96 -3.08
N LYS B 183 9.13 33.73 -3.62
CA LYS B 183 7.74 33.63 -3.20
C LYS B 183 6.90 33.30 -4.42
N LEU B 184 5.89 32.45 -4.25
CA LEU B 184 5.02 32.08 -5.35
C LEU B 184 4.01 33.20 -5.61
N ASP B 185 4.42 34.19 -6.41
CA ASP B 185 3.62 35.40 -6.60
C ASP B 185 3.02 35.53 -8.00
N LYS B 186 3.25 34.52 -8.84
CA LYS B 186 2.76 34.54 -10.22
C LYS B 186 2.38 33.14 -10.64
N ASP B 187 1.25 33.02 -11.31
CA ASP B 187 0.77 31.77 -11.90
C ASP B 187 1.57 31.38 -13.14
N GLY B 188 1.86 30.08 -13.29
CA GLY B 188 2.47 29.56 -14.52
C GLY B 188 3.88 30.05 -14.83
N MET B 189 4.67 30.33 -13.79
CA MET B 189 6.00 30.95 -13.96
C MET B 189 7.15 30.27 -13.19
N TYR B 190 6.80 29.61 -12.08
CA TYR B 190 7.81 28.98 -11.21
C TYR B 190 7.87 27.46 -11.45
N PRO B 191 8.94 26.96 -12.13
CA PRO B 191 9.00 25.52 -12.40
C PRO B 191 9.00 24.65 -11.15
N VAL B 192 8.22 23.57 -11.17
CA VAL B 192 8.14 22.68 -10.01
C VAL B 192 9.40 21.82 -9.84
N GLU B 193 10.22 21.70 -10.88
CA GLU B 193 11.48 20.98 -10.74
C GLU B 193 12.56 21.84 -10.07
N ILE B 194 12.24 23.12 -9.84
CA ILE B 194 13.17 24.05 -9.20
C ILE B 194 12.69 24.48 -7.80
N TRP B 195 11.39 24.79 -7.70
CA TRP B 195 10.87 25.49 -6.53
C TRP B 195 9.96 24.65 -5.65
N HIS B 196 10.32 24.54 -4.36
CA HIS B 196 9.68 23.64 -3.40
C HIS B 196 9.14 24.45 -2.25
N PRO B 197 8.10 23.94 -1.57
CA PRO B 197 7.66 24.68 -0.39
C PRO B 197 8.80 24.76 0.63
N ASP B 198 9.00 25.96 1.19
CA ASP B 198 10.08 26.22 2.13
C ASP B 198 9.61 25.89 3.57
N PRO B 199 10.14 24.80 4.17
CA PRO B 199 9.65 24.46 5.51
C PRO B 199 10.19 25.39 6.60
N ALA B 200 11.20 26.19 6.26
CA ALA B 200 11.77 27.16 7.21
C ALA B 200 10.96 28.45 7.29
N LYS B 201 10.01 28.60 6.37
CA LYS B 201 9.12 29.78 6.41
C LYS B 201 7.68 29.26 6.42
N ASN B 202 6.80 29.87 5.64
CA ASN B 202 5.41 29.40 5.55
C ASN B 202 4.68 29.28 6.90
N GLU B 203 4.94 30.22 7.80
CA GLU B 203 4.28 30.23 9.10
C GLU B 203 2.78 30.45 8.96
N ASN B 204 2.39 31.10 7.87
CA ASN B 204 1.01 31.54 7.65
C ASN B 204 0.37 30.84 6.45
N THR B 205 0.90 29.67 6.11
CA THR B 205 0.42 28.83 5.02
C THR B 205 0.45 27.37 5.46
N ARG B 206 -0.53 26.58 5.01
CA ARG B 206 -0.44 25.12 5.18
C ARG B 206 -0.26 24.51 3.80
N TYR B 207 0.71 23.60 3.67
CA TYR B 207 0.91 22.90 2.41
C TYR B 207 1.03 21.39 2.61
N PHE B 208 0.65 20.64 1.58
CA PHE B 208 0.54 19.18 1.63
C PHE B 208 0.97 18.65 0.27
N GLY B 209 2.02 17.84 0.24
CA GLY B 209 2.60 17.38 -1.02
C GLY B 209 2.93 15.90 -1.01
N ASN B 210 2.85 15.29 -2.19
CA ASN B 210 3.35 13.94 -2.37
C ASN B 210 3.92 13.73 -3.77
N TYR B 211 4.91 12.85 -3.83
CA TYR B 211 5.64 12.58 -5.05
C TYR B 211 5.72 11.07 -5.23
N THR B 212 5.46 10.58 -6.45
CA THR B 212 5.73 9.18 -6.81
C THR B 212 6.46 9.20 -8.14
N GLY B 213 7.62 8.56 -8.20
CA GLY B 213 8.44 8.65 -9.41
C GLY B 213 8.25 7.50 -10.38
N GLY B 214 9.31 7.22 -11.14
CA GLY B 214 9.30 6.13 -12.10
C GLY B 214 8.88 6.55 -13.50
N THR B 215 8.93 5.61 -14.44
CA THR B 215 8.64 5.93 -15.85
C THR B 215 7.29 5.38 -16.32
N THR B 216 6.91 4.21 -15.82
CA THR B 216 5.65 3.58 -16.24
C THR B 216 4.68 3.33 -15.08
N THR B 217 4.92 4.02 -13.97
CA THR B 217 4.16 3.84 -12.73
C THR B 217 2.68 4.13 -12.96
N PRO B 218 1.78 3.24 -12.51
CA PRO B 218 0.36 3.57 -12.68
C PRO B 218 -0.04 4.80 -11.87
N PRO B 219 -0.74 5.76 -12.51
CA PRO B 219 -1.25 6.89 -11.75
C PRO B 219 -2.39 6.46 -10.84
N VAL B 220 -2.45 7.10 -9.66
CA VAL B 220 -3.47 6.78 -8.66
C VAL B 220 -4.07 8.11 -8.21
N LEU B 221 -5.40 8.16 -8.07
CA LEU B 221 -6.05 9.35 -7.55
C LEU B 221 -7.36 8.99 -6.89
N GLN B 222 -7.68 9.69 -5.80
CA GLN B 222 -8.96 9.56 -5.14
CA GLN B 222 -8.97 9.57 -5.16
C GLN B 222 -9.68 10.91 -5.21
N PHE B 223 -11.01 10.87 -5.20
CA PHE B 223 -11.79 12.10 -5.23
C PHE B 223 -13.13 11.90 -4.56
N THR B 224 -13.50 12.88 -3.74
CA THR B 224 -14.76 12.84 -3.02
C THR B 224 -15.12 14.25 -2.58
N ASN B 225 -16.42 14.52 -2.42
CA ASN B 225 -16.85 15.80 -1.88
C ASN B 225 -17.13 15.74 -0.37
N THR B 226 -16.62 14.69 0.28
CA THR B 226 -16.93 14.46 1.69
C THR B 226 -15.73 14.68 2.63
N LEU B 227 -14.59 15.07 2.06
CA LEU B 227 -13.34 15.19 2.83
C LEU B 227 -12.96 16.64 3.10
N THR B 228 -12.83 16.98 4.39
CA THR B 228 -12.42 18.33 4.79
C THR B 228 -11.00 18.33 5.33
N THR B 229 -10.16 19.24 4.84
CA THR B 229 -8.81 19.45 5.36
C THR B 229 -8.82 20.60 6.37
N VAL B 230 -8.53 20.30 7.64
CA VAL B 230 -8.51 21.34 8.67
C VAL B 230 -7.22 22.17 8.51
N LEU B 231 -7.33 23.49 8.62
CA LEU B 231 -6.16 24.36 8.41
C LEU B 231 -5.65 25.01 9.69
N LEU B 232 -6.33 24.73 10.80
CA LEU B 232 -5.93 25.24 12.11
C LEU B 232 -4.60 24.63 12.53
N ASP B 233 -3.75 25.45 13.15
CA ASP B 233 -2.47 24.95 13.68
C ASP B 233 -2.67 24.30 15.05
N GLU B 234 -1.57 23.95 15.72
CA GLU B 234 -1.64 23.27 17.02
C GLU B 234 -2.25 24.14 18.13
N ASN B 235 -2.34 25.45 17.87
CA ASN B 235 -2.97 26.39 18.81
C ASN B 235 -4.40 26.77 18.42
N GLY B 236 -4.92 26.13 17.38
CA GLY B 236 -6.29 26.39 16.93
C GLY B 236 -6.44 27.60 16.02
N VAL B 237 -5.34 28.02 15.40
CA VAL B 237 -5.34 29.22 14.57
C VAL B 237 -5.02 28.87 13.12
N GLY B 238 -5.90 29.30 12.22
CA GLY B 238 -5.68 29.06 10.80
C GLY B 238 -4.88 30.20 10.18
N PRO B 239 -4.53 30.06 8.89
CA PRO B 239 -3.84 31.13 8.16
C PRO B 239 -4.64 32.43 8.24
N LEU B 240 -3.93 33.53 8.52
CA LEU B 240 -4.56 34.85 8.66
C LEU B 240 -4.26 35.67 7.41
N CYS B 241 -5.32 36.19 6.79
CA CYS B 241 -5.23 36.77 5.46
C CYS B 241 -4.80 38.23 5.45
N LYS B 242 -3.53 38.45 5.13
CA LYS B 242 -2.96 39.79 5.13
C LYS B 242 -3.54 40.66 4.03
N GLY B 243 -4.07 41.81 4.42
CA GLY B 243 -4.77 42.71 3.49
C GLY B 243 -5.96 42.05 2.83
N GLU B 244 -6.57 41.09 3.52
CA GLU B 244 -7.75 40.36 3.04
C GLU B 244 -7.50 39.60 1.74
N GLY B 245 -6.27 39.14 1.55
CA GLY B 245 -5.90 38.31 0.41
C GLY B 245 -5.71 36.88 0.84
N LEU B 246 -6.27 35.96 0.05
CA LEU B 246 -6.15 34.53 0.31
C LEU B 246 -5.39 33.89 -0.85
N TYR B 247 -4.33 33.15 -0.52
CA TYR B 247 -3.48 32.54 -1.55
C TYR B 247 -3.72 31.04 -1.69
N LEU B 248 -3.97 30.61 -2.93
CA LEU B 248 -4.13 29.20 -3.27
C LEU B 248 -3.02 28.81 -4.22
N SER B 249 -2.35 27.70 -3.94
CA SER B 249 -1.23 27.22 -4.75
C SER B 249 -1.36 25.73 -5.00
N CYS B 250 -1.00 25.27 -6.21
CA CYS B 250 -1.02 23.82 -6.45
C CYS B 250 -0.28 23.38 -7.70
N VAL B 251 -0.04 22.08 -7.76
CA VAL B 251 0.45 21.41 -8.97
C VAL B 251 -0.06 19.97 -8.87
N ASP B 252 -0.58 19.46 -9.98
CA ASP B 252 -1.12 18.11 -10.02
C ASP B 252 -0.76 17.41 -11.31
N ILE B 253 0.40 16.77 -11.29
CA ILE B 253 0.96 16.07 -12.45
C ILE B 253 0.58 14.59 -12.36
N MET B 254 0.00 14.08 -13.45
CA MET B 254 -0.48 12.68 -13.49
C MET B 254 0.48 11.70 -14.15
N GLY B 255 1.48 12.21 -14.85
CA GLY B 255 2.44 11.39 -15.59
C GLY B 255 2.63 11.96 -16.98
N TRP B 256 3.02 11.11 -17.93
CA TRP B 256 3.20 11.53 -19.32
C TRP B 256 2.38 10.66 -20.25
N ARG B 257 1.99 11.23 -21.39
N ARG B 257 1.99 11.24 -21.39
CA ARG B 257 1.63 10.43 -22.56
CA ARG B 257 1.63 10.43 -22.55
C ARG B 257 2.85 10.36 -23.45
C ARG B 257 2.85 10.37 -23.47
N VAL B 258 2.92 9.33 -24.28
CA VAL B 258 4.07 9.07 -25.13
C VAL B 258 3.58 8.96 -26.57
N THR B 259 4.19 9.69 -27.48
CA THR B 259 3.77 9.65 -28.88
C THR B 259 4.34 8.46 -29.64
N ARG B 260 3.87 8.28 -30.87
CA ARG B 260 4.37 7.24 -31.76
C ARG B 260 5.65 7.65 -32.48
N ASN B 261 6.13 8.86 -32.22
CA ASN B 261 7.33 9.36 -32.89
C ASN B 261 8.46 9.64 -31.90
N TYR B 262 9.48 8.78 -31.94
CA TYR B 262 10.65 8.88 -31.08
C TYR B 262 10.31 8.96 -29.59
N ASP B 263 9.24 8.27 -29.19
CA ASP B 263 8.83 8.22 -27.80
C ASP B 263 8.79 9.61 -27.14
N VAL B 264 8.32 10.63 -27.85
CA VAL B 264 8.21 11.96 -27.26
C VAL B 264 7.20 11.96 -26.10
N HIS B 265 7.62 12.48 -24.96
CA HIS B 265 6.77 12.53 -23.77
C HIS B 265 6.13 13.91 -23.59
N HIS B 266 4.86 13.91 -23.17
CA HIS B 266 4.16 15.14 -22.79
C HIS B 266 3.59 14.98 -21.39
N TRP B 267 3.96 15.88 -20.47
CA TRP B 267 3.36 15.90 -19.13
C TRP B 267 1.86 16.11 -19.21
N ARG B 268 1.11 15.50 -18.30
CA ARG B 268 -0.34 15.72 -18.16
C ARG B 268 -0.62 16.27 -16.76
N GLY B 269 -1.37 17.37 -16.70
CA GLY B 269 -1.82 17.92 -15.42
C GLY B 269 -3.34 17.99 -15.36
N LEU B 270 -3.87 18.03 -14.15
CA LEU B 270 -5.32 18.17 -13.98
C LEU B 270 -5.63 19.36 -13.09
N PRO B 271 -6.82 19.96 -13.27
CA PRO B 271 -7.23 21.11 -12.46
C PRO B 271 -7.60 20.72 -11.02
N ARG B 272 -7.46 21.67 -10.12
CA ARG B 272 -7.81 21.46 -8.72
C ARG B 272 -8.86 22.46 -8.25
N TYR B 273 -9.89 21.93 -7.59
CA TYR B 273 -10.95 22.71 -6.95
C TYR B 273 -10.59 22.99 -5.50
N PHE B 274 -10.93 24.19 -5.02
CA PHE B 274 -10.78 24.55 -3.61
C PHE B 274 -12.09 25.17 -3.13
N LYS B 275 -12.55 24.73 -1.97
CA LYS B 275 -13.62 25.46 -1.29
C LYS B 275 -13.14 25.74 0.13
N ILE B 276 -12.88 27.02 0.41
CA ILE B 276 -12.30 27.45 1.67
C ILE B 276 -13.35 28.10 2.58
N THR B 277 -13.40 27.64 3.84
CA THR B 277 -14.25 28.24 4.87
C THR B 277 -13.39 29.18 5.69
N LEU B 278 -13.85 30.42 5.84
CA LEU B 278 -13.12 31.42 6.62
C LEU B 278 -14.01 32.08 7.67
N ARG B 279 -13.39 32.52 8.75
CA ARG B 279 -14.10 33.20 9.82
C ARG B 279 -13.34 34.45 10.21
N LYS B 280 -14.06 35.44 10.71
CA LYS B 280 -13.41 36.67 11.19
C LYS B 280 -12.80 36.44 12.56
N ARG B 281 -11.58 36.94 12.74
CA ARG B 281 -10.85 36.82 13.99
C ARG B 281 -10.41 38.19 14.51
N TRP B 282 -10.65 38.47 15.79
CA TRP B 282 -10.12 39.68 16.42
C TRP B 282 -8.61 39.55 16.57
N VAL B 283 -7.88 40.62 16.24
CA VAL B 283 -6.42 40.64 16.37
C VAL B 283 -5.94 41.98 16.90
N LYS B 284 -4.72 41.99 17.46
CA LYS B 284 -4.09 43.24 17.90
C LYS B 284 -2.56 43.17 17.78
N GLY C 1 -38.23 23.18 0.98
CA GLY C 1 -37.50 22.50 2.09
C GLY C 1 -36.07 22.99 2.26
N MET C 2 -35.90 24.30 2.29
CA MET C 2 -34.57 24.91 2.45
C MET C 2 -34.07 24.85 3.88
N GLU C 3 -34.96 25.04 4.85
CA GLU C 3 -34.60 24.98 6.27
C GLU C 3 -34.86 23.59 6.86
N VAL C 4 -33.81 23.00 7.42
CA VAL C 4 -33.86 21.65 7.99
CA VAL C 4 -33.87 21.66 7.98
CA VAL C 4 -33.88 21.66 8.00
C VAL C 4 -34.22 21.70 9.48
N LEU C 5 -35.28 20.99 9.86
CA LEU C 5 -35.73 20.98 11.25
C LEU C 5 -35.44 19.64 11.93
N ASP C 6 -36.33 19.21 12.83
CA ASP C 6 -36.16 17.97 13.59
C ASP C 6 -36.40 16.71 12.77
N LEU C 7 -35.93 15.58 13.29
CA LEU C 7 -36.25 14.27 12.73
C LEU C 7 -37.69 13.91 13.06
N VAL C 8 -38.37 13.27 12.11
CA VAL C 8 -39.73 12.78 12.28
C VAL C 8 -39.71 11.42 12.99
N THR C 9 -40.52 11.26 14.02
CA THR C 9 -40.65 9.96 14.69
C THR C 9 -42.03 9.35 14.44
N GLY C 10 -42.17 8.07 14.80
CA GLY C 10 -43.45 7.37 14.68
C GLY C 10 -43.41 6.26 13.64
N PRO C 11 -44.57 5.60 13.41
CA PRO C 11 -44.66 4.47 12.48
C PRO C 11 -44.19 4.83 11.08
N ASP C 12 -43.32 3.98 10.52
CA ASP C 12 -42.81 4.12 9.14
C ASP C 12 -41.99 5.40 8.90
N SER C 13 -41.33 5.91 9.93
CA SER C 13 -40.47 7.10 9.79
C SER C 13 -39.07 6.79 9.25
N VAL C 14 -38.68 5.51 9.26
CA VAL C 14 -37.40 5.07 8.68
C VAL C 14 -37.69 3.99 7.64
N THR C 15 -36.94 4.00 6.54
CA THR C 15 -37.10 2.98 5.51
C THR C 15 -35.74 2.55 4.98
N GLU C 16 -35.69 1.34 4.43
CA GLU C 16 -34.51 0.84 3.74
C GLU C 16 -34.91 0.48 2.32
N ILE C 17 -34.10 0.88 1.35
CA ILE C 17 -34.33 0.44 -0.01
C ILE C 17 -33.05 -0.09 -0.63
N GLU C 18 -33.19 -1.11 -1.45
CA GLU C 18 -32.03 -1.70 -2.10
C GLU C 18 -32.17 -1.73 -3.61
N ALA C 19 -31.04 -1.70 -4.28
CA ALA C 19 -30.99 -1.79 -5.73
C ALA C 19 -29.63 -2.30 -6.17
N PHE C 20 -29.60 -2.87 -7.37
CA PHE C 20 -28.38 -3.21 -8.08
CA PHE C 20 -28.34 -3.12 -8.03
C PHE C 20 -28.31 -2.36 -9.34
N LEU C 21 -27.13 -1.86 -9.68
CA LEU C 21 -26.92 -1.19 -10.95
C LEU C 21 -25.94 -2.01 -11.76
N ASN C 22 -26.40 -2.54 -12.89
CA ASN C 22 -25.49 -3.25 -13.79
C ASN C 22 -24.54 -2.30 -14.52
N PRO C 23 -23.34 -2.80 -14.87
CA PRO C 23 -22.35 -1.94 -15.55
C PRO C 23 -22.79 -1.60 -16.97
N ARG C 24 -22.29 -0.47 -17.50
CA ARG C 24 -22.59 -0.04 -18.86
C ARG C 24 -21.28 0.18 -19.61
N MET C 25 -20.65 -0.94 -20.00
CA MET C 25 -19.31 -0.91 -20.57
C MET C 25 -19.27 -0.66 -22.08
N GLY C 26 -20.42 -0.84 -22.74
CA GLY C 26 -20.50 -0.53 -24.16
C GLY C 26 -21.48 -1.39 -24.91
N GLN C 27 -21.44 -2.71 -24.69
CA GLN C 27 -22.44 -3.58 -25.31
C GLN C 27 -23.73 -3.45 -24.50
N PRO C 28 -24.86 -3.10 -25.18
CA PRO C 28 -26.13 -3.01 -24.46
C PRO C 28 -26.63 -4.37 -24.00
N PRO C 29 -27.65 -4.39 -23.11
CA PRO C 29 -28.20 -5.66 -22.64
C PRO C 29 -28.80 -6.54 -23.73
N THR C 30 -29.32 -5.93 -24.80
CA THR C 30 -29.85 -6.66 -25.95
C THR C 30 -29.02 -6.32 -27.19
N PRO C 31 -28.92 -7.24 -28.17
CA PRO C 31 -29.57 -8.55 -28.26
C PRO C 31 -29.07 -9.51 -27.18
N GLU C 32 -29.96 -10.37 -26.71
CA GLU C 32 -29.61 -11.33 -25.65
C GLU C 32 -28.79 -12.51 -26.19
N SER C 33 -28.94 -12.80 -27.48
CA SER C 33 -28.28 -13.96 -28.10
C SER C 33 -26.77 -13.96 -27.89
N LEU C 34 -26.25 -15.10 -27.48
CA LEU C 34 -24.82 -15.25 -27.21
C LEU C 34 -23.99 -15.42 -28.49
N THR C 35 -24.64 -15.33 -29.64
CA THR C 35 -23.93 -15.36 -30.93
C THR C 35 -24.14 -14.07 -31.73
N GLU C 36 -24.95 -13.16 -31.19
CA GLU C 36 -25.31 -11.94 -31.90
C GLU C 36 -24.81 -10.67 -31.20
N GLY C 37 -23.98 -10.82 -30.17
CA GLY C 37 -23.43 -9.68 -29.45
C GLY C 37 -23.68 -9.73 -27.95
N GLY C 38 -24.69 -10.48 -27.55
CA GLY C 38 -25.05 -10.67 -26.14
C GLY C 38 -23.91 -11.23 -25.32
N GLN C 39 -23.02 -11.99 -25.96
CA GLN C 39 -21.83 -12.52 -25.28
C GLN C 39 -20.87 -11.43 -24.77
N TYR C 40 -21.06 -10.20 -25.25
CA TYR C 40 -20.23 -9.09 -24.78
C TYR C 40 -20.87 -8.28 -23.64
N TYR C 41 -22.07 -8.67 -23.20
CA TYR C 41 -22.75 -7.91 -22.14
C TYR C 41 -21.96 -8.00 -20.83
N GLY C 42 -21.67 -6.84 -20.23
CA GLY C 42 -20.75 -6.72 -19.10
C GLY C 42 -19.37 -6.22 -19.52
N TRP C 43 -19.18 -6.15 -20.83
CA TRP C 43 -17.89 -5.76 -21.44
C TRP C 43 -18.13 -4.67 -22.48
N SER C 44 -17.06 -4.00 -22.88
CA SER C 44 -17.13 -3.17 -24.09
C SER C 44 -16.91 -4.04 -25.32
N ARG C 45 -17.21 -3.48 -26.49
CA ARG C 45 -16.74 -4.08 -27.73
C ARG C 45 -15.28 -3.66 -27.93
N GLY C 46 -14.63 -4.23 -28.95
CA GLY C 46 -13.18 -4.06 -29.09
C GLY C 46 -12.80 -2.60 -29.30
N ILE C 47 -11.87 -2.12 -28.49
CA ILE C 47 -11.47 -0.71 -28.53
C ILE C 47 -10.81 -0.41 -29.87
N ASN C 48 -11.37 0.58 -30.57
CA ASN C 48 -10.88 1.01 -31.86
C ASN C 48 -10.04 2.27 -31.72
N LEU C 49 -8.86 2.28 -32.36
CA LEU C 49 -7.92 3.37 -32.17
C LEU C 49 -7.99 4.46 -33.23
N ALA C 50 -7.56 5.65 -32.85
CA ALA C 50 -7.39 6.76 -33.80
C ALA C 50 -6.49 6.35 -34.97
N THR C 51 -6.73 6.93 -36.13
CA THR C 51 -5.93 6.62 -37.32
C THR C 51 -4.84 7.67 -37.57
N SER C 52 -4.91 8.78 -36.86
CA SER C 52 -3.88 9.82 -36.91
C SER C 52 -4.12 10.76 -35.73
N ASP C 53 -3.23 11.75 -35.60
CA ASP C 53 -3.35 12.77 -34.56
C ASP C 53 -4.63 13.63 -34.69
N THR C 54 -5.24 13.62 -35.87
CA THR C 54 -6.44 14.44 -36.11
C THR C 54 -7.70 13.62 -36.41
N GLU C 55 -7.60 12.30 -36.28
CA GLU C 55 -8.72 11.40 -36.60
C GLU C 55 -8.96 10.36 -35.51
N ASP C 56 -9.65 10.80 -34.45
CA ASP C 56 -9.98 9.94 -33.33
C ASP C 56 -11.50 9.83 -33.22
N SER C 57 -12.04 8.71 -33.70
CA SER C 57 -13.49 8.50 -33.77
C SER C 57 -13.90 7.20 -33.04
N PRO C 58 -13.99 7.25 -31.70
CA PRO C 58 -14.35 6.06 -30.93
C PRO C 58 -15.80 5.66 -31.17
N GLU C 59 -16.05 4.36 -31.30
CA GLU C 59 -17.41 3.85 -31.43
C GLU C 59 -18.08 3.88 -30.05
N ASN C 60 -19.38 4.15 -30.04
CA ASN C 60 -20.12 4.26 -28.77
C ASN C 60 -20.01 3.00 -27.91
N ASN C 61 -20.01 1.85 -28.56
CA ASN C 61 -19.98 0.58 -27.81
C ASN C 61 -18.59 0.21 -27.30
N THR C 62 -17.64 1.14 -27.44
CA THR C 62 -16.30 0.97 -26.88
C THR C 62 -16.06 1.91 -25.68
N LEU C 63 -17.07 2.71 -25.35
CA LEU C 63 -16.94 3.74 -24.31
C LEU C 63 -17.81 3.42 -23.09
N PRO C 64 -17.17 3.09 -21.95
CA PRO C 64 -17.97 2.89 -20.75
C PRO C 64 -18.70 4.17 -20.34
N THR C 65 -19.94 4.01 -19.90
CA THR C 65 -20.76 5.15 -19.46
C THR C 65 -21.20 4.97 -18.01
N TRP C 66 -21.64 6.07 -17.41
CA TRP C 66 -22.20 6.02 -16.06
C TRP C 66 -23.45 5.14 -15.98
N SER C 67 -23.52 4.34 -14.92
CA SER C 67 -24.78 3.71 -14.53
C SER C 67 -25.54 4.65 -13.62
N MET C 68 -26.86 4.69 -13.75
CA MET C 68 -27.69 5.43 -12.81
C MET C 68 -29.09 4.88 -12.72
N ALA C 69 -29.71 5.13 -11.58
CA ALA C 69 -31.11 4.80 -11.37
C ALA C 69 -31.73 5.85 -10.46
N LYS C 70 -32.99 6.18 -10.73
CA LYS C 70 -33.79 6.99 -9.84
C LYS C 70 -34.81 6.10 -9.17
N LEU C 71 -34.79 6.08 -7.85
CA LEU C 71 -35.73 5.27 -7.09
C LEU C 71 -36.82 6.12 -6.47
N GLN C 72 -38.05 5.64 -6.56
CA GLN C 72 -39.19 6.32 -5.97
C GLN C 72 -39.37 5.92 -4.51
N LEU C 73 -39.47 6.92 -3.65
CA LEU C 73 -39.65 6.70 -2.22
C LEU C 73 -41.12 6.82 -1.82
N PRO C 74 -41.49 6.31 -0.63
CA PRO C 74 -42.89 6.43 -0.17
C PRO C 74 -43.38 7.88 -0.17
N MET C 75 -44.64 8.08 -0.57
CA MET C 75 -45.25 9.41 -0.62
C MET C 75 -45.29 10.07 0.76
N LEU C 76 -45.11 11.38 0.81
CA LEU C 76 -44.97 12.07 2.11
C LEU C 76 -46.01 13.13 2.48
N ASN C 77 -46.30 14.05 1.55
CA ASN C 77 -47.09 15.23 1.90
C ASN C 77 -48.38 15.36 1.09
N THR C 84 -45.29 23.18 7.62
CA THR C 84 -44.14 22.29 7.83
C THR C 84 -44.33 20.99 7.04
N LEU C 85 -43.37 20.72 6.17
CA LEU C 85 -43.41 19.54 5.31
C LEU C 85 -42.39 18.50 5.76
N GLN C 86 -42.46 17.32 5.17
CA GLN C 86 -41.50 16.26 5.42
C GLN C 86 -40.76 15.92 4.15
N MET C 87 -39.50 15.48 4.31
CA MET C 87 -38.68 15.00 3.20
C MET C 87 -37.92 13.76 3.64
N TRP C 88 -37.65 12.85 2.71
CA TRP C 88 -36.77 11.72 2.98
C TRP C 88 -35.31 12.17 2.98
N GLU C 89 -34.59 11.73 4.02
CA GLU C 89 -33.17 12.05 4.18
C GLU C 89 -32.37 10.76 4.14
N ALA C 90 -31.42 10.67 3.20
CA ALA C 90 -30.56 9.49 3.11
C ALA C 90 -29.50 9.59 4.21
N VAL C 91 -29.49 8.62 5.10
CA VAL C 91 -28.61 8.64 6.27
C VAL C 91 -27.29 7.93 5.99
N SER C 92 -27.38 6.77 5.35
CA SER C 92 -26.23 5.91 5.15
C SER C 92 -26.49 4.94 4.01
N VAL C 93 -25.42 4.37 3.50
CA VAL C 93 -25.52 3.36 2.46
C VAL C 93 -24.52 2.24 2.70
N LYS C 94 -24.94 1.01 2.47
CA LYS C 94 -24.03 -0.11 2.35
C LYS C 94 -23.95 -0.43 0.87
N THR C 95 -22.75 -0.35 0.32
CA THR C 95 -22.56 -0.60 -1.10
C THR C 95 -21.42 -1.57 -1.35
N GLU C 96 -21.56 -2.40 -2.39
CA GLU C 96 -20.61 -3.48 -2.67
C GLU C 96 -20.54 -3.73 -4.16
N VAL C 97 -19.33 -4.00 -4.65
CA VAL C 97 -19.14 -4.39 -6.05
C VAL C 97 -19.06 -5.91 -6.07
N VAL C 98 -19.91 -6.53 -6.90
CA VAL C 98 -20.10 -7.98 -6.86
C VAL C 98 -19.47 -8.64 -8.06
N GLY C 99 -18.84 -9.79 -7.83
CA GLY C 99 -18.37 -10.62 -8.92
C GLY C 99 -16.89 -10.65 -9.21
N SER C 100 -16.05 -10.06 -8.34
CA SER C 100 -14.61 -10.09 -8.59
C SER C 100 -14.06 -11.52 -8.74
N GLY C 101 -14.67 -12.47 -8.04
CA GLY C 101 -14.28 -13.88 -8.18
C GLY C 101 -14.35 -14.40 -9.61
N SER C 102 -15.23 -13.83 -10.43
CA SER C 102 -15.36 -14.26 -11.85
C SER C 102 -14.08 -13.99 -12.63
N LEU C 103 -13.26 -13.04 -12.14
CA LEU C 103 -11.99 -12.74 -12.79
C LEU C 103 -10.95 -13.85 -12.60
N LEU C 104 -11.26 -14.82 -11.74
CA LEU C 104 -10.41 -16.00 -11.57
C LEU C 104 -10.59 -17.02 -12.69
N ASP C 105 -11.49 -16.75 -13.65
CA ASP C 105 -11.53 -17.55 -14.87
C ASP C 105 -10.32 -17.23 -15.75
N VAL C 106 -9.32 -18.10 -15.70
CA VAL C 106 -8.13 -17.97 -16.55
C VAL C 106 -8.03 -19.16 -17.50
N HIS C 107 -9.18 -19.72 -17.85
CA HIS C 107 -9.24 -20.91 -18.72
C HIS C 107 -9.85 -20.62 -20.10
N GLY C 108 -10.15 -19.35 -20.36
CA GLY C 108 -10.74 -18.95 -21.64
C GLY C 108 -9.74 -18.81 -22.79
N PHE C 109 -10.13 -18.02 -23.78
CA PHE C 109 -9.36 -17.88 -25.03
C PHE C 109 -8.71 -16.50 -25.18
N ASN C 110 -8.43 -15.82 -24.07
CA ASN C 110 -7.70 -14.55 -24.13
C ASN C 110 -6.27 -14.76 -24.58
N LYS C 111 -5.58 -13.66 -24.88
CA LYS C 111 -4.13 -13.71 -25.10
C LYS C 111 -3.49 -14.54 -23.98
N PRO C 112 -2.70 -15.57 -24.35
CA PRO C 112 -2.12 -16.44 -23.32
C PRO C 112 -0.89 -15.83 -22.67
N THR C 113 -0.53 -16.33 -21.48
CA THR C 113 0.63 -15.80 -20.76
C THR C 113 1.98 -16.13 -21.42
N ASP C 114 2.05 -17.25 -22.13
CA ASP C 114 3.23 -17.59 -22.93
C ASP C 114 2.89 -17.38 -24.41
N THR C 115 3.30 -16.26 -24.98
CA THR C 115 2.95 -15.98 -26.38
C THR C 115 3.95 -16.59 -27.35
N VAL C 116 5.10 -17.02 -26.85
CA VAL C 116 6.13 -17.62 -27.70
C VAL C 116 5.64 -18.99 -28.19
N ASN C 117 5.04 -19.75 -27.27
CA ASN C 117 4.50 -21.07 -27.57
C ASN C 117 2.99 -21.18 -27.60
N THR C 118 2.30 -20.09 -27.21
CA THR C 118 0.83 -20.03 -27.16
C THR C 118 0.31 -21.02 -26.11
N LYS C 119 0.74 -20.78 -24.87
CA LYS C 119 0.55 -21.72 -23.77
C LYS C 119 0.35 -20.95 -22.48
N GLY C 120 0.08 -21.67 -21.40
CA GLY C 120 0.05 -21.06 -20.07
C GLY C 120 -1.38 -20.96 -19.59
N ILE C 121 -1.78 -19.74 -19.25
CA ILE C 121 -3.19 -19.49 -18.92
C ILE C 121 -3.73 -18.36 -19.79
N SER C 122 -5.06 -18.25 -19.81
CA SER C 122 -5.75 -17.14 -20.45
C SER C 122 -5.53 -15.91 -19.57
N THR C 123 -4.89 -14.86 -20.10
CA THR C 123 -4.51 -13.72 -19.27
C THR C 123 -5.78 -13.10 -18.63
N PRO C 124 -5.77 -12.93 -17.30
CA PRO C 124 -6.97 -12.36 -16.68
C PRO C 124 -7.07 -10.86 -16.93
N VAL C 125 -8.22 -10.30 -16.58
CA VAL C 125 -8.45 -8.86 -16.67
C VAL C 125 -7.40 -8.09 -15.87
N GLU C 126 -6.84 -7.05 -16.49
CA GLU C 126 -5.75 -6.23 -15.90
C GLU C 126 -5.87 -4.82 -16.45
N GLY C 127 -5.21 -3.89 -15.77
CA GLY C 127 -5.05 -2.54 -16.31
C GLY C 127 -5.77 -1.48 -15.50
N SER C 128 -6.26 -0.46 -16.21
CA SER C 128 -6.84 0.71 -15.59
C SER C 128 -8.18 0.39 -14.92
N GLN C 129 -8.36 0.94 -13.71
CA GLN C 129 -9.53 0.64 -12.90
C GLN C 129 -10.15 1.94 -12.43
N TYR C 130 -11.47 1.95 -12.30
CA TYR C 130 -12.16 3.19 -11.96
C TYR C 130 -13.41 2.81 -11.21
N HIS C 131 -13.52 3.28 -9.97
CA HIS C 131 -14.67 2.97 -9.12
C HIS C 131 -15.21 4.25 -8.53
N VAL C 132 -16.46 4.57 -8.88
CA VAL C 132 -17.12 5.74 -8.31
C VAL C 132 -18.54 5.35 -7.96
N PHE C 133 -19.02 5.81 -6.81
CA PHE C 133 -20.45 5.72 -6.53
C PHE C 133 -20.95 7.02 -5.90
N ALA C 134 -22.24 7.28 -6.07
CA ALA C 134 -22.85 8.47 -5.50
C ALA C 134 -24.27 8.17 -5.08
N VAL C 135 -24.71 8.86 -4.04
CA VAL C 135 -26.08 8.78 -3.56
C VAL C 135 -26.54 10.21 -3.33
N GLY C 136 -27.66 10.58 -3.94
CA GLY C 136 -28.14 11.95 -3.80
C GLY C 136 -29.64 12.13 -3.89
N GLY C 137 -30.09 13.33 -3.58
CA GLY C 137 -31.52 13.67 -3.61
C GLY C 137 -31.94 14.32 -4.93
N GLU C 138 -31.01 14.33 -5.88
CA GLU C 138 -31.21 14.89 -7.23
C GLU C 138 -30.11 14.32 -8.13
N PRO C 139 -30.21 14.50 -9.46
CA PRO C 139 -29.17 13.91 -10.31
C PRO C 139 -27.74 14.36 -9.96
N LEU C 140 -26.78 13.48 -10.13
CA LEU C 140 -25.38 13.82 -9.94
C LEU C 140 -25.00 14.94 -10.92
N ASP C 141 -24.41 16.02 -10.41
CA ASP C 141 -23.92 17.10 -11.26
C ASP C 141 -22.58 16.69 -11.87
N LEU C 142 -22.45 16.89 -13.19
CA LEU C 142 -21.27 16.46 -13.94
C LEU C 142 -20.50 17.65 -14.51
N GLN C 143 -19.17 17.53 -14.50
CA GLN C 143 -18.27 18.48 -15.11
C GLN C 143 -17.54 17.77 -16.24
N GLY C 144 -17.58 18.33 -17.45
CA GLY C 144 -16.88 17.74 -18.59
C GLY C 144 -15.39 18.05 -18.53
N LEU C 145 -14.57 17.09 -18.93
CA LEU C 145 -13.11 17.29 -19.08
C LEU C 145 -12.62 16.09 -19.88
N VAL C 146 -11.93 16.36 -20.98
CA VAL C 146 -11.49 15.29 -21.89
C VAL C 146 -9.98 15.26 -22.08
N THR C 147 -9.48 14.11 -22.54
CA THR C 147 -8.10 14.00 -22.97
C THR C 147 -7.85 14.90 -24.20
N ASP C 148 -8.77 14.84 -25.16
CA ASP C 148 -8.58 15.51 -26.45
C ASP C 148 -9.87 16.18 -26.94
N ALA C 149 -9.84 17.50 -27.02
CA ALA C 149 -10.98 18.29 -27.50
C ALA C 149 -11.27 18.03 -28.97
N ARG C 150 -10.34 17.37 -29.66
CA ARG C 150 -10.51 17.04 -31.08
C ARG C 150 -11.19 15.69 -31.29
N THR C 151 -11.40 14.93 -30.21
CA THR C 151 -12.05 13.62 -30.32
C THR C 151 -13.42 13.78 -30.97
N LYS C 152 -13.69 12.96 -31.98
CA LYS C 152 -14.92 13.03 -32.75
C LYS C 152 -15.91 12.00 -32.22
N TYR C 153 -16.53 12.31 -31.08
CA TYR C 153 -17.57 11.44 -30.53
C TYR C 153 -18.78 11.42 -31.45
N LYS C 154 -19.49 10.29 -31.48
CA LYS C 154 -20.74 10.22 -32.24
C LYS C 154 -21.75 11.24 -31.70
N GLU C 155 -22.56 11.80 -32.59
CA GLU C 155 -23.60 12.73 -32.17
C GLU C 155 -24.80 12.03 -31.57
N GLU C 156 -25.10 10.84 -32.08
CA GLU C 156 -26.25 10.07 -31.59
C GLU C 156 -25.79 8.90 -30.75
N GLY C 157 -26.50 8.66 -29.64
CA GLY C 157 -26.27 7.48 -28.83
C GLY C 157 -25.38 7.65 -27.61
N VAL C 158 -24.78 8.83 -27.49
CA VAL C 158 -24.02 9.23 -26.30
C VAL C 158 -24.29 10.71 -26.04
N VAL C 159 -24.24 11.11 -24.77
CA VAL C 159 -24.33 12.52 -24.41
C VAL C 159 -22.91 12.99 -24.12
N THR C 160 -22.44 13.95 -24.93
CA THR C 160 -21.08 14.44 -24.80
C THR C 160 -21.15 15.96 -24.64
N ILE C 161 -20.00 16.63 -24.55
CA ILE C 161 -19.98 18.09 -24.33
C ILE C 161 -20.76 18.82 -25.43
N LYS C 162 -20.54 18.43 -26.68
CA LYS C 162 -21.26 19.06 -27.81
C LYS C 162 -22.78 18.90 -27.74
N THR C 163 -23.26 17.79 -27.17
CA THR C 163 -24.70 17.58 -26.97
C THR C 163 -25.28 18.74 -26.14
N ILE C 164 -24.53 19.15 -25.12
CA ILE C 164 -24.94 20.19 -24.18
C ILE C 164 -24.78 21.59 -24.77
N THR C 165 -23.60 21.88 -25.31
CA THR C 165 -23.27 23.25 -25.76
C THR C 165 -23.77 23.58 -27.16
N LYS C 166 -24.04 22.53 -27.95
CA LYS C 166 -24.43 22.64 -29.37
C LYS C 166 -23.28 23.17 -30.22
N LYS C 167 -22.07 23.10 -29.69
CA LYS C 167 -20.88 23.59 -30.36
C LYS C 167 -19.75 22.59 -30.13
N ASP C 168 -18.80 22.55 -31.05
CA ASP C 168 -17.63 21.70 -30.91
C ASP C 168 -16.90 22.03 -29.60
N MET C 169 -16.20 21.03 -29.08
CA MET C 169 -15.36 21.23 -27.91
C MET C 169 -14.29 22.27 -28.18
N VAL C 170 -13.85 22.94 -27.12
CA VAL C 170 -12.78 23.93 -27.21
C VAL C 170 -11.57 23.45 -26.42
N ASN C 171 -10.43 24.11 -26.58
CA ASN C 171 -9.22 23.66 -25.91
C ASN C 171 -9.33 23.67 -24.39
N LYS C 172 -10.16 24.58 -23.85
CA LYS C 172 -10.41 24.65 -22.40
C LYS C 172 -11.07 23.37 -21.86
N ASP C 173 -11.69 22.59 -22.74
CA ASP C 173 -12.31 21.32 -22.33
C ASP C 173 -11.31 20.23 -21.95
N GLN C 174 -10.03 20.48 -22.22
CA GLN C 174 -8.98 19.59 -21.77
C GLN C 174 -8.52 19.91 -20.35
N VAL C 175 -8.96 21.06 -19.85
CA VAL C 175 -8.79 21.43 -18.44
C VAL C 175 -10.20 21.69 -17.86
N LEU C 176 -10.34 22.59 -16.90
CA LEU C 176 -11.66 22.89 -16.33
C LEU C 176 -12.32 24.06 -17.05
N ASN C 177 -13.35 23.76 -17.83
CA ASN C 177 -14.16 24.75 -18.50
C ASN C 177 -15.56 24.73 -17.88
N PRO C 178 -15.89 25.77 -17.07
CA PRO C 178 -17.17 25.73 -16.35
C PRO C 178 -18.42 25.74 -17.23
N ILE C 179 -18.27 26.04 -18.52
CA ILE C 179 -19.39 25.96 -19.46
C ILE C 179 -19.83 24.50 -19.67
N SER C 180 -18.88 23.57 -19.57
CA SER C 180 -19.12 22.19 -19.96
C SER C 180 -19.66 21.38 -18.79
N LYS C 181 -20.95 21.59 -18.50
CA LYS C 181 -21.60 20.91 -17.38
CA LYS C 181 -21.62 20.95 -17.37
C LYS C 181 -22.87 20.20 -17.82
N ALA C 182 -23.24 19.16 -17.08
CA ALA C 182 -24.46 18.39 -17.35
C ALA C 182 -24.94 17.73 -16.07
N LYS C 183 -26.07 17.03 -16.15
CA LYS C 183 -26.58 16.24 -15.03
C LYS C 183 -26.71 14.80 -15.48
N LEU C 184 -26.38 13.87 -14.57
CA LEU C 184 -26.49 12.45 -14.88
C LEU C 184 -27.95 12.00 -14.77
N ASP C 185 -28.67 12.17 -15.88
CA ASP C 185 -30.12 11.94 -15.87
C ASP C 185 -30.56 10.73 -16.69
N LYS C 186 -29.60 9.99 -17.27
CA LYS C 186 -29.89 8.82 -18.08
C LYS C 186 -28.80 7.77 -17.84
N ASP C 187 -29.24 6.52 -17.71
CA ASP C 187 -28.33 5.38 -17.58
C ASP C 187 -27.68 5.04 -18.94
N GLY C 188 -26.40 4.67 -18.90
CA GLY C 188 -25.72 4.16 -20.09
C GLY C 188 -25.53 5.12 -21.24
N MET C 189 -25.40 6.42 -20.93
CA MET C 189 -25.35 7.47 -21.96
C MET C 189 -24.20 8.48 -21.81
N TYR C 190 -23.72 8.68 -20.58
CA TYR C 190 -22.68 9.68 -20.29
C TYR C 190 -21.32 9.01 -20.15
N PRO C 191 -20.41 9.17 -21.14
CA PRO C 191 -19.10 8.50 -21.04
C PRO C 191 -18.26 8.95 -19.86
N VAL C 192 -17.64 8.00 -19.18
CA VAL C 192 -16.86 8.31 -18.00
C VAL C 192 -15.52 8.94 -18.33
N GLU C 193 -15.07 8.85 -19.59
CA GLU C 193 -13.88 9.56 -20.01
C GLU C 193 -14.14 11.05 -20.31
N ILE C 194 -15.43 11.46 -20.24
CA ILE C 194 -15.81 12.87 -20.47
C ILE C 194 -16.35 13.53 -19.19
N TRP C 195 -17.17 12.79 -18.46
CA TRP C 195 -18.02 13.38 -17.42
C TRP C 195 -17.63 12.95 -16.02
N HIS C 196 -17.31 13.95 -15.19
CA HIS C 196 -16.77 13.73 -13.84
C HIS C 196 -17.69 14.37 -12.82
N PRO C 197 -17.69 13.86 -11.57
CA PRO C 197 -18.51 14.56 -10.58
C PRO C 197 -18.04 16.01 -10.44
N ASP C 198 -18.99 16.95 -10.41
CA ASP C 198 -18.68 18.37 -10.31
C ASP C 198 -18.54 18.79 -8.84
N PRO C 199 -17.31 19.12 -8.38
CA PRO C 199 -17.14 19.46 -6.97
C PRO C 199 -17.69 20.84 -6.62
N ALA C 200 -17.98 21.66 -7.64
CA ALA C 200 -18.54 22.99 -7.41
C ALA C 200 -20.05 22.96 -7.23
N LYS C 201 -20.67 21.81 -7.45
CA LYS C 201 -22.10 21.66 -7.20
C LYS C 201 -22.29 20.46 -6.28
N ASN C 202 -23.26 19.59 -6.56
CA ASN C 202 -23.50 18.39 -5.74
C ASN C 202 -23.64 18.64 -4.24
N GLU C 203 -24.33 19.73 -3.88
CA GLU C 203 -24.58 20.05 -2.47
C GLU C 203 -25.47 19.00 -1.81
N ASN C 204 -26.26 18.30 -2.64
CA ASN C 204 -27.28 17.37 -2.16
C ASN C 204 -26.97 15.93 -2.57
N THR C 205 -25.70 15.66 -2.87
CA THR C 205 -25.23 14.33 -3.23
C THR C 205 -23.88 14.08 -2.56
N ARG C 206 -23.63 12.83 -2.16
CA ARG C 206 -22.29 12.45 -1.75
C ARG C 206 -21.70 11.52 -2.81
N TYR C 207 -20.47 11.78 -3.24
CA TYR C 207 -19.80 10.87 -4.17
C TYR C 207 -18.40 10.49 -3.69
N PHE C 208 -17.95 9.33 -4.13
CA PHE C 208 -16.68 8.74 -3.68
C PHE C 208 -16.07 8.02 -4.86
N GLY C 209 -14.87 8.42 -5.25
CA GLY C 209 -14.26 7.89 -6.45
C GLY C 209 -12.78 7.56 -6.30
N ASN C 210 -12.33 6.58 -7.06
CA ASN C 210 -10.90 6.31 -7.16
C ASN C 210 -10.52 5.80 -8.53
N TYR C 211 -9.28 6.10 -8.90
CA TYR C 211 -8.72 5.75 -10.18
C TYR C 211 -7.34 5.12 -9.98
N THR C 212 -7.10 4.01 -10.66
CA THR C 212 -5.77 3.42 -10.76
C THR C 212 -5.51 3.14 -12.23
N GLY C 213 -4.42 3.69 -12.77
CA GLY C 213 -4.16 3.55 -14.21
C GLY C 213 -3.25 2.40 -14.60
N GLY C 214 -2.56 2.58 -15.72
CA GLY C 214 -1.66 1.54 -16.25
C GLY C 214 -2.30 0.57 -17.23
N THR C 215 -1.49 -0.37 -17.74
CA THR C 215 -1.94 -1.28 -18.79
C THR C 215 -2.03 -2.71 -18.28
N THR C 216 -1.14 -3.10 -17.39
CA THR C 216 -1.16 -4.49 -16.88
C THR C 216 -1.31 -4.51 -15.36
N THR C 217 -1.75 -3.40 -14.79
CA THR C 217 -1.92 -3.27 -13.34
C THR C 217 -2.86 -4.35 -12.78
N PRO C 218 -2.45 -5.03 -11.69
CA PRO C 218 -3.37 -6.01 -11.09
C PRO C 218 -4.64 -5.34 -10.54
N PRO C 219 -5.82 -5.87 -10.90
CA PRO C 219 -7.03 -5.32 -10.29
C PRO C 219 -7.12 -5.73 -8.82
N VAL C 220 -7.60 -4.80 -8.02
CA VAL C 220 -7.77 -5.02 -6.58
CA VAL C 220 -7.80 -5.08 -6.59
CA VAL C 220 -7.78 -5.04 -6.58
C VAL C 220 -9.21 -4.68 -6.19
N LEU C 221 -9.82 -5.51 -5.36
CA LEU C 221 -11.17 -5.21 -4.90
C LEU C 221 -11.40 -5.85 -3.54
N GLN C 222 -12.09 -5.11 -2.67
CA GLN C 222 -12.54 -5.66 -1.40
CA GLN C 222 -12.55 -5.65 -1.40
C GLN C 222 -14.06 -5.69 -1.41
N PHE C 223 -14.64 -6.62 -0.65
CA PHE C 223 -16.10 -6.73 -0.58
C PHE C 223 -16.51 -7.33 0.75
N THR C 224 -17.50 -6.71 1.38
CA THR C 224 -17.97 -7.17 2.69
C THR C 224 -19.36 -6.60 2.88
N ASN C 225 -20.16 -7.30 3.69
CA ASN C 225 -21.48 -6.78 4.05
C ASN C 225 -21.48 -6.09 5.42
N THR C 226 -20.30 -5.71 5.90
CA THR C 226 -20.16 -5.17 7.24
C THR C 226 -19.80 -3.68 7.28
N LEU C 227 -19.69 -3.07 6.11
CA LEU C 227 -19.22 -1.67 5.99
CA LEU C 227 -19.24 -1.66 6.04
C LEU C 227 -20.35 -0.70 5.65
N THR C 228 -20.52 0.31 6.48
CA THR C 228 -21.53 1.34 6.27
C THR C 228 -20.87 2.67 5.94
N THR C 229 -21.36 3.31 4.88
CA THR C 229 -20.92 4.64 4.50
C THR C 229 -21.93 5.66 5.02
N VAL C 230 -21.50 6.54 5.91
CA VAL C 230 -22.37 7.59 6.44
C VAL C 230 -22.52 8.68 5.38
N LEU C 231 -23.75 9.18 5.20
CA LEU C 231 -24.04 10.19 4.16
C LEU C 231 -24.34 11.56 4.76
N LEU C 232 -24.33 11.65 6.08
CA LEU C 232 -24.57 12.92 6.77
C LEU C 232 -23.42 13.88 6.51
N ASP C 233 -23.74 15.16 6.29
CA ASP C 233 -22.69 16.18 6.14
C ASP C 233 -22.15 16.63 7.50
N GLU C 234 -21.32 17.68 7.51
CA GLU C 234 -20.72 18.18 8.75
C GLU C 234 -21.74 18.73 9.75
N ASN C 235 -22.95 19.04 9.27
CA ASN C 235 -24.04 19.51 10.12
C ASN C 235 -25.02 18.40 10.52
N GLY C 236 -24.71 17.17 10.14
CA GLY C 236 -25.55 16.02 10.50
C GLY C 236 -26.75 15.84 9.59
N VAL C 237 -26.68 16.42 8.39
CA VAL C 237 -27.79 16.32 7.42
C VAL C 237 -27.37 15.51 6.19
N GLY C 238 -28.14 14.47 5.87
CA GLY C 238 -27.91 13.70 4.66
C GLY C 238 -28.60 14.32 3.45
N PRO C 239 -28.36 13.75 2.26
CA PRO C 239 -29.09 14.16 1.05
C PRO C 239 -30.60 14.16 1.27
N LEU C 240 -31.25 15.24 0.84
CA LEU C 240 -32.70 15.37 0.96
C LEU C 240 -33.34 15.10 -0.40
N CYS C 241 -34.27 14.15 -0.42
CA CYS C 241 -34.81 13.63 -1.68
C CYS C 241 -35.92 14.48 -2.24
N LYS C 242 -35.58 15.27 -3.26
CA LYS C 242 -36.53 16.18 -3.88
C LYS C 242 -37.60 15.39 -4.64
N GLY C 243 -38.87 15.72 -4.38
CA GLY C 243 -39.99 14.98 -4.96
C GLY C 243 -39.94 13.49 -4.68
N GLU C 244 -39.38 13.12 -3.53
CA GLU C 244 -39.26 11.72 -3.08
C GLU C 244 -38.49 10.83 -4.07
N GLY C 245 -37.53 11.42 -4.77
CA GLY C 245 -36.68 10.68 -5.68
C GLY C 245 -35.28 10.52 -5.10
N LEU C 246 -34.74 9.31 -5.18
CA LEU C 246 -33.40 8.99 -4.69
C LEU C 246 -32.55 8.59 -5.90
N TYR C 247 -31.39 9.24 -6.06
CA TYR C 247 -30.53 9.00 -7.22
C TYR C 247 -29.29 8.21 -6.83
N LEU C 248 -29.07 7.10 -7.55
CA LEU C 248 -27.89 6.28 -7.36
C LEU C 248 -27.10 6.31 -8.65
N SER C 249 -25.78 6.51 -8.54
CA SER C 249 -24.92 6.60 -9.72
C SER C 249 -23.65 5.83 -9.46
N CYS C 250 -23.11 5.17 -10.49
CA CYS C 250 -21.84 4.47 -10.29
C CYS C 250 -21.17 4.07 -11.59
N VAL C 251 -19.89 3.71 -11.46
CA VAL C 251 -19.14 3.05 -12.53
C VAL C 251 -18.06 2.20 -11.84
N ASP C 252 -17.87 0.98 -12.32
CA ASP C 252 -16.91 0.07 -11.70
C ASP C 252 -16.17 -0.73 -12.76
N ILE C 253 -15.09 -0.13 -13.24
CA ILE C 253 -14.27 -0.71 -14.31
C ILE C 253 -13.11 -1.47 -13.65
N MET C 254 -12.93 -2.72 -14.08
CA MET C 254 -11.92 -3.61 -13.49
C MET C 254 -10.64 -3.71 -14.32
N GLY C 255 -10.71 -3.21 -15.56
CA GLY C 255 -9.58 -3.31 -16.50
C GLY C 255 -10.06 -3.83 -17.82
N TRP C 256 -9.16 -4.47 -18.57
CA TRP C 256 -9.48 -5.04 -19.88
C TRP C 256 -9.10 -6.51 -19.97
N ARG C 257 -9.82 -7.27 -20.79
CA ARG C 257 -9.31 -8.53 -21.33
CA ARG C 257 -9.30 -8.53 -21.32
C ARG C 257 -8.71 -8.23 -22.68
N VAL C 258 -7.75 -9.04 -23.10
CA VAL C 258 -7.03 -8.85 -24.36
C VAL C 258 -7.18 -10.11 -25.19
N THR C 259 -7.60 -9.97 -26.45
CA THR C 259 -7.85 -11.14 -27.28
C THR C 259 -6.57 -11.65 -27.96
N ARG C 260 -6.68 -12.79 -28.63
CA ARG C 260 -5.57 -13.36 -29.37
C ARG C 260 -5.41 -12.76 -30.77
N ASN C 261 -6.27 -11.80 -31.12
CA ASN C 261 -6.18 -11.16 -32.43
C ASN C 261 -5.87 -9.68 -32.32
N TYR C 262 -4.65 -9.31 -32.71
CA TYR C 262 -4.18 -7.92 -32.70
C TYR C 262 -4.31 -7.25 -31.33
N ASP C 263 -4.21 -8.04 -30.26
CA ASP C 263 -4.32 -7.51 -28.89
C ASP C 263 -5.54 -6.62 -28.67
N VAL C 264 -6.68 -6.98 -29.25
CA VAL C 264 -7.90 -6.18 -29.06
C VAL C 264 -8.31 -6.18 -27.59
N HIS C 265 -8.57 -4.99 -27.05
CA HIS C 265 -8.94 -4.88 -25.63
C HIS C 265 -10.45 -4.69 -25.49
N HIS C 266 -11.02 -5.32 -24.46
CA HIS C 266 -12.40 -5.13 -24.08
C HIS C 266 -12.46 -4.72 -22.60
N TRP C 267 -13.08 -3.57 -22.31
CA TRP C 267 -13.32 -3.16 -20.92
C TRP C 267 -14.19 -4.19 -20.19
N ARG C 268 -13.91 -4.41 -18.90
CA ARG C 268 -14.75 -5.23 -18.03
C ARG C 268 -15.31 -4.38 -16.90
N GLY C 269 -16.63 -4.44 -16.71
CA GLY C 269 -17.28 -3.78 -15.56
C GLY C 269 -18.00 -4.78 -14.70
N LEU C 270 -18.25 -4.41 -13.44
CA LEU C 270 -18.99 -5.26 -12.53
C LEU C 270 -20.17 -4.50 -11.92
N PRO C 271 -21.23 -5.22 -11.54
CA PRO C 271 -22.42 -4.57 -10.95
C PRO C 271 -22.17 -4.11 -9.52
N ARG C 272 -22.93 -3.10 -9.10
CA ARG C 272 -22.81 -2.55 -7.77
C ARG C 272 -24.16 -2.62 -7.04
N TYR C 273 -24.12 -3.13 -5.81
CA TYR C 273 -25.28 -3.21 -4.92
C TYR C 273 -25.33 -1.98 -4.02
N PHE C 274 -26.53 -1.45 -3.76
CA PHE C 274 -26.73 -0.36 -2.81
C PHE C 274 -27.84 -0.75 -1.83
N LYS C 275 -27.62 -0.54 -0.54
CA LYS C 275 -28.72 -0.60 0.42
C LYS C 275 -28.70 0.70 1.21
N ILE C 276 -29.74 1.52 0.99
CA ILE C 276 -29.76 2.89 1.54
C ILE C 276 -30.76 2.96 2.70
N THR C 277 -30.32 3.52 3.81
CA THR C 277 -31.20 3.79 4.94
C THR C 277 -31.63 5.26 4.89
N LEU C 278 -32.95 5.48 4.94
CA LEU C 278 -33.50 6.84 4.90
C LEU C 278 -34.43 7.09 6.08
N ARG C 279 -34.50 8.35 6.50
CA ARG C 279 -35.39 8.76 7.59
C ARG C 279 -36.16 10.01 7.18
N LYS C 280 -37.35 10.19 7.76
CA LYS C 280 -38.13 11.38 7.47
C LYS C 280 -37.59 12.57 8.27
N ARG C 281 -37.55 13.73 7.63
CA ARG C 281 -37.06 14.94 8.26
C ARG C 281 -38.10 16.06 8.08
N TRP C 282 -38.38 16.78 9.16
CA TRP C 282 -39.22 17.98 9.07
C TRP C 282 -38.44 19.08 8.37
N VAL C 283 -39.08 19.77 7.43
CA VAL C 283 -38.46 20.90 6.71
C VAL C 283 -39.44 22.08 6.59
N LYS C 284 -38.88 23.29 6.46
CA LYS C 284 -39.70 24.49 6.28
C LYS C 284 -39.25 25.29 5.07
N MET D 2 -37.79 -12.53 14.12
CA MET D 2 -37.44 -12.95 15.50
C MET D 2 -36.85 -11.79 16.30
N GLU D 3 -37.45 -11.52 17.46
CA GLU D 3 -37.09 -10.37 18.31
C GLU D 3 -35.95 -10.71 19.27
N VAL D 4 -34.88 -9.92 19.21
CA VAL D 4 -33.66 -10.17 19.98
C VAL D 4 -33.74 -9.47 21.35
N LEU D 5 -33.62 -10.25 22.43
CA LEU D 5 -33.77 -9.71 23.78
C LEU D 5 -32.41 -9.66 24.50
N ASP D 6 -32.39 -9.92 25.80
CA ASP D 6 -31.18 -9.85 26.64
C ASP D 6 -30.21 -10.99 26.40
N LEU D 7 -28.95 -10.78 26.80
CA LEU D 7 -27.99 -11.88 26.85
C LEU D 7 -28.35 -12.81 27.99
N VAL D 8 -28.19 -14.11 27.76
CA VAL D 8 -28.34 -15.14 28.79
C VAL D 8 -27.09 -15.20 29.66
N THR D 9 -27.28 -15.24 30.97
CA THR D 9 -26.15 -15.43 31.89
C THR D 9 -26.21 -16.76 32.61
N GLY D 10 -25.12 -17.12 33.30
CA GLY D 10 -25.04 -18.35 34.07
C GLY D 10 -24.00 -19.31 33.52
N PRO D 11 -23.76 -20.44 34.22
CA PRO D 11 -22.79 -21.44 33.76
C PRO D 11 -23.06 -21.90 32.33
N ASP D 12 -21.98 -22.01 31.55
CA ASP D 12 -22.02 -22.48 30.16
C ASP D 12 -22.80 -21.56 29.22
N SER D 13 -22.92 -20.28 29.57
CA SER D 13 -23.62 -19.31 28.70
C SER D 13 -22.75 -18.76 27.55
N VAL D 14 -21.44 -18.95 27.66
CA VAL D 14 -20.51 -18.56 26.59
C VAL D 14 -19.67 -19.78 26.24
N THR D 15 -19.42 -19.97 24.96
CA THR D 15 -18.59 -21.08 24.48
C THR D 15 -17.65 -20.63 23.37
N GLU D 16 -16.56 -21.38 23.19
CA GLU D 16 -15.66 -21.18 22.05
C GLU D 16 -15.58 -22.48 21.30
N ILE D 17 -15.66 -22.42 19.99
CA ILE D 17 -15.48 -23.63 19.17
C ILE D 17 -14.49 -23.35 18.05
N GLU D 18 -13.76 -24.39 17.67
CA GLU D 18 -12.76 -24.20 16.64
C GLU D 18 -12.88 -25.22 15.52
N ALA D 19 -12.37 -24.84 14.36
CA ALA D 19 -12.39 -25.69 13.19
C ALA D 19 -11.39 -25.22 12.18
N PHE D 20 -10.90 -26.15 11.37
CA PHE D 20 -10.07 -25.86 10.20
CA PHE D 20 -10.13 -25.78 10.20
C PHE D 20 -10.85 -26.26 8.96
N LEU D 21 -10.79 -25.45 7.92
CA LEU D 21 -11.34 -25.84 6.63
C LEU D 21 -10.18 -25.95 5.65
N ASN D 22 -9.97 -27.15 5.12
CA ASN D 22 -8.94 -27.35 4.09
C ASN D 22 -9.38 -26.77 2.75
N PRO D 23 -8.42 -26.32 1.92
CA PRO D 23 -8.79 -25.71 0.64
C PRO D 23 -9.35 -26.75 -0.33
N ARG D 24 -10.12 -26.28 -1.30
CA ARG D 24 -10.73 -27.16 -2.31
C ARG D 24 -10.35 -26.61 -3.69
N MET D 25 -9.09 -26.83 -4.07
CA MET D 25 -8.54 -26.25 -5.30
C MET D 25 -8.82 -27.06 -6.56
N GLY D 26 -9.20 -28.31 -6.41
CA GLY D 26 -9.54 -29.13 -7.57
C GLY D 26 -9.23 -30.60 -7.43
N GLN D 27 -8.03 -30.94 -6.97
CA GLN D 27 -7.76 -32.33 -6.62
C GLN D 27 -8.44 -32.69 -5.30
N PRO D 28 -9.30 -33.72 -5.28
CA PRO D 28 -9.93 -34.15 -4.03
C PRO D 28 -8.91 -34.74 -3.05
N PRO D 29 -9.31 -34.89 -1.76
CA PRO D 29 -8.39 -35.45 -0.76
C PRO D 29 -7.96 -36.88 -1.05
N THR D 30 -8.79 -37.65 -1.77
CA THR D 30 -8.44 -39.01 -2.18
C THR D 30 -8.41 -39.08 -3.73
N PRO D 31 -7.60 -39.98 -4.32
CA PRO D 31 -6.74 -40.98 -3.67
C PRO D 31 -5.61 -40.33 -2.88
N GLU D 32 -5.22 -40.98 -1.78
CA GLU D 32 -4.17 -40.43 -0.92
C GLU D 32 -2.78 -40.68 -1.48
N SER D 33 -2.65 -41.68 -2.35
CA SER D 33 -1.34 -42.05 -2.90
C SER D 33 -0.65 -40.89 -3.57
N LEU D 34 0.64 -40.72 -3.26
CA LEU D 34 1.45 -39.63 -3.81
C LEU D 34 1.95 -39.90 -5.23
N THR D 35 1.53 -41.02 -5.81
CA THR D 35 1.82 -41.32 -7.22
C THR D 35 0.55 -41.46 -8.07
N GLU D 36 -0.62 -41.36 -7.45
CA GLU D 36 -1.88 -41.55 -8.15
C GLU D 36 -2.78 -40.31 -8.18
N GLY D 37 -2.25 -39.18 -7.72
CA GLY D 37 -3.00 -37.93 -7.78
C GLY D 37 -2.99 -37.19 -6.46
N GLY D 38 -2.73 -37.93 -5.38
CA GLY D 38 -2.71 -37.36 -4.02
C GLY D 38 -1.65 -36.29 -3.88
N GLN D 39 -0.60 -36.37 -4.69
CA GLN D 39 0.46 -35.34 -4.68
C GLN D 39 -0.04 -33.95 -5.09
N TYR D 40 -1.22 -33.88 -5.70
CA TYR D 40 -1.82 -32.59 -6.06
C TYR D 40 -2.76 -32.02 -5.02
N TYR D 41 -2.95 -32.72 -3.89
CA TYR D 41 -3.90 -32.23 -2.88
C TYR D 41 -3.39 -30.93 -2.24
N GLY D 42 -4.27 -29.92 -2.22
CA GLY D 42 -3.89 -28.55 -1.84
C GLY D 42 -3.74 -27.68 -3.08
N TRP D 43 -3.79 -28.32 -4.26
CA TRP D 43 -3.61 -27.64 -5.54
C TRP D 43 -4.72 -28.02 -6.52
N SER D 44 -4.83 -27.28 -7.62
CA SER D 44 -5.67 -27.73 -8.73
C SER D 44 -4.86 -28.67 -9.61
N ARG D 45 -5.53 -29.38 -10.51
CA ARG D 45 -4.84 -30.02 -11.62
C ARG D 45 -4.54 -28.96 -12.68
N GLY D 46 -3.79 -29.33 -13.72
CA GLY D 46 -3.28 -28.35 -14.68
C GLY D 46 -4.42 -27.64 -15.40
N ILE D 47 -4.39 -26.31 -15.37
CA ILE D 47 -5.48 -25.53 -15.98
C ILE D 47 -5.50 -25.78 -17.49
N ASN D 48 -6.66 -26.21 -18.00
CA ASN D 48 -6.85 -26.50 -19.42
C ASN D 48 -7.59 -25.35 -20.07
N LEU D 49 -7.14 -24.95 -21.26
CA LEU D 49 -7.63 -23.73 -21.89
C LEU D 49 -8.64 -24.00 -22.97
N ALA D 50 -9.52 -23.03 -23.18
CA ALA D 50 -10.43 -23.04 -24.33
C ALA D 50 -9.68 -23.23 -25.65
N THR D 51 -10.34 -23.89 -26.60
CA THR D 51 -9.72 -24.13 -27.90
C THR D 51 -10.20 -23.14 -28.97
N SER D 52 -11.21 -22.34 -28.64
CA SER D 52 -11.70 -21.27 -29.51
C SER D 52 -12.59 -20.35 -28.68
N ASP D 53 -13.05 -19.28 -29.30
CA ASP D 53 -13.98 -18.34 -28.66
C ASP D 53 -15.31 -19.01 -28.25
N THR D 54 -15.61 -20.16 -28.86
CA THR D 54 -16.90 -20.84 -28.58
C THR D 54 -16.75 -22.23 -27.95
N GLU D 55 -15.53 -22.57 -27.53
CA GLU D 55 -15.26 -23.89 -26.99
C GLU D 55 -14.41 -23.81 -25.73
N ASP D 56 -15.06 -23.50 -24.61
CA ASP D 56 -14.42 -23.35 -23.31
C ASP D 56 -15.00 -24.40 -22.35
N SER D 57 -14.28 -25.50 -22.18
CA SER D 57 -14.77 -26.61 -21.35
C SER D 57 -13.76 -26.94 -20.24
N PRO D 58 -13.79 -26.16 -19.14
CA PRO D 58 -12.85 -26.41 -18.05
C PRO D 58 -13.15 -27.73 -17.32
N GLU D 59 -12.11 -28.46 -16.97
CA GLU D 59 -12.28 -29.68 -16.19
C GLU D 59 -12.58 -29.31 -14.74
N ASN D 60 -13.42 -30.11 -14.09
CA ASN D 60 -13.81 -29.84 -12.70
C ASN D 60 -12.63 -29.70 -11.75
N ASN D 61 -11.63 -30.55 -11.93
CA ASN D 61 -10.46 -30.52 -11.05
C ASN D 61 -9.49 -29.35 -11.30
N THR D 62 -9.86 -28.45 -12.22
CA THR D 62 -9.09 -27.21 -12.44
C THR D 62 -9.78 -25.99 -11.86
N LEU D 63 -10.96 -26.20 -11.26
CA LEU D 63 -11.78 -25.09 -10.76
C LEU D 63 -11.82 -25.06 -9.23
N PRO D 64 -11.20 -24.05 -8.60
CA PRO D 64 -11.30 -23.98 -7.14
C PRO D 64 -12.76 -23.76 -6.71
N THR D 65 -13.16 -24.41 -5.63
CA THR D 65 -14.52 -24.32 -5.11
C THR D 65 -14.51 -23.81 -3.66
N TRP D 66 -15.67 -23.35 -3.21
CA TRP D 66 -15.82 -22.90 -1.83
C TRP D 66 -15.61 -24.04 -0.83
N SER D 67 -14.88 -23.76 0.24
CA SER D 67 -14.89 -24.63 1.42
C SER D 67 -16.03 -24.23 2.34
N MET D 68 -16.65 -25.22 2.95
CA MET D 68 -17.65 -24.93 3.98
CA MET D 68 -17.76 -25.00 3.89
C MET D 68 -17.77 -26.06 4.98
N ALA D 69 -18.21 -25.68 6.17
CA ALA D 69 -18.50 -26.64 7.24
C ALA D 69 -19.67 -26.13 8.01
N LYS D 70 -20.53 -27.05 8.43
CA LYS D 70 -21.61 -26.73 9.35
C LYS D 70 -21.27 -27.37 10.67
N LEU D 71 -21.20 -26.55 11.72
CA LEU D 71 -20.96 -27.05 13.07
C LEU D 71 -22.28 -27.07 13.85
N GLN D 72 -22.49 -28.16 14.59
CA GLN D 72 -23.71 -28.32 15.37
C GLN D 72 -23.43 -27.97 16.83
N LEU D 73 -24.14 -26.96 17.34
CA LEU D 73 -23.95 -26.47 18.68
C LEU D 73 -24.88 -27.17 19.67
N PRO D 74 -24.60 -27.08 20.98
CA PRO D 74 -25.48 -27.70 21.98
C PRO D 74 -26.93 -27.22 21.89
N MET D 75 -27.88 -28.15 21.93
CA MET D 75 -29.31 -27.81 21.87
C MET D 75 -29.71 -26.98 23.08
N LEU D 76 -30.47 -25.92 22.84
CA LEU D 76 -30.80 -24.96 23.90
C LEU D 76 -32.23 -25.02 24.42
N ASN D 77 -33.16 -25.44 23.57
CA ASN D 77 -34.59 -25.36 23.89
C ASN D 77 -35.29 -26.71 23.87
N GLU D 78 -35.76 -27.14 25.04
CA GLU D 78 -36.51 -28.40 25.16
C GLU D 78 -37.86 -28.34 24.45
N ASP D 79 -38.43 -27.13 24.38
CA ASP D 79 -39.78 -26.93 23.86
C ASP D 79 -39.84 -25.63 23.07
N LEU D 80 -39.98 -25.78 21.75
CA LEU D 80 -39.99 -24.62 20.84
C LEU D 80 -41.28 -23.80 20.85
N THR D 81 -42.28 -24.26 21.60
CA THR D 81 -43.55 -23.53 21.73
C THR D 81 -43.49 -22.52 22.90
N CYS D 82 -42.37 -22.50 23.62
CA CYS D 82 -42.18 -21.54 24.71
CA CYS D 82 -42.20 -21.54 24.70
C CYS D 82 -42.15 -20.13 24.12
N ASP D 83 -42.76 -19.18 24.85
CA ASP D 83 -42.85 -17.78 24.39
C ASP D 83 -41.48 -17.13 24.18
N THR D 84 -40.55 -17.43 25.09
CA THR D 84 -39.19 -16.92 24.97
C THR D 84 -38.23 -18.11 24.85
N LEU D 85 -37.32 -18.02 23.90
CA LEU D 85 -36.36 -19.08 23.62
C LEU D 85 -34.94 -18.55 23.70
N GLN D 86 -33.97 -19.45 23.55
CA GLN D 86 -32.56 -19.08 23.48
C GLN D 86 -31.95 -19.49 22.15
N MET D 87 -31.01 -18.68 21.65
CA MET D 87 -30.24 -19.03 20.46
C MET D 87 -28.76 -18.76 20.71
N TRP D 88 -27.91 -19.51 20.03
CA TRP D 88 -26.49 -19.19 20.03
C TRP D 88 -26.22 -18.03 19.09
N GLU D 89 -25.47 -17.05 19.61
CA GLU D 89 -25.10 -15.86 18.87
C GLU D 89 -23.58 -15.83 18.69
N ALA D 90 -23.12 -15.73 17.43
CA ALA D 90 -21.68 -15.65 17.15
C ALA D 90 -21.23 -14.21 17.37
N VAL D 91 -20.34 -14.02 18.35
CA VAL D 91 -19.91 -12.67 18.79
C VAL D 91 -18.69 -12.20 18.00
N SER D 92 -17.75 -13.12 17.82
CA SER D 92 -16.47 -12.79 17.22
C SER D 92 -15.77 -14.04 16.75
N VAL D 93 -14.77 -13.85 15.90
CA VAL D 93 -14.00 -14.97 15.39
C VAL D 93 -12.54 -14.55 15.29
N LYS D 94 -11.66 -15.48 15.67
CA LYS D 94 -10.24 -15.35 15.34
C LYS D 94 -10.04 -16.29 14.17
N THR D 95 -9.62 -15.72 13.04
CA THR D 95 -9.40 -16.54 11.85
C THR D 95 -7.98 -16.32 11.29
N GLU D 96 -7.40 -17.37 10.74
CA GLU D 96 -6.01 -17.35 10.28
C GLU D 96 -5.84 -18.28 9.10
N VAL D 97 -5.15 -17.81 8.07
CA VAL D 97 -4.78 -18.65 6.93
C VAL D 97 -3.40 -19.19 7.22
N VAL D 98 -3.27 -20.52 7.28
CA VAL D 98 -2.05 -21.16 7.75
C VAL D 98 -1.20 -21.71 6.61
N GLY D 99 0.11 -21.50 6.71
CA GLY D 99 1.07 -22.18 5.84
C GLY D 99 1.75 -21.34 4.77
N SER D 100 1.63 -20.00 4.85
CA SER D 100 2.30 -19.16 3.85
C SER D 100 3.79 -19.42 3.78
N GLY D 101 4.40 -19.78 4.92
CA GLY D 101 5.84 -20.13 4.95
C GLY D 101 6.21 -21.23 3.97
N SER D 102 5.26 -22.13 3.69
CA SER D 102 5.53 -23.22 2.73
C SER D 102 5.83 -22.71 1.33
N LEU D 103 5.41 -21.49 1.03
CA LEU D 103 5.66 -20.91 -0.29
C LEU D 103 7.13 -20.48 -0.45
N LEU D 104 7.88 -20.55 0.65
CA LEU D 104 9.32 -20.32 0.63
C LEU D 104 10.10 -21.52 0.07
N ASP D 105 9.41 -22.60 -0.25
CA ASP D 105 10.04 -23.69 -0.99
C ASP D 105 10.24 -23.25 -2.45
N VAL D 106 11.47 -22.88 -2.79
CA VAL D 106 11.85 -22.54 -4.16
C VAL D 106 12.94 -23.51 -4.65
N HIS D 107 12.90 -24.75 -4.14
CA HIS D 107 13.89 -25.76 -4.52
C HIS D 107 13.29 -26.92 -5.30
N GLY D 108 12.02 -26.81 -5.66
CA GLY D 108 11.32 -27.85 -6.43
C GLY D 108 11.59 -27.83 -7.93
N PHE D 109 10.66 -28.43 -8.68
CA PHE D 109 10.84 -28.66 -10.10
C PHE D 109 9.88 -27.79 -10.95
N ASN D 110 9.48 -26.63 -10.41
CA ASN D 110 8.68 -25.67 -11.19
C ASN D 110 9.51 -25.07 -12.32
N LYS D 111 8.87 -24.32 -13.20
CA LYS D 111 9.61 -23.54 -14.19
C LYS D 111 10.73 -22.78 -13.46
N PRO D 112 11.98 -22.92 -13.92
CA PRO D 112 13.10 -22.26 -13.24
C PRO D 112 13.21 -20.80 -13.65
N THR D 113 13.86 -19.99 -12.81
CA THR D 113 14.03 -18.57 -13.12
C THR D 113 15.14 -18.29 -14.15
N ASP D 114 16.13 -19.18 -14.24
CA ASP D 114 17.13 -19.10 -15.31
C ASP D 114 16.75 -20.12 -16.37
N THR D 115 16.05 -19.65 -17.41
CA THR D 115 15.57 -20.55 -18.45
C THR D 115 16.65 -20.90 -19.49
N VAL D 116 17.71 -20.11 -19.57
CA VAL D 116 18.81 -20.42 -20.48
C VAL D 116 19.52 -21.69 -20.03
N ASN D 117 19.80 -21.76 -18.73
CA ASN D 117 20.60 -22.86 -18.19
C ASN D 117 19.79 -23.90 -17.42
N THR D 118 18.49 -23.63 -17.22
CA THR D 118 17.60 -24.43 -16.38
C THR D 118 18.18 -24.47 -14.96
N LYS D 119 18.34 -23.26 -14.41
CA LYS D 119 18.96 -23.04 -13.11
C LYS D 119 18.22 -21.92 -12.37
N GLY D 120 18.88 -21.28 -11.42
CA GLY D 120 18.21 -20.25 -10.63
C GLY D 120 17.43 -20.88 -9.49
N ILE D 121 16.17 -20.48 -9.33
CA ILE D 121 15.31 -21.13 -8.35
C ILE D 121 14.04 -21.64 -9.03
N SER D 122 13.33 -22.52 -8.32
CA SER D 122 12.03 -22.99 -8.76
C SER D 122 11.06 -21.84 -8.53
N THR D 123 10.45 -21.33 -9.61
CA THR D 123 9.62 -20.12 -9.47
C THR D 123 8.55 -20.32 -8.39
N PRO D 124 8.46 -19.40 -7.41
CA PRO D 124 7.46 -19.56 -6.38
C PRO D 124 6.05 -19.23 -6.86
N VAL D 125 5.05 -19.62 -6.07
CA VAL D 125 3.65 -19.33 -6.34
C VAL D 125 3.47 -17.80 -6.49
N GLU D 126 2.79 -17.39 -7.57
CA GLU D 126 2.58 -15.97 -7.87
C GLU D 126 1.24 -15.82 -8.57
N GLY D 127 0.74 -14.60 -8.62
CA GLY D 127 -0.43 -14.33 -9.47
C GLY D 127 -1.67 -13.96 -8.70
N SER D 128 -2.82 -14.35 -9.25
CA SER D 128 -4.11 -13.91 -8.72
C SER D 128 -4.40 -14.58 -7.38
N GLN D 129 -4.96 -13.78 -6.46
CA GLN D 129 -5.19 -14.20 -5.07
C GLN D 129 -6.60 -13.84 -4.69
N TYR D 130 -7.21 -14.68 -3.86
CA TYR D 130 -8.60 -14.48 -3.51
C TYR D 130 -8.80 -15.02 -2.10
N HIS D 131 -9.21 -14.15 -1.19
CA HIS D 131 -9.42 -14.56 0.21
C HIS D 131 -10.78 -14.10 0.68
N VAL D 132 -11.63 -15.07 1.01
CA VAL D 132 -12.95 -14.75 1.54
C VAL D 132 -13.22 -15.67 2.71
N PHE D 133 -13.79 -15.13 3.79
CA PHE D 133 -14.32 -16.00 4.83
C PHE D 133 -15.66 -15.44 5.29
N ALA D 134 -16.50 -16.34 5.83
CA ALA D 134 -17.81 -15.95 6.32
C ALA D 134 -18.14 -16.79 7.53
N VAL D 135 -18.90 -16.20 8.45
CA VAL D 135 -19.46 -16.90 9.61
C VAL D 135 -20.92 -16.49 9.68
N GLY D 136 -21.81 -17.48 9.70
CA GLY D 136 -23.23 -17.19 9.76
C GLY D 136 -24.05 -18.25 10.48
N GLY D 137 -25.32 -17.93 10.68
CA GLY D 137 -26.26 -18.83 11.38
C GLY D 137 -27.12 -19.66 10.44
N GLU D 138 -26.76 -19.63 9.15
CA GLU D 138 -27.42 -20.39 8.07
C GLU D 138 -26.45 -20.36 6.88
N PRO D 139 -26.72 -21.14 5.81
CA PRO D 139 -25.73 -21.18 4.74
C PRO D 139 -25.48 -19.81 4.11
N LEU D 140 -24.26 -19.60 3.63
CA LEU D 140 -23.92 -18.39 2.89
C LEU D 140 -24.80 -18.31 1.64
N ASP D 141 -25.47 -17.18 1.46
CA ASP D 141 -26.26 -16.94 0.25
C ASP D 141 -25.32 -16.54 -0.89
N LEU D 142 -25.50 -17.21 -2.03
CA LEU D 142 -24.65 -17.02 -3.20
C LEU D 142 -25.38 -16.36 -4.37
N GLN D 143 -24.66 -15.49 -5.07
CA GLN D 143 -25.13 -14.86 -6.30
C GLN D 143 -24.19 -15.29 -7.42
N GLY D 144 -24.75 -15.83 -8.49
CA GLY D 144 -23.93 -16.26 -9.62
C GLY D 144 -23.58 -15.08 -10.51
N LEU D 145 -22.37 -15.10 -11.07
CA LEU D 145 -21.92 -14.12 -12.05
C LEU D 145 -20.65 -14.69 -12.67
N VAL D 146 -20.62 -14.81 -13.99
CA VAL D 146 -19.51 -15.45 -14.69
C VAL D 146 -18.81 -14.52 -15.68
N THR D 147 -17.58 -14.89 -16.03
CA THR D 147 -16.88 -14.24 -17.13
C THR D 147 -17.61 -14.45 -18.46
N ASP D 148 -18.03 -15.68 -18.71
CA ASP D 148 -18.56 -16.05 -20.03
C ASP D 148 -19.74 -17.00 -19.85
N ALA D 149 -20.93 -16.52 -20.22
CA ALA D 149 -22.14 -17.34 -20.17
C ALA D 149 -22.11 -18.53 -21.14
N ARG D 150 -21.12 -18.55 -22.03
CA ARG D 150 -20.95 -19.65 -22.98
C ARG D 150 -20.07 -20.78 -22.43
N THR D 151 -19.44 -20.57 -21.28
CA THR D 151 -18.55 -21.59 -20.70
C THR D 151 -19.32 -22.89 -20.50
N LYS D 152 -18.73 -23.98 -20.98
CA LYS D 152 -19.37 -25.28 -20.93
C LYS D 152 -18.89 -26.02 -19.69
N TYR D 153 -19.40 -25.61 -18.52
CA TYR D 153 -19.10 -26.32 -17.28
C TYR D 153 -19.64 -27.74 -17.37
N LYS D 154 -18.95 -28.69 -16.75
CA LYS D 154 -19.49 -30.06 -16.64
C LYS D 154 -20.85 -30.02 -15.93
N GLU D 155 -21.76 -30.89 -16.34
CA GLU D 155 -23.06 -30.97 -15.67
C GLU D 155 -22.97 -31.76 -14.37
N GLU D 156 -22.05 -32.71 -14.31
CA GLU D 156 -21.86 -33.52 -13.10
CA GLU D 156 -21.86 -33.51 -13.10
C GLU D 156 -20.54 -33.14 -12.44
N GLY D 157 -20.57 -32.97 -11.12
CA GLY D 157 -19.35 -32.75 -10.35
C GLY D 157 -19.09 -31.35 -9.83
N VAL D 158 -19.83 -30.37 -10.36
CA VAL D 158 -19.80 -28.98 -9.84
C VAL D 158 -21.23 -28.47 -9.82
N VAL D 159 -21.55 -27.61 -8.85
CA VAL D 159 -22.85 -26.94 -8.85
C VAL D 159 -22.65 -25.61 -9.57
N THR D 160 -23.31 -25.44 -10.70
CA THR D 160 -23.17 -24.22 -11.50
C THR D 160 -24.53 -23.57 -11.67
N ILE D 161 -24.62 -22.47 -12.42
CA ILE D 161 -25.92 -21.79 -12.60
C ILE D 161 -26.96 -22.74 -13.23
N LYS D 162 -26.57 -23.50 -14.24
CA LYS D 162 -27.47 -24.45 -14.89
C LYS D 162 -27.99 -25.53 -13.93
N THR D 163 -27.17 -25.94 -12.98
CA THR D 163 -27.59 -26.90 -11.96
C THR D 163 -28.85 -26.38 -11.25
N ILE D 164 -28.84 -25.08 -10.96
CA ILE D 164 -29.92 -24.43 -10.22
C ILE D 164 -31.14 -24.16 -11.10
N THR D 165 -30.92 -23.50 -12.24
CA THR D 165 -32.03 -23.05 -13.09
C THR D 165 -32.60 -24.13 -14.00
N LYS D 166 -31.84 -25.20 -14.21
CA LYS D 166 -32.16 -26.26 -15.19
C LYS D 166 -32.14 -25.77 -16.65
N LYS D 167 -31.51 -24.62 -16.86
CA LYS D 167 -31.40 -24.02 -18.19
C LYS D 167 -30.01 -23.47 -18.40
N ASP D 168 -29.62 -23.35 -19.67
CA ASP D 168 -28.33 -22.75 -19.99
C ASP D 168 -28.23 -21.33 -19.46
N MET D 169 -27.02 -20.89 -19.18
CA MET D 169 -26.78 -19.52 -18.79
C MET D 169 -27.24 -18.54 -19.87
N VAL D 170 -27.61 -17.35 -19.44
CA VAL D 170 -28.03 -16.28 -20.34
C VAL D 170 -27.02 -15.14 -20.25
N ASN D 171 -27.07 -14.20 -21.20
CA ASN D 171 -26.09 -13.11 -21.21
C ASN D 171 -26.08 -12.28 -19.92
N LYS D 172 -27.26 -12.16 -19.29
CA LYS D 172 -27.39 -11.46 -18.00
C LYS D 172 -26.53 -12.08 -16.89
N ASP D 173 -26.11 -13.33 -17.06
CA ASP D 173 -25.29 -14.01 -16.04
C ASP D 173 -23.85 -13.51 -16.02
N GLN D 174 -23.50 -12.68 -17.00
CA GLN D 174 -22.20 -12.01 -17.02
C GLN D 174 -22.25 -10.69 -16.24
N VAL D 175 -23.44 -10.27 -15.88
CA VAL D 175 -23.64 -9.16 -14.93
C VAL D 175 -24.47 -9.70 -13.75
N LEU D 176 -25.32 -8.86 -13.12
CA LEU D 176 -26.14 -9.34 -12.02
C LEU D 176 -27.50 -9.80 -12.55
N ASN D 177 -27.73 -11.10 -12.47
CA ASN D 177 -29.04 -11.68 -12.81
C ASN D 177 -29.63 -12.26 -11.53
N PRO D 178 -30.69 -11.63 -10.98
CA PRO D 178 -31.19 -12.08 -9.68
C PRO D 178 -31.78 -13.50 -9.65
N ILE D 179 -32.03 -14.08 -10.83
CA ILE D 179 -32.49 -15.47 -10.92
C ILE D 179 -31.40 -16.46 -10.52
N SER D 180 -30.14 -16.09 -10.74
CA SER D 180 -29.03 -17.00 -10.58
C SER D 180 -28.49 -16.97 -9.14
N LYS D 181 -29.24 -17.61 -8.25
CA LYS D 181 -28.89 -17.64 -6.83
CA LYS D 181 -28.90 -17.63 -6.83
C LYS D 181 -28.82 -19.06 -6.30
N ALA D 182 -27.99 -19.27 -5.28
CA ALA D 182 -27.86 -20.58 -4.63
C ALA D 182 -27.48 -20.36 -3.16
N LYS D 183 -27.36 -21.46 -2.43
CA LYS D 183 -26.85 -21.42 -1.05
C LYS D 183 -25.63 -22.32 -0.96
N LEU D 184 -24.63 -21.90 -0.19
CA LEU D 184 -23.42 -22.70 -0.06
C LEU D 184 -23.68 -23.83 0.94
N ASP D 185 -24.21 -24.94 0.44
CA ASP D 185 -24.67 -26.03 1.31
C ASP D 185 -23.83 -27.29 1.21
N LYS D 186 -22.73 -27.21 0.47
CA LYS D 186 -21.85 -28.36 0.27
C LYS D 186 -20.43 -27.89 0.04
N ASP D 187 -19.48 -28.57 0.68
CA ASP D 187 -18.06 -28.30 0.56
C ASP D 187 -17.52 -28.82 -0.78
N GLY D 188 -16.61 -28.06 -1.38
CA GLY D 188 -15.88 -28.52 -2.57
C GLY D 188 -16.70 -28.73 -3.83
N MET D 189 -17.76 -27.95 -4.00
CA MET D 189 -18.70 -28.13 -5.13
C MET D 189 -19.10 -26.86 -5.88
N TYR D 190 -19.05 -25.70 -5.23
CA TYR D 190 -19.47 -24.42 -5.83
C TYR D 190 -18.26 -23.64 -6.32
N PRO D 191 -18.05 -23.54 -7.65
CA PRO D 191 -16.85 -22.84 -8.11
C PRO D 191 -16.81 -21.36 -7.75
N VAL D 192 -15.64 -20.89 -7.31
CA VAL D 192 -15.50 -19.50 -6.87
C VAL D 192 -15.49 -18.52 -8.06
N GLU D 193 -15.25 -19.03 -9.27
CA GLU D 193 -15.36 -18.15 -10.45
C GLU D 193 -16.83 -17.95 -10.90
N ILE D 194 -17.76 -18.65 -10.24
CA ILE D 194 -19.20 -18.56 -10.55
C ILE D 194 -19.99 -17.92 -9.40
N TRP D 195 -19.69 -18.35 -8.17
CA TRP D 195 -20.55 -18.05 -7.02
C TRP D 195 -19.93 -17.06 -6.03
N HIS D 196 -20.66 -15.95 -5.81
CA HIS D 196 -20.18 -14.83 -4.99
C HIS D 196 -21.12 -14.61 -3.82
N PRO D 197 -20.62 -14.05 -2.70
CA PRO D 197 -21.56 -13.75 -1.62
C PRO D 197 -22.65 -12.81 -2.12
N ASP D 198 -23.90 -13.11 -1.80
CA ASP D 198 -25.03 -12.30 -2.24
C ASP D 198 -25.28 -11.13 -1.28
N PRO D 199 -24.99 -9.89 -1.72
CA PRO D 199 -25.14 -8.76 -0.81
C PRO D 199 -26.61 -8.41 -0.55
N ALA D 200 -27.52 -8.94 -1.36
CA ALA D 200 -28.95 -8.71 -1.21
C ALA D 200 -29.58 -9.63 -0.18
N LYS D 201 -28.82 -10.62 0.28
CA LYS D 201 -29.31 -11.52 1.33
C LYS D 201 -28.27 -11.53 2.45
N ASN D 202 -27.91 -12.70 2.98
CA ASN D 202 -26.88 -12.76 4.04
C ASN D 202 -27.08 -11.84 5.24
N GLU D 203 -28.34 -11.67 5.65
CA GLU D 203 -28.67 -10.83 6.81
C GLU D 203 -28.18 -11.46 8.11
N ASN D 204 -27.94 -12.77 8.09
CA ASN D 204 -27.59 -13.53 9.29
C ASN D 204 -26.20 -14.14 9.15
N THR D 205 -25.39 -13.52 8.30
CA THR D 205 -24.01 -13.95 8.03
C THR D 205 -23.13 -12.70 7.90
N ARG D 206 -21.88 -12.80 8.32
CA ARG D 206 -20.91 -11.73 8.02
C ARG D 206 -19.86 -12.32 7.09
N TYR D 207 -19.60 -11.65 5.95
CA TYR D 207 -18.54 -12.11 5.06
C TYR D 207 -17.55 -11.00 4.75
N PHE D 208 -16.32 -11.40 4.46
CA PHE D 208 -15.20 -10.47 4.26
C PHE D 208 -14.35 -11.04 3.13
N GLY D 209 -14.23 -10.28 2.05
CA GLY D 209 -13.50 -10.80 0.88
C GLY D 209 -12.52 -9.80 0.29
N ASN D 210 -11.48 -10.32 -0.33
CA ASN D 210 -10.59 -9.47 -1.13
C ASN D 210 -10.00 -10.23 -2.31
N TYR D 211 -9.82 -9.49 -3.39
CA TYR D 211 -9.31 -10.04 -4.64
C TYR D 211 -8.12 -9.21 -5.08
N THR D 212 -7.03 -9.87 -5.48
CA THR D 212 -5.90 -9.20 -6.13
C THR D 212 -5.56 -9.99 -7.38
N GLY D 213 -5.56 -9.34 -8.53
CA GLY D 213 -5.41 -10.08 -9.79
C GLY D 213 -3.98 -10.14 -10.32
N GLY D 214 -3.87 -10.27 -11.64
CA GLY D 214 -2.57 -10.33 -12.30
C GLY D 214 -2.04 -11.73 -12.50
N THR D 215 -0.86 -11.82 -13.13
CA THR D 215 -0.28 -13.12 -13.45
C THR D 215 0.98 -13.43 -12.66
N THR D 216 1.75 -12.40 -12.34
CA THR D 216 3.01 -12.62 -11.61
C THR D 216 3.04 -11.83 -10.29
N THR D 217 1.87 -11.38 -9.85
CA THR D 217 1.71 -10.58 -8.64
C THR D 217 2.24 -11.30 -7.41
N PRO D 218 3.07 -10.62 -6.60
CA PRO D 218 3.58 -11.29 -5.40
C PRO D 218 2.43 -11.60 -4.42
N PRO D 219 2.39 -12.84 -3.89
CA PRO D 219 1.36 -13.08 -2.89
C PRO D 219 1.71 -12.42 -1.58
N VAL D 220 0.69 -11.93 -0.87
CA VAL D 220 0.88 -11.26 0.41
C VAL D 220 -0.07 -11.88 1.42
N LEU D 221 0.42 -12.10 2.63
CA LEU D 221 -0.43 -12.64 3.69
C LEU D 221 0.08 -12.22 5.05
N GLN D 222 -0.85 -11.97 5.97
CA GLN D 222 -0.50 -11.70 7.36
C GLN D 222 -1.13 -12.78 8.21
N PHE D 223 -0.53 -13.04 9.37
CA PHE D 223 -1.10 -14.03 10.29
C PHE D 223 -0.68 -13.68 11.71
N THR D 224 -1.63 -13.78 12.64
CA THR D 224 -1.35 -13.53 14.04
C THR D 224 -2.44 -14.19 14.85
N ASN D 225 -2.15 -14.56 16.09
CA ASN D 225 -3.19 -15.06 16.97
C ASN D 225 -3.76 -13.97 17.88
N THR D 226 -3.50 -12.70 17.53
CA THR D 226 -3.91 -11.58 18.36
C THR D 226 -5.05 -10.74 17.77
N LEU D 227 -5.56 -11.14 16.60
CA LEU D 227 -6.54 -10.35 15.86
C LEU D 227 -7.92 -10.98 15.95
N THR D 228 -8.86 -10.22 16.52
CA THR D 228 -10.24 -10.66 16.66
C THR D 228 -11.11 -9.91 15.66
N THR D 229 -11.90 -10.66 14.88
CA THR D 229 -12.91 -10.10 13.99
C THR D 229 -14.26 -10.04 14.71
N VAL D 230 -14.79 -8.85 14.91
CA VAL D 230 -16.10 -8.68 15.56
C VAL D 230 -17.20 -9.04 14.56
N LEU D 231 -18.20 -9.77 15.03
CA LEU D 231 -19.28 -10.24 14.15
C LEU D 231 -20.61 -9.57 14.46
N LEU D 232 -20.62 -8.73 15.49
CA LEU D 232 -21.82 -7.98 15.85
C LEU D 232 -22.18 -6.97 14.76
N ASP D 233 -23.46 -6.83 14.48
CA ASP D 233 -23.91 -5.81 13.52
C ASP D 233 -24.03 -4.43 14.18
N GLU D 234 -24.57 -3.46 13.44
CA GLU D 234 -24.69 -2.10 13.94
C GLU D 234 -25.60 -1.96 15.17
N ASN D 235 -26.39 -3.01 15.44
CA ASN D 235 -27.25 -3.05 16.63
C ASN D 235 -26.72 -3.92 17.78
N GLY D 236 -25.49 -4.39 17.64
CA GLY D 236 -24.86 -5.22 18.68
C GLY D 236 -25.26 -6.69 18.63
N VAL D 237 -25.78 -7.13 17.49
CA VAL D 237 -26.27 -8.51 17.36
C VAL D 237 -25.45 -9.31 16.36
N GLY D 238 -24.91 -10.44 16.81
CA GLY D 238 -24.16 -11.33 15.93
C GLY D 238 -25.07 -12.30 15.19
N PRO D 239 -24.51 -13.09 14.25
CA PRO D 239 -25.29 -14.12 13.60
C PRO D 239 -25.96 -15.04 14.64
N LEU D 240 -27.23 -15.39 14.41
CA LEU D 240 -27.99 -16.25 15.32
C LEU D 240 -28.16 -17.62 14.67
N CYS D 241 -27.79 -18.66 15.41
CA CYS D 241 -27.61 -19.98 14.80
C CYS D 241 -28.93 -20.73 14.70
N LYS D 242 -29.48 -20.78 13.48
CA LYS D 242 -30.78 -21.41 13.27
C LYS D 242 -30.67 -22.92 13.48
N GLY D 243 -31.52 -23.45 14.35
CA GLY D 243 -31.44 -24.86 14.74
C GLY D 243 -30.07 -25.25 15.29
N GLU D 244 -29.42 -24.27 15.93
CA GLU D 244 -28.09 -24.44 16.54
C GLU D 244 -26.99 -24.80 15.52
N GLY D 245 -27.20 -24.44 14.26
CA GLY D 245 -26.21 -24.68 13.21
C GLY D 245 -25.36 -23.44 12.97
N LEU D 246 -24.05 -23.63 12.93
CA LEU D 246 -23.10 -22.56 12.66
C LEU D 246 -22.36 -22.85 11.37
N TYR D 247 -22.41 -21.90 10.42
CA TYR D 247 -21.83 -22.11 9.11
C TYR D 247 -20.55 -21.32 8.91
N LEU D 248 -19.50 -22.04 8.49
CA LEU D 248 -18.22 -21.46 8.18
C LEU D 248 -17.96 -21.66 6.71
N SER D 249 -17.52 -20.61 6.02
CA SER D 249 -17.29 -20.67 4.57
C SER D 249 -16.01 -19.93 4.24
N CYS D 250 -15.23 -20.44 3.29
CA CYS D 250 -14.02 -19.71 2.89
C CYS D 250 -13.42 -20.20 1.60
N VAL D 251 -12.53 -19.38 1.07
CA VAL D 251 -11.62 -19.74 -0.03
C VAL D 251 -10.38 -18.88 0.14
N ASP D 252 -9.21 -19.50 -0.05
CA ASP D 252 -7.94 -18.81 0.14
C ASP D 252 -6.95 -19.26 -0.91
N ILE D 253 -7.02 -18.58 -2.05
CA ILE D 253 -6.15 -18.83 -3.20
C ILE D 253 -4.93 -17.92 -3.15
N MET D 254 -3.74 -18.53 -3.26
CA MET D 254 -2.47 -17.82 -3.15
C MET D 254 -1.83 -17.44 -4.49
N GLY D 255 -2.35 -18.05 -5.56
CA GLY D 255 -1.79 -17.87 -6.91
C GLY D 255 -1.61 -19.22 -7.59
N TRP D 256 -0.67 -19.29 -8.53
CA TRP D 256 -0.37 -20.53 -9.24
C TRP D 256 1.10 -20.89 -9.15
N ARG D 257 1.40 -22.19 -9.21
CA ARG D 257 2.74 -22.65 -9.61
CA ARG D 257 2.74 -22.62 -9.61
C ARG D 257 2.69 -22.92 -11.10
N VAL D 258 3.84 -22.81 -11.76
CA VAL D 258 3.95 -23.00 -13.20
C VAL D 258 4.95 -24.13 -13.44
N THR D 259 4.57 -25.15 -14.21
CA THR D 259 5.44 -26.29 -14.43
C THR D 259 6.43 -26.04 -15.56
N ARG D 260 7.35 -26.99 -15.75
CA ARG D 260 8.31 -26.96 -16.84
C ARG D 260 7.76 -27.48 -18.17
N ASN D 261 6.48 -27.86 -18.17
CA ASN D 261 5.84 -28.43 -19.37
C ASN D 261 4.74 -27.49 -19.83
N TYR D 262 5.02 -26.75 -20.90
CA TYR D 262 4.04 -25.86 -21.53
C TYR D 262 3.44 -24.83 -20.57
N ASP D 263 4.24 -24.39 -19.59
CA ASP D 263 3.81 -23.38 -18.62
C ASP D 263 2.46 -23.74 -17.98
N VAL D 264 2.22 -25.02 -17.74
CA VAL D 264 0.95 -25.42 -17.12
C VAL D 264 0.86 -24.83 -15.71
N HIS D 265 -0.27 -24.20 -15.42
CA HIS D 265 -0.49 -23.58 -14.10
C HIS D 265 -1.35 -24.48 -13.21
N HIS D 266 -0.99 -24.52 -11.92
CA HIS D 266 -1.82 -25.14 -10.88
C HIS D 266 -2.13 -24.12 -9.80
N TRP D 267 -3.40 -23.94 -9.47
CA TRP D 267 -3.79 -23.11 -8.36
C TRP D 267 -3.25 -23.68 -7.04
N ARG D 268 -2.88 -22.78 -6.11
CA ARG D 268 -2.50 -23.17 -4.75
C ARG D 268 -3.48 -22.53 -3.77
N GLY D 269 -4.00 -23.34 -2.85
CA GLY D 269 -4.82 -22.86 -1.74
C GLY D 269 -4.22 -23.24 -0.41
N LEU D 270 -4.62 -22.51 0.64
CA LEU D 270 -4.16 -22.79 1.99
C LEU D 270 -5.36 -22.96 2.92
N PRO D 271 -5.20 -23.77 3.98
CA PRO D 271 -6.28 -23.97 4.95
C PRO D 271 -6.53 -22.76 5.83
N ARG D 272 -7.75 -22.65 6.31
CA ARG D 272 -8.14 -21.55 7.19
C ARG D 272 -8.65 -22.07 8.53
N TYR D 273 -8.11 -21.50 9.60
CA TYR D 273 -8.54 -21.79 10.97
C TYR D 273 -9.59 -20.78 11.40
N PHE D 274 -10.59 -21.25 12.17
CA PHE D 274 -11.61 -20.40 12.77
C PHE D 274 -11.72 -20.75 14.24
N LYS D 275 -11.70 -19.75 15.11
CA LYS D 275 -12.10 -19.95 16.50
C LYS D 275 -13.20 -18.95 16.81
N ILE D 276 -14.42 -19.46 16.97
CA ILE D 276 -15.61 -18.62 17.11
C ILE D 276 -16.06 -18.56 18.57
N THR D 277 -16.28 -17.36 19.07
CA THR D 277 -16.84 -17.16 20.41
C THR D 277 -18.34 -16.95 20.25
N LEU D 278 -19.12 -17.76 20.97
CA LEU D 278 -20.58 -17.66 20.92
C LEU D 278 -21.16 -17.48 22.31
N ARG D 279 -22.30 -16.80 22.37
CA ARG D 279 -22.99 -16.60 23.65
C ARG D 279 -24.46 -16.88 23.46
N LYS D 280 -25.14 -17.24 24.53
CA LYS D 280 -26.57 -17.50 24.43
C LYS D 280 -27.34 -16.19 24.49
N ARG D 281 -28.36 -16.08 23.64
CA ARG D 281 -29.19 -14.88 23.55
C ARG D 281 -30.66 -15.24 23.68
N TRP D 282 -31.40 -14.50 24.52
CA TRP D 282 -32.84 -14.66 24.61
C TRP D 282 -33.49 -14.06 23.37
N VAL D 283 -34.49 -14.76 22.82
CA VAL D 283 -35.21 -14.29 21.65
C VAL D 283 -36.70 -14.61 21.80
N LYS D 284 -37.54 -13.91 21.05
CA LYS D 284 -38.96 -14.27 21.02
C LYS D 284 -39.54 -14.11 19.61
N GLY E 1 -0.20 -22.89 38.58
CA GLY E 1 -1.04 -21.66 38.72
C GLY E 1 -1.81 -21.33 37.46
N MET E 2 -3.06 -21.80 37.40
CA MET E 2 -3.93 -21.56 36.25
C MET E 2 -4.89 -20.38 36.47
N GLU E 3 -5.19 -20.08 37.73
CA GLU E 3 -6.06 -18.95 38.06
C GLU E 3 -5.25 -17.67 38.29
N VAL E 4 -5.49 -16.66 37.46
CA VAL E 4 -4.73 -15.41 37.46
C VAL E 4 -5.33 -14.39 38.45
N LEU E 5 -4.53 -14.00 39.44
CA LEU E 5 -5.00 -13.09 40.50
C LEU E 5 -4.48 -11.65 40.28
N ASP E 6 -4.19 -10.93 41.38
CA ASP E 6 -3.72 -9.55 41.27
C ASP E 6 -2.25 -9.46 40.85
N LEU E 7 -1.87 -8.28 40.36
CA LEU E 7 -0.46 -7.96 40.12
C LEU E 7 0.28 -7.85 41.44
N VAL E 8 1.55 -8.26 41.42
CA VAL E 8 2.43 -8.18 42.58
C VAL E 8 3.08 -6.79 42.59
N THR E 9 3.16 -6.16 43.76
CA THR E 9 3.88 -4.89 43.88
C THR E 9 5.08 -5.00 44.83
N GLY E 10 5.93 -3.97 44.82
CA GLY E 10 7.08 -3.89 45.71
C GLY E 10 8.39 -3.99 44.97
N PRO E 11 9.52 -3.97 45.70
CA PRO E 11 10.86 -4.02 45.10
C PRO E 11 11.01 -5.18 44.13
N ASP E 12 11.52 -4.87 42.93
CA ASP E 12 11.84 -5.86 41.89
C ASP E 12 10.63 -6.59 41.29
N SER E 13 9.44 -6.00 41.38
CA SER E 13 8.21 -6.63 40.85
C SER E 13 8.05 -6.49 39.33
N VAL E 14 8.81 -5.57 38.72
CA VAL E 14 8.86 -5.40 37.26
C VAL E 14 10.30 -5.52 36.80
N THR E 15 10.50 -6.20 35.68
CA THR E 15 11.84 -6.31 35.09
C THR E 15 11.80 -6.12 33.58
N GLU E 16 12.91 -5.66 33.02
CA GLU E 16 13.07 -5.59 31.57
C GLU E 16 14.23 -6.47 31.18
N ILE E 17 14.04 -7.31 30.17
CA ILE E 17 15.16 -8.10 29.66
C ILE E 17 15.31 -7.93 28.15
N GLU E 18 16.55 -7.97 27.68
CA GLU E 18 16.77 -7.82 26.25
C GLU E 18 17.60 -8.96 25.68
N ALA E 19 17.42 -9.19 24.39
CA ALA E 19 18.14 -10.21 23.67
C ALA E 19 18.11 -9.92 22.19
N PHE E 20 19.12 -10.44 21.50
CA PHE E 20 19.15 -10.48 20.02
CA PHE E 20 19.07 -10.50 20.04
C PHE E 20 19.13 -11.93 19.59
N LEU E 21 18.36 -12.23 18.54
CA LEU E 21 18.41 -13.54 17.92
C LEU E 21 18.99 -13.37 16.52
N ASN E 22 20.13 -14.01 16.27
CA ASN E 22 20.69 -14.00 14.92
C ASN E 22 19.91 -14.92 13.98
N PRO E 23 19.87 -14.59 12.68
CA PRO E 23 19.14 -15.40 11.71
C PRO E 23 19.77 -16.76 11.50
N ARG E 24 18.97 -17.72 11.06
CA ARG E 24 19.44 -19.09 10.83
C ARG E 24 19.07 -19.48 9.39
N MET E 25 19.81 -18.90 8.44
CA MET E 25 19.47 -19.04 7.02
C MET E 25 20.02 -20.29 6.35
N GLY E 26 20.97 -20.96 7.00
CA GLY E 26 21.46 -22.23 6.46
C GLY E 26 22.93 -22.48 6.77
N GLN E 27 23.77 -21.48 6.54
CA GLN E 27 25.17 -21.62 6.99
C GLN E 27 25.23 -21.42 8.49
N PRO E 28 25.79 -22.41 9.23
CA PRO E 28 25.90 -22.25 10.68
C PRO E 28 26.93 -21.17 11.05
N PRO E 29 26.91 -20.70 12.32
CA PRO E 29 27.87 -19.70 12.78
C PRO E 29 29.34 -20.13 12.66
N THR E 30 29.59 -21.42 12.77
CA THR E 30 30.94 -21.97 12.59
C THR E 30 30.95 -22.91 11.37
N PRO E 31 32.10 -23.00 10.66
CA PRO E 31 33.39 -22.36 10.96
C PRO E 31 33.33 -20.85 10.77
N GLU E 32 34.09 -20.12 11.59
CA GLU E 32 34.08 -18.67 11.50
C GLU E 32 34.88 -18.18 10.28
N SER E 33 35.80 -19.02 9.78
CA SER E 33 36.66 -18.64 8.65
C SER E 33 35.91 -17.99 7.48
N LEU E 34 36.40 -16.85 7.02
CA LEU E 34 35.79 -16.17 5.88
C LEU E 34 36.20 -16.78 4.53
N THR E 35 36.96 -17.87 4.56
CA THR E 35 37.24 -18.62 3.33
C THR E 35 36.60 -20.01 3.33
N GLU E 36 36.36 -20.58 4.51
CA GLU E 36 35.93 -21.98 4.60
C GLU E 36 34.43 -22.15 4.86
N GLY E 37 33.66 -21.07 4.70
CA GLY E 37 32.20 -21.14 4.79
C GLY E 37 31.58 -20.02 5.63
N GLY E 38 32.37 -19.48 6.57
CA GLY E 38 31.90 -18.41 7.46
C GLY E 38 31.47 -17.17 6.69
N GLN E 39 32.01 -16.98 5.48
CA GLN E 39 31.58 -15.86 4.64
C GLN E 39 30.09 -15.93 4.26
N TYR E 40 29.46 -17.09 4.43
CA TYR E 40 28.02 -17.22 4.16
C TYR E 40 27.15 -17.05 5.41
N TYR E 41 27.77 -16.76 6.55
CA TYR E 41 26.97 -16.60 7.78
C TYR E 41 26.06 -15.38 7.68
N GLY E 42 24.77 -15.60 7.95
CA GLY E 42 23.72 -14.59 7.69
C GLY E 42 22.97 -14.89 6.40
N TRP E 43 23.45 -15.90 5.67
CA TRP E 43 22.90 -16.29 4.38
C TRP E 43 22.69 -17.81 4.32
N SER E 44 21.95 -18.28 3.33
CA SER E 44 21.94 -19.71 3.05
C SER E 44 23.09 -20.01 2.11
N ARG E 45 23.41 -21.29 1.97
CA ARG E 45 24.23 -21.74 0.85
C ARG E 45 23.37 -21.76 -0.42
N GLY E 46 23.99 -21.99 -1.55
CA GLY E 46 23.29 -21.87 -2.84
C GLY E 46 22.14 -22.86 -2.97
N ILE E 47 20.96 -22.34 -3.29
CA ILE E 47 19.77 -23.17 -3.38
C ILE E 47 19.92 -24.21 -4.50
N ASN E 48 19.73 -25.48 -4.12
CA ASN E 48 19.85 -26.60 -5.04
C ASN E 48 18.47 -27.08 -5.44
N LEU E 49 18.26 -27.30 -6.73
CA LEU E 49 16.93 -27.64 -7.24
C LEU E 49 16.69 -29.13 -7.41
N ALA E 50 15.43 -29.50 -7.33
CA ALA E 50 14.99 -30.86 -7.66
C ALA E 50 15.46 -31.28 -9.06
N THR E 51 15.72 -32.58 -9.21
CA THR E 51 16.18 -33.11 -10.51
C THR E 51 15.06 -33.75 -11.33
N SER E 52 13.90 -33.92 -10.70
CA SER E 52 12.70 -34.41 -11.37
C SER E 52 11.51 -34.14 -10.47
N ASP E 53 10.32 -34.46 -10.96
CA ASP E 53 9.08 -34.33 -10.18
C ASP E 53 9.07 -35.24 -8.94
N THR E 54 9.92 -36.28 -8.94
CA THR E 54 9.95 -37.23 -7.82
C THR E 54 11.26 -37.22 -7.03
N GLU E 55 12.15 -36.26 -7.33
CA GLU E 55 13.48 -36.21 -6.72
C GLU E 55 13.83 -34.81 -6.27
N ASP E 56 13.32 -34.44 -5.10
CA ASP E 56 13.52 -33.12 -4.52
C ASP E 56 14.23 -33.30 -3.19
N SER E 57 15.55 -33.14 -3.19
CA SER E 57 16.36 -33.37 -1.99
C SER E 57 17.15 -32.11 -1.58
N PRO E 58 16.50 -31.16 -0.89
CA PRO E 58 17.20 -29.94 -0.51
C PRO E 58 18.27 -30.19 0.55
N GLU E 59 19.42 -29.52 0.42
CA GLU E 59 20.46 -29.60 1.45
C GLU E 59 20.06 -28.78 2.68
N ASN E 60 20.41 -29.25 3.87
CA ASN E 60 20.06 -28.55 5.10
C ASN E 60 20.51 -27.10 5.11
N ASN E 61 21.70 -26.82 4.58
CA ASN E 61 22.25 -25.47 4.64
C ASN E 61 21.65 -24.52 3.59
N THR E 62 20.62 -24.99 2.88
CA THR E 62 19.86 -24.15 1.94
C THR E 62 18.47 -23.82 2.49
N LEU E 63 18.15 -24.33 3.68
CA LEU E 63 16.81 -24.18 4.26
C LEU E 63 16.83 -23.27 5.48
N PRO E 64 16.24 -22.08 5.38
CA PRO E 64 16.15 -21.21 6.56
C PRO E 64 15.31 -21.89 7.65
N THR E 65 15.77 -21.75 8.89
CA THR E 65 15.08 -22.34 10.03
C THR E 65 14.71 -21.26 11.05
N TRP E 66 13.80 -21.61 11.96
CA TRP E 66 13.42 -20.69 13.04
C TRP E 66 14.58 -20.39 13.96
N SER E 67 14.70 -19.14 14.35
CA SER E 67 15.55 -18.75 15.48
C SER E 67 14.72 -18.86 16.76
N MET E 68 15.36 -19.33 17.83
CA MET E 68 14.72 -19.26 19.13
CA MET E 68 14.71 -19.44 19.15
C MET E 68 15.70 -19.18 20.27
N ALA E 69 15.24 -18.60 21.37
CA ALA E 69 16.01 -18.58 22.60
C ALA E 69 15.07 -18.75 23.77
N LYS E 70 15.54 -19.47 24.78
CA LYS E 70 14.83 -19.55 26.06
C LYS E 70 15.64 -18.75 27.07
N LEU E 71 15.01 -17.73 27.66
CA LEU E 71 15.69 -16.88 28.62
C LEU E 71 15.21 -17.20 30.03
N GLN E 72 16.15 -17.33 30.97
CA GLN E 72 15.81 -17.64 32.34
C GLN E 72 15.57 -16.34 33.13
N LEU E 73 14.44 -16.29 33.81
CA LEU E 73 14.03 -15.09 34.54
C LEU E 73 14.38 -15.20 36.02
N PRO E 74 14.36 -14.08 36.76
CA PRO E 74 14.72 -14.12 38.18
C PRO E 74 13.87 -15.11 38.97
N MET E 75 14.50 -15.79 39.92
CA MET E 75 13.83 -16.81 40.73
C MET E 75 12.65 -16.23 41.48
N LEU E 76 11.56 -16.99 41.58
N LEU E 76 11.57 -17.00 41.54
CA LEU E 76 10.33 -16.48 42.18
CA LEU E 76 10.37 -16.65 42.30
C LEU E 76 9.94 -17.19 43.46
C LEU E 76 10.05 -17.79 43.25
N ASN E 77 9.64 -18.48 43.35
N ASN E 77 9.20 -17.50 44.23
CA ASN E 77 9.08 -19.25 44.45
CA ASN E 77 8.72 -18.52 45.16
C ASN E 77 10.15 -20.14 45.09
C ASN E 77 9.86 -19.29 45.81
N THR E 84 -0.45 -19.48 47.56
CA THR E 84 -0.50 -18.56 46.42
C THR E 84 0.91 -18.28 45.89
N LEU E 85 1.10 -18.58 44.61
CA LEU E 85 2.41 -18.47 43.99
C LEU E 85 2.49 -17.23 43.10
N GLN E 86 3.71 -16.91 42.67
CA GLN E 86 3.95 -15.85 41.69
C GLN E 86 4.48 -16.40 40.38
N MET E 87 4.11 -15.73 39.27
CA MET E 87 4.66 -16.02 37.96
C MET E 87 5.04 -14.73 37.27
N TRP E 88 6.07 -14.78 36.44
CA TRP E 88 6.41 -13.68 35.54
C TRP E 88 5.40 -13.61 34.39
N GLU E 89 4.91 -12.41 34.13
CA GLU E 89 3.94 -12.14 33.06
C GLU E 89 4.57 -11.17 32.07
N ALA E 90 4.65 -11.57 30.80
CA ALA E 90 5.19 -10.69 29.74
C ALA E 90 4.13 -9.68 29.33
N VAL E 91 4.42 -8.40 29.55
CA VAL E 91 3.45 -7.32 29.36
C VAL E 91 3.53 -6.73 27.96
N SER E 92 4.75 -6.51 27.48
CA SER E 92 4.95 -5.84 26.20
C SER E 92 6.34 -6.15 25.69
N VAL E 93 6.54 -5.90 24.41
CA VAL E 93 7.86 -6.07 23.79
C VAL E 93 8.13 -4.95 22.80
N LYS E 94 9.36 -4.43 22.82
CA LYS E 94 9.86 -3.61 21.72
C LYS E 94 10.76 -4.52 20.92
N THR E 95 10.43 -4.66 19.63
CA THR E 95 11.21 -5.53 18.75
C THR E 95 11.57 -4.80 17.47
N GLU E 96 12.76 -5.11 16.95
CA GLU E 96 13.28 -4.42 15.79
C GLU E 96 14.16 -5.37 14.99
N VAL E 97 14.03 -5.31 13.66
CA VAL E 97 14.89 -6.06 12.75
C VAL E 97 16.01 -5.10 12.34
N VAL E 98 17.25 -5.51 12.60
CA VAL E 98 18.40 -4.60 12.49
C VAL E 98 19.23 -4.90 11.25
N GLY E 99 19.63 -3.85 10.54
CA GLY E 99 20.60 -4.00 9.45
C GLY E 99 20.10 -3.84 8.03
N SER E 100 18.86 -3.39 7.84
CA SER E 100 18.37 -3.20 6.47
C SER E 100 19.28 -2.28 5.64
N GLY E 101 19.89 -1.29 6.28
CA GLY E 101 20.82 -0.41 5.59
C GLY E 101 21.94 -1.16 4.89
N SER E 102 22.31 -2.34 5.39
CA SER E 102 23.38 -3.13 4.75
C SER E 102 23.00 -3.58 3.34
N LEU E 103 21.70 -3.60 3.04
CA LEU E 103 21.25 -3.99 1.70
C LEU E 103 21.54 -2.91 0.66
N LEU E 104 21.98 -1.73 1.12
CA LEU E 104 22.40 -0.65 0.22
C LEU E 104 23.79 -0.88 -0.37
N ASP E 105 24.41 -2.01 0.02
CA ASP E 105 25.67 -2.41 -0.63
C ASP E 105 25.34 -3.00 -1.99
N VAL E 106 25.54 -2.19 -3.03
CA VAL E 106 25.34 -2.63 -4.42
C VAL E 106 26.66 -2.54 -5.18
N HIS E 107 27.76 -2.73 -4.44
CA HIS E 107 29.09 -2.64 -5.05
C HIS E 107 29.84 -3.97 -5.08
N GLY E 108 29.16 -5.04 -4.68
CA GLY E 108 29.76 -6.38 -4.64
C GLY E 108 29.80 -7.11 -5.98
N PHE E 109 29.87 -8.43 -5.91
CA PHE E 109 30.11 -9.27 -7.09
C PHE E 109 28.87 -10.09 -7.46
N ASN E 110 27.68 -9.64 -7.06
CA ASN E 110 26.44 -10.32 -7.46
C ASN E 110 26.22 -10.18 -8.96
N LYS E 111 25.23 -10.90 -9.48
CA LYS E 111 24.78 -10.69 -10.85
C LYS E 111 24.59 -9.18 -11.07
N PRO E 112 25.22 -8.61 -12.10
CA PRO E 112 25.14 -7.17 -12.28
C PRO E 112 23.86 -6.77 -13.02
N THR E 113 23.49 -5.49 -12.92
CA THR E 113 22.28 -5.03 -13.61
C THR E 113 22.43 -4.96 -15.14
N ASP E 114 23.66 -4.77 -15.62
CA ASP E 114 23.95 -4.86 -17.06
C ASP E 114 24.77 -6.13 -17.28
N THR E 115 24.09 -7.22 -17.64
CA THR E 115 24.78 -8.50 -17.80
C THR E 115 25.49 -8.62 -19.15
N VAL E 116 25.07 -7.82 -20.13
CA VAL E 116 25.74 -7.81 -21.43
C VAL E 116 27.20 -7.39 -21.27
N ASN E 117 27.41 -6.27 -20.58
CA ASN E 117 28.75 -5.68 -20.47
C ASN E 117 29.42 -5.89 -19.11
N THR E 118 28.69 -6.51 -18.19
CA THR E 118 29.14 -6.73 -16.79
C THR E 118 29.39 -5.37 -16.16
N LYS E 119 28.32 -4.59 -16.11
CA LYS E 119 28.38 -3.19 -15.66
C LYS E 119 27.12 -2.89 -14.85
N GLY E 120 26.94 -1.63 -14.47
CA GLY E 120 25.80 -1.26 -13.66
C GLY E 120 26.10 -1.34 -12.17
N ILE E 121 25.18 -1.94 -11.43
CA ILE E 121 25.42 -2.21 -10.01
C ILE E 121 25.29 -3.70 -9.73
N SER E 122 25.83 -4.10 -8.58
CA SER E 122 25.61 -5.44 -8.05
C SER E 122 24.16 -5.55 -7.55
N THR E 123 23.38 -6.45 -8.18
CA THR E 123 21.93 -6.50 -7.90
C THR E 123 21.69 -6.68 -6.42
N PRO E 124 20.90 -5.79 -5.79
CA PRO E 124 20.68 -5.95 -4.36
C PRO E 124 19.74 -7.11 -4.05
N VAL E 125 19.66 -7.48 -2.77
CA VAL E 125 18.75 -8.53 -2.31
C VAL E 125 17.30 -8.19 -2.69
N GLU E 126 16.59 -9.15 -3.26
CA GLU E 126 15.20 -8.95 -3.72
C GLU E 126 14.46 -10.27 -3.58
N GLY E 127 13.13 -10.21 -3.66
CA GLY E 127 12.31 -11.41 -3.77
C GLY E 127 11.48 -11.68 -2.53
N SER E 128 11.30 -12.96 -2.23
CA SER E 128 10.38 -13.37 -1.16
C SER E 128 10.87 -13.01 0.23
N GLN E 129 9.94 -12.54 1.05
CA GLN E 129 10.26 -12.01 2.38
C GLN E 129 9.31 -12.61 3.40
N TYR E 130 9.82 -12.82 4.59
CA TYR E 130 9.06 -13.52 5.62
C TYR E 130 9.52 -13.02 6.97
N HIS E 131 8.58 -12.46 7.74
CA HIS E 131 8.90 -11.87 9.04
C HIS E 131 7.92 -12.37 10.08
N VAL E 132 8.43 -13.12 11.04
CA VAL E 132 7.58 -13.60 12.14
C VAL E 132 8.33 -13.42 13.44
N PHE E 133 7.64 -12.96 14.47
CA PHE E 133 8.21 -13.04 15.82
C PHE E 133 7.16 -13.52 16.81
N ALA E 134 7.62 -14.08 17.91
CA ALA E 134 6.74 -14.57 18.96
C ALA E 134 7.40 -14.40 20.31
N VAL E 135 6.57 -14.14 21.31
CA VAL E 135 6.99 -14.09 22.71
C VAL E 135 6.00 -14.93 23.50
N GLY E 136 6.50 -15.88 24.29
CA GLY E 136 5.61 -16.71 25.08
C GLY E 136 6.23 -17.31 26.32
N GLY E 137 5.40 -17.95 27.13
CA GLY E 137 5.84 -18.56 28.40
C GLY E 137 6.17 -20.04 28.29
N GLU E 138 6.18 -20.53 27.06
CA GLU E 138 6.50 -21.92 26.73
C GLU E 138 6.86 -21.94 25.24
N PRO E 139 7.40 -23.06 24.73
CA PRO E 139 7.80 -23.06 23.32
C PRO E 139 6.66 -22.75 22.37
N LEU E 140 6.96 -22.07 21.27
CA LEU E 140 5.99 -21.83 20.22
C LEU E 140 5.45 -23.16 19.68
N ASP E 141 4.12 -23.30 19.66
CA ASP E 141 3.51 -24.48 19.05
C ASP E 141 3.52 -24.37 17.53
N LEU E 142 3.96 -25.45 16.88
CA LEU E 142 4.12 -25.47 15.42
C LEU E 142 3.16 -26.45 14.76
N GLN E 143 2.67 -26.04 13.60
CA GLN E 143 1.84 -26.87 12.74
C GLN E 143 2.58 -27.06 11.43
N GLY E 144 2.79 -28.31 11.03
CA GLY E 144 3.50 -28.62 9.79
C GLY E 144 2.58 -28.44 8.59
N LEU E 145 3.12 -27.91 7.50
CA LEU E 145 2.43 -27.86 6.21
C LEU E 145 3.49 -27.59 5.17
N VAL E 146 3.52 -28.42 4.12
CA VAL E 146 4.57 -28.32 3.12
C VAL E 146 4.02 -28.08 1.71
N THR E 147 4.89 -27.58 0.84
CA THR E 147 4.61 -27.54 -0.59
C THR E 147 4.40 -28.93 -1.19
N ASP E 148 5.30 -29.86 -0.84
CA ASP E 148 5.33 -31.18 -1.47
C ASP E 148 5.63 -32.24 -0.41
N ALA E 149 4.64 -33.10 -0.15
CA ALA E 149 4.81 -34.23 0.77
C ALA E 149 5.86 -35.23 0.29
N ARG E 150 6.28 -35.13 -0.97
CA ARG E 150 7.31 -36.02 -1.50
C ARG E 150 8.73 -35.49 -1.30
N THR E 151 8.86 -34.26 -0.81
CA THR E 151 10.20 -33.67 -0.59
C THR E 151 11.01 -34.58 0.34
N LYS E 152 12.25 -34.87 -0.07
CA LYS E 152 13.12 -35.78 0.67
C LYS E 152 14.06 -34.95 1.54
N TYR E 153 13.55 -34.50 2.68
CA TYR E 153 14.38 -33.78 3.64
C TYR E 153 15.41 -34.73 4.25
N LYS E 154 16.57 -34.20 4.60
CA LYS E 154 17.57 -34.99 5.32
C LYS E 154 16.97 -35.49 6.63
N GLU E 155 17.36 -36.70 7.05
CA GLU E 155 16.88 -37.21 8.33
C GLU E 155 17.65 -36.61 9.51
N GLU E 156 18.94 -36.32 9.30
CA GLU E 156 19.75 -35.75 10.37
C GLU E 156 20.01 -34.28 10.09
N GLY E 157 20.03 -33.48 11.15
CA GLY E 157 20.42 -32.07 11.04
C GLY E 157 19.29 -31.08 10.90
N VAL E 158 18.07 -31.57 10.69
CA VAL E 158 16.86 -30.75 10.66
C VAL E 158 15.74 -31.56 11.30
N VAL E 159 14.79 -30.86 11.93
CA VAL E 159 13.59 -31.48 12.46
C VAL E 159 12.46 -31.26 11.47
N THR E 160 11.94 -32.34 10.91
CA THR E 160 10.88 -32.25 9.91
C THR E 160 9.70 -33.12 10.34
N ILE E 161 8.66 -33.18 9.51
CA ILE E 161 7.45 -33.92 9.92
C ILE E 161 7.77 -35.39 10.24
N LYS E 162 8.57 -36.03 9.39
CA LYS E 162 8.97 -37.42 9.63
C LYS E 162 9.73 -37.61 10.96
N THR E 163 10.50 -36.60 11.37
CA THR E 163 11.20 -36.67 12.67
C THR E 163 10.20 -36.89 13.81
N ILE E 164 9.05 -36.22 13.69
CA ILE E 164 8.00 -36.27 14.71
C ILE E 164 7.16 -37.54 14.61
N THR E 165 6.68 -37.85 13.40
CA THR E 165 5.73 -38.95 13.22
C THR E 165 6.40 -40.31 13.11
N LYS E 166 7.69 -40.32 12.77
CA LYS E 166 8.46 -41.53 12.47
C LYS E 166 7.95 -42.23 11.21
N LYS E 167 7.21 -41.49 10.38
CA LYS E 167 6.64 -42.01 9.15
C LYS E 167 6.78 -40.97 8.05
N ASP E 168 6.76 -41.41 6.79
CA ASP E 168 6.86 -40.48 5.68
C ASP E 168 5.67 -39.54 5.70
N MET E 169 5.87 -38.33 5.16
CA MET E 169 4.76 -37.40 4.99
C MET E 169 3.66 -38.02 4.14
N VAL E 170 2.43 -37.57 4.37
CA VAL E 170 1.25 -38.03 3.63
C VAL E 170 0.68 -36.84 2.84
N ASN E 171 -0.26 -37.10 1.93
CA ASN E 171 -0.76 -35.99 1.09
C ASN E 171 -1.46 -34.88 1.90
N LYS E 172 -2.06 -35.25 3.04
CA LYS E 172 -2.69 -34.28 3.94
C LYS E 172 -1.70 -33.24 4.50
N ASP E 173 -0.41 -33.54 4.44
CA ASP E 173 0.61 -32.60 4.92
C ASP E 173 0.80 -31.40 3.99
N GLN E 174 0.18 -31.45 2.81
CA GLN E 174 0.20 -30.30 1.89
C GLN E 174 -0.95 -29.35 2.20
N VAL E 175 -1.85 -29.81 3.07
CA VAL E 175 -2.90 -28.97 3.65
C VAL E 175 -2.75 -29.02 5.18
N LEU E 176 -3.84 -28.90 5.93
CA LEU E 176 -3.75 -28.98 7.39
C LEU E 176 -4.01 -30.41 7.88
N ASN E 177 -2.95 -31.04 8.40
CA ASN E 177 -3.04 -32.36 9.00
C ASN E 177 -2.71 -32.21 10.49
N PRO E 178 -3.74 -32.34 11.37
CA PRO E 178 -3.50 -32.08 12.80
CA PRO E 178 -3.50 -32.08 12.79
C PRO E 178 -2.50 -33.03 13.46
N ILE E 179 -2.18 -34.14 12.81
CA ILE E 179 -1.14 -35.06 13.32
C ILE E 179 0.25 -34.40 13.27
N SER E 180 0.48 -33.52 12.30
CA SER E 180 1.82 -33.01 12.05
C SER E 180 2.09 -31.76 12.88
N LYS E 181 2.36 -31.96 14.17
CA LYS E 181 2.61 -30.84 15.08
CA LYS E 181 2.59 -30.86 15.11
C LYS E 181 3.93 -31.01 15.83
N ALA E 182 4.52 -29.89 16.22
CA ALA E 182 5.76 -29.91 16.98
C ALA E 182 5.84 -28.66 17.85
N LYS E 183 6.90 -28.57 18.66
CA LYS E 183 7.16 -27.38 19.45
C LYS E 183 8.53 -26.84 19.07
N LEU E 184 8.63 -25.52 19.03
CA LEU E 184 9.89 -24.88 18.66
C LEU E 184 10.85 -24.87 19.87
N ASP E 185 11.60 -25.95 20.00
CA ASP E 185 12.40 -26.17 21.20
C ASP E 185 13.90 -26.16 20.94
N LYS E 186 14.28 -25.89 19.70
CA LYS E 186 15.70 -25.84 19.32
C LYS E 186 15.88 -24.74 18.30
N ASP E 187 16.97 -23.98 18.46
CA ASP E 187 17.36 -22.93 17.51
C ASP E 187 17.98 -23.55 16.25
N GLY E 188 17.64 -22.99 15.10
CA GLY E 188 18.31 -23.37 13.84
C GLY E 188 18.08 -24.80 13.38
N MET E 189 16.89 -25.34 13.67
CA MET E 189 16.58 -26.76 13.38
C MET E 189 15.27 -27.01 12.66
N TYR E 190 14.31 -26.10 12.83
CA TYR E 190 12.96 -26.27 12.31
C TYR E 190 12.76 -25.43 11.04
N PRO E 191 12.70 -26.07 9.86
CA PRO E 191 12.61 -25.25 8.64
C PRO E 191 11.32 -24.45 8.55
N VAL E 192 11.45 -23.19 8.14
CA VAL E 192 10.29 -22.30 8.03
C VAL E 192 9.37 -22.64 6.84
N GLU E 193 9.88 -23.42 5.88
CA GLU E 193 9.01 -23.89 4.79
C GLU E 193 8.16 -25.11 5.20
N ILE E 194 8.38 -25.60 6.43
CA ILE E 194 7.63 -26.74 6.97
C ILE E 194 6.74 -26.34 8.15
N TRP E 195 7.29 -25.52 9.04
CA TRP E 195 6.69 -25.36 10.37
C TRP E 195 6.16 -23.95 10.58
N HIS E 196 4.86 -23.88 10.88
CA HIS E 196 4.12 -22.60 10.99
C HIS E 196 3.55 -22.47 12.39
N PRO E 197 3.34 -21.22 12.85
CA PRO E 197 2.68 -21.08 14.16
C PRO E 197 1.34 -21.79 14.13
N ASP E 198 1.06 -22.57 15.18
CA ASP E 198 -0.21 -23.30 15.25
C ASP E 198 -1.31 -22.44 15.90
N PRO E 199 -2.31 -22.00 15.12
CA PRO E 199 -3.34 -21.14 15.70
C PRO E 199 -4.28 -21.87 16.65
N ALA E 200 -4.29 -23.20 16.59
CA ALA E 200 -5.15 -24.02 17.46
C ALA E 200 -4.53 -24.23 18.86
N LYS E 201 -3.27 -23.82 19.01
CA LYS E 201 -2.63 -23.90 20.33
C LYS E 201 -2.11 -22.50 20.69
N ASN E 202 -0.87 -22.39 21.18
CA ASN E 202 -0.30 -21.08 21.51
C ASN E 202 -1.16 -20.17 22.40
N GLU E 203 -1.85 -20.78 23.37
CA GLU E 203 -2.65 -20.02 24.32
C GLU E 203 -1.77 -19.12 25.19
N ASN E 204 -0.50 -19.47 25.31
CA ASN E 204 0.40 -18.76 26.21
C ASN E 204 1.56 -18.07 25.45
N THR E 205 1.33 -17.80 24.17
CA THR E 205 2.29 -17.16 23.28
C THR E 205 1.55 -16.18 22.37
N ARG E 206 2.16 -15.03 22.08
CA ARG E 206 1.65 -14.14 21.03
C ARG E 206 2.61 -14.20 19.86
N TYR E 207 2.08 -14.37 18.66
CA TYR E 207 2.94 -14.35 17.46
C TYR E 207 2.35 -13.44 16.39
N PHE E 208 3.22 -12.92 15.52
CA PHE E 208 2.86 -11.90 14.54
C PHE E 208 3.71 -12.18 13.31
N GLY E 209 3.05 -12.46 12.19
CA GLY E 209 3.78 -12.85 10.98
C GLY E 209 3.29 -12.17 9.71
N ASN E 210 4.19 -12.01 8.75
CA ASN E 210 3.78 -11.59 7.41
C ASN E 210 4.65 -12.20 6.36
N TYR E 211 4.07 -12.39 5.18
CA TYR E 211 4.75 -12.99 4.05
C TYR E 211 4.51 -12.13 2.83
N THR E 212 5.57 -11.90 2.05
CA THR E 212 5.44 -11.28 0.72
C THR E 212 6.26 -12.11 -0.24
N GLY E 213 5.65 -12.60 -1.31
CA GLY E 213 6.34 -13.51 -2.20
C GLY E 213 6.97 -12.85 -3.41
N GLY E 214 7.10 -13.65 -4.47
CA GLY E 214 7.70 -13.19 -5.72
C GLY E 214 9.18 -13.46 -5.86
N THR E 215 9.71 -13.13 -7.04
CA THR E 215 11.11 -13.42 -7.36
C THR E 215 11.98 -12.17 -7.30
N THR E 216 11.42 -11.01 -7.69
CA THR E 216 12.24 -9.78 -7.73
C THR E 216 11.63 -8.65 -6.90
N THR E 217 10.73 -9.01 -6.00
CA THR E 217 9.99 -8.05 -5.18
C THR E 217 10.94 -7.17 -4.35
N PRO E 218 10.73 -5.83 -4.34
CA PRO E 218 11.58 -4.99 -3.50
CA PRO E 218 11.58 -4.99 -3.50
C PRO E 218 11.37 -5.32 -2.02
N PRO E 219 12.47 -5.50 -1.27
CA PRO E 219 12.29 -5.70 0.18
C PRO E 219 11.91 -4.39 0.85
N VAL E 220 11.04 -4.48 1.85
CA VAL E 220 10.55 -3.32 2.61
CA VAL E 220 10.63 -3.30 2.62
CA VAL E 220 10.59 -3.32 2.61
C VAL E 220 10.78 -3.58 4.10
N LEU E 221 11.21 -2.58 4.85
CA LEU E 221 11.36 -2.74 6.30
C LEU E 221 11.28 -1.39 6.98
N GLN E 222 10.61 -1.36 8.12
CA GLN E 222 10.61 -0.17 8.98
C GLN E 222 11.29 -0.51 10.28
N PHE E 223 11.87 0.50 10.91
CA PHE E 223 12.52 0.30 12.21
C PHE E 223 12.45 1.58 13.02
N THR E 224 12.17 1.45 14.31
CA THR E 224 12.12 2.59 15.21
C THR E 224 12.23 2.08 16.63
N ASN E 225 12.78 2.89 17.52
CA ASN E 225 12.80 2.51 18.94
C ASN E 225 11.60 3.07 19.72
N THR E 226 10.56 3.48 19.01
CA THR E 226 9.40 4.15 19.63
C THR E 226 8.12 3.31 19.64
N LEU E 227 8.20 2.09 19.12
CA LEU E 227 7.03 1.23 18.94
CA LEU E 227 7.02 1.24 18.96
C LEU E 227 7.02 0.08 19.95
N THR E 228 5.95 0.00 20.71
CA THR E 228 5.76 -1.04 21.70
C THR E 228 4.64 -1.97 21.25
N THR E 229 4.89 -3.27 21.29
CA THR E 229 3.88 -4.29 21.01
C THR E 229 3.31 -4.78 22.33
N VAL E 230 2.02 -4.55 22.58
CA VAL E 230 1.36 -5.02 23.79
C VAL E 230 1.11 -6.54 23.69
N LEU E 231 1.37 -7.26 24.77
CA LEU E 231 1.24 -8.73 24.75
C LEU E 231 0.08 -9.24 25.58
N LEU E 232 -0.63 -8.32 26.22
CA LEU E 232 -1.79 -8.66 27.02
C LEU E 232 -2.91 -9.18 26.10
N ASP E 233 -3.64 -10.18 26.58
CA ASP E 233 -4.77 -10.73 25.81
C ASP E 233 -6.01 -9.89 26.05
N GLU E 234 -7.16 -10.34 25.54
CA GLU E 234 -8.43 -9.63 25.70
C GLU E 234 -8.85 -9.42 27.16
N ASN E 235 -8.33 -10.25 28.08
CA ASN E 235 -8.62 -10.13 29.51
C ASN E 235 -7.56 -9.37 30.31
N GLY E 236 -6.58 -8.80 29.59
CA GLY E 236 -5.51 -8.05 30.22
C GLY E 236 -4.38 -8.91 30.78
N VAL E 237 -4.25 -10.14 30.27
CA VAL E 237 -3.25 -11.06 30.80
C VAL E 237 -2.23 -11.38 29.73
N GLY E 238 -0.96 -11.19 30.06
CA GLY E 238 0.13 -11.49 29.13
C GLY E 238 0.56 -12.95 29.25
N PRO E 239 1.48 -13.39 28.36
CA PRO E 239 2.05 -14.74 28.51
C PRO E 239 2.64 -14.96 29.91
N LEU E 240 2.36 -16.11 30.50
CA LEU E 240 2.83 -16.46 31.85
C LEU E 240 3.98 -17.47 31.74
N CYS E 241 5.11 -17.14 32.36
CA CYS E 241 6.36 -17.85 32.09
C CYS E 241 6.52 -19.08 32.96
N LYS E 242 6.31 -20.24 32.36
CA LYS E 242 6.37 -21.50 33.09
C LYS E 242 7.80 -21.83 33.49
N GLY E 243 7.98 -22.16 34.77
CA GLY E 243 9.31 -22.38 35.34
C GLY E 243 10.26 -21.22 35.11
N GLU E 244 9.70 -20.01 35.08
CA GLU E 244 10.48 -18.76 34.89
C GLU E 244 11.27 -18.76 33.59
N GLY E 245 10.73 -19.43 32.56
CA GLY E 245 11.36 -19.43 31.24
C GLY E 245 10.56 -18.56 30.28
N LEU E 246 11.27 -17.70 29.54
CA LEU E 246 10.66 -16.84 28.53
C LEU E 246 11.17 -17.27 27.16
N TYR E 247 10.24 -17.51 26.23
CA TYR E 247 10.60 -18.01 24.90
C TYR E 247 10.47 -16.92 23.84
N LEU E 248 11.55 -16.70 23.11
CA LEU E 248 11.56 -15.78 21.97
C LEU E 248 11.79 -16.57 20.70
N SER E 249 11.00 -16.30 19.67
CA SER E 249 11.12 -17.01 18.40
C SER E 249 10.99 -16.02 17.25
N CYS E 250 11.75 -16.25 16.18
CA CYS E 250 11.58 -15.38 15.02
C CYS E 250 12.22 -15.95 13.75
N VAL E 251 11.87 -15.32 12.64
CA VAL E 251 12.55 -15.51 11.36
C VAL E 251 12.36 -14.23 10.58
N ASP E 252 13.44 -13.77 9.94
CA ASP E 252 13.38 -12.51 9.20
C ASP E 252 14.15 -12.60 7.90
N ILE E 253 13.46 -13.09 6.88
CA ILE E 253 14.03 -13.26 5.55
C ILE E 253 13.76 -12.03 4.68
N MET E 254 14.84 -11.50 4.08
CA MET E 254 14.77 -10.28 3.27
C MET E 254 14.68 -10.52 1.78
N GLY E 255 14.95 -11.76 1.35
CA GLY E 255 14.98 -12.13 -0.07
C GLY E 255 16.24 -12.92 -0.36
N TRP E 256 16.70 -12.84 -1.62
CA TRP E 256 17.92 -13.53 -2.06
C TRP E 256 18.88 -12.58 -2.74
N ARG E 257 20.18 -12.90 -2.62
CA ARG E 257 21.16 -12.39 -3.58
CA ARG E 257 21.15 -12.39 -3.57
C ARG E 257 21.33 -13.44 -4.67
N VAL E 258 21.76 -13.00 -5.85
CA VAL E 258 21.89 -13.90 -7.00
C VAL E 258 23.32 -13.75 -7.53
N THR E 259 24.01 -14.87 -7.71
CA THR E 259 25.40 -14.84 -8.15
C THR E 259 25.52 -14.70 -9.66
N ARG E 260 26.75 -14.54 -10.12
CA ARG E 260 27.05 -14.45 -11.56
C ARG E 260 27.13 -15.81 -12.24
N ASN E 261 26.97 -16.89 -11.48
CA ASN E 261 27.09 -18.23 -12.03
CA ASN E 261 27.11 -18.24 -12.02
C ASN E 261 25.80 -19.01 -11.90
N TYR E 262 25.14 -19.24 -13.03
CA TYR E 262 23.89 -20.01 -13.07
C TYR E 262 22.82 -19.45 -12.14
N ASP E 263 22.83 -18.13 -11.94
CA ASP E 263 21.83 -17.46 -11.11
C ASP E 263 21.65 -18.15 -9.75
N VAL E 264 22.75 -18.60 -9.12
CA VAL E 264 22.60 -19.25 -7.81
C VAL E 264 22.03 -18.24 -6.79
N HIS E 265 20.97 -18.64 -6.10
CA HIS E 265 20.34 -17.78 -5.10
C HIS E 265 20.78 -18.16 -3.69
N HIS E 266 21.03 -17.14 -2.87
CA HIS E 266 21.30 -17.32 -1.44
C HIS E 266 20.30 -16.49 -0.63
N TRP E 267 19.57 -17.14 0.27
CA TRP E 267 18.70 -16.40 1.19
C TRP E 267 19.50 -15.42 2.05
N ARG E 268 18.91 -14.26 2.34
CA ARG E 268 19.46 -13.28 3.30
C ARG E 268 18.50 -13.13 4.47
N GLY E 269 19.04 -13.26 5.69
CA GLY E 269 18.28 -13.03 6.93
C GLY E 269 18.94 -11.92 7.73
N LEU E 270 18.15 -11.30 8.61
CA LEU E 270 18.68 -10.25 9.48
C LEU E 270 18.33 -10.55 10.94
N PRO E 271 19.17 -10.06 11.88
CA PRO E 271 18.92 -10.33 13.31
C PRO E 271 17.76 -9.52 13.84
N ARG E 272 17.13 -10.03 14.90
CA ARG E 272 16.03 -9.32 15.55
C ARG E 272 16.33 -9.08 17.02
N TYR E 273 16.13 -7.82 17.43
CA TYR E 273 16.23 -7.39 18.81
C TYR E 273 14.89 -7.52 19.52
N PHE E 274 14.92 -7.92 20.79
CA PHE E 274 13.74 -7.94 21.67
C PHE E 274 14.06 -7.25 22.98
N LYS E 275 13.17 -6.37 23.45
CA LYS E 275 13.25 -5.89 24.82
C LYS E 275 11.88 -6.11 25.43
N ILE E 276 11.81 -7.05 26.37
CA ILE E 276 10.55 -7.51 26.95
C ILE E 276 10.38 -6.92 28.35
N THR E 277 9.20 -6.33 28.60
CA THR E 277 8.85 -5.88 29.93
C THR E 277 7.99 -6.93 30.60
N LEU E 278 8.41 -7.35 31.79
CA LEU E 278 7.64 -8.35 32.55
C LEU E 278 7.31 -7.85 33.95
N ARG E 279 6.20 -8.36 34.48
CA ARG E 279 5.77 -8.02 35.83
C ARG E 279 5.38 -9.29 36.57
N LYS E 280 5.53 -9.29 37.88
CA LYS E 280 5.12 -10.44 38.66
C LYS E 280 3.60 -10.47 38.85
N ARG E 281 3.02 -11.66 38.72
CA ARG E 281 1.58 -11.85 38.85
C ARG E 281 1.30 -12.95 39.86
N TRP E 282 0.35 -12.69 40.76
CA TRP E 282 -0.13 -13.70 41.70
C TRP E 282 -1.00 -14.71 40.95
N VAL E 283 -0.81 -15.99 41.24
CA VAL E 283 -1.55 -17.09 40.59
C VAL E 283 -1.92 -18.16 41.61
N LYS E 284 -2.95 -18.94 41.29
CA LYS E 284 -3.38 -20.04 42.14
C LYS E 284 -3.71 -21.28 41.31
#